data_2J0G
#
_entry.id   2J0G
#
_cell.length_a   96.940
_cell.length_b   96.940
_cell.length_c   139.470
_cell.angle_alpha   90.00
_cell.angle_beta   90.00
_cell.angle_gamma   120.00
#
_symmetry.space_group_name_H-M   'P 32'
#
loop_
_entity.id
_entity.type
_entity.pdbx_description
1 polymer FICOLIN-2
2 branched alpha-D-mannopyranose-(1-6)-alpha-D-mannopyranose-(1-4)-2-acetamido-2-deoxy-beta-D-glucopyranose-(1-4)-[alpha-L-fucopyranose-(1-6)]2-acetamido-2-deoxy-beta-D-glucopyranose
3 branched alpha-D-mannopyranose-(1-4)-2-acetamido-2-deoxy-beta-D-glucopyranose-(1-4)-[alpha-L-fucopyranose-(1-6)]2-acetamido-2-deoxy-beta-D-glucopyranose
4 non-polymer 'CALCIUM ION'
5 non-polymer 2-acetamido-2-deoxy-alpha-D-mannopyranose
6 non-polymer alpha-D-mannopyranose
7 water water
#
_entity_poly.entity_id   1
_entity_poly.type   'polypeptide(L)'
_entity_poly.pdbx_seq_one_letter_code
;NPCLTGPRTCKDLLDRGHFLSGWHTIYLPDCRPLTVLCDMDTDGGGWTVFQRRVDGSVDFYRDWATYKQGFGSRLGEFWL
GNDNIHALTAQGTSELRTDLVDFEDNYQFAKYRSFKVADEAEKYNLVLGAFVEGSAGDSLTFHNNQSFSTKDQDNDLNTG
NCAVMFQGAWWYKNCHTSNLNGRYLRGTHGSFANGINWKSGKGYNYSYKVSEMKVRPA
;
_entity_poly.pdbx_strand_id   A,B,C,D,E,F
#
loop_
_chem_comp.id
_chem_comp.type
_chem_comp.name
_chem_comp.formula
BM3 D-saccharide, alpha linking 2-acetamido-2-deoxy-alpha-D-mannopyranose 'C8 H15 N O6'
CA non-polymer 'CALCIUM ION' 'Ca 2'
FUC L-saccharide, alpha linking alpha-L-fucopyranose 'C6 H12 O5'
MAN D-saccharide, alpha linking alpha-D-mannopyranose 'C6 H12 O6'
NAG D-saccharide, beta linking 2-acetamido-2-deoxy-beta-D-glucopyranose 'C8 H15 N O6'
#
# COMPACT_ATOMS: atom_id res chain seq x y z
N GLY A 6 -24.54 -20.56 25.47
CA GLY A 6 -23.82 -19.34 24.98
C GLY A 6 -24.73 -18.28 24.39
N PRO A 7 -24.31 -16.99 24.46
CA PRO A 7 -25.10 -15.79 24.18
C PRO A 7 -25.05 -15.25 22.73
N ARG A 8 -26.16 -14.68 22.26
CA ARG A 8 -26.22 -14.21 20.86
C ARG A 8 -26.30 -12.66 20.69
N THR A 9 -26.48 -11.91 21.78
CA THR A 9 -26.60 -10.44 21.69
C THR A 9 -26.14 -9.80 22.97
N CYS A 10 -25.87 -8.51 22.91
CA CYS A 10 -25.58 -7.78 24.15
C CYS A 10 -26.79 -7.83 25.09
N LYS A 11 -27.99 -7.89 24.53
CA LYS A 11 -29.20 -8.12 25.32
C LYS A 11 -29.12 -9.39 26.19
N ASP A 12 -28.68 -10.50 25.61
CA ASP A 12 -28.57 -11.76 26.36
C ASP A 12 -27.62 -11.59 27.52
N LEU A 13 -26.45 -11.03 27.23
CA LEU A 13 -25.42 -10.83 28.24
C LEU A 13 -25.94 -10.02 29.42
N LEU A 14 -26.73 -8.98 29.14
CA LEU A 14 -27.36 -8.20 30.20
C LEU A 14 -28.31 -9.08 31.01
N ASP A 15 -29.12 -9.88 30.32
CA ASP A 15 -30.00 -10.83 31.00
C ASP A 15 -29.27 -11.83 31.88
N ARG A 16 -28.09 -12.28 31.45
CA ARG A 16 -27.33 -13.18 32.30
C ARG A 16 -26.50 -12.46 33.35
N GLY A 17 -26.57 -11.12 33.44
CA GLY A 17 -25.97 -10.44 34.58
C GLY A 17 -24.62 -9.75 34.38
N HIS A 18 -24.28 -9.43 33.14
CA HIS A 18 -23.14 -8.56 32.88
C HIS A 18 -23.62 -7.13 32.85
N PHE A 19 -23.46 -6.42 33.97
CA PHE A 19 -24.03 -5.08 34.08
C PHE A 19 -23.12 -3.95 33.62
N LEU A 20 -21.86 -4.29 33.33
CA LEU A 20 -20.84 -3.32 32.96
C LEU A 20 -20.62 -3.25 31.46
N SER A 21 -20.77 -2.07 30.87
CA SER A 21 -20.45 -1.86 29.46
C SER A 21 -19.04 -2.35 29.16
N GLY A 22 -18.83 -2.92 27.98
CA GLY A 22 -17.49 -3.39 27.62
C GLY A 22 -17.48 -4.35 26.44
N TRP A 23 -16.30 -4.90 26.14
CA TRP A 23 -16.17 -5.80 25.02
C TRP A 23 -16.41 -7.25 25.41
N HIS A 24 -17.53 -7.81 24.98
CA HIS A 24 -17.85 -9.23 25.22
C HIS A 24 -17.92 -9.94 23.89
N THR A 25 -17.62 -11.24 23.89
CA THR A 25 -17.81 -12.00 22.67
C THR A 25 -19.23 -12.60 22.62
N ILE A 26 -19.87 -12.52 21.46
CA ILE A 26 -21.19 -13.07 21.25
C ILE A 26 -21.16 -14.01 20.07
N TYR A 27 -22.33 -14.58 19.78
CA TYR A 27 -22.52 -15.58 18.71
C TYR A 27 -23.56 -15.21 17.66
N LEU A 28 -23.08 -14.95 16.44
CA LEU A 28 -23.92 -14.65 15.30
C LEU A 28 -24.73 -15.87 14.87
N PRO A 29 -25.92 -15.64 14.26
CA PRO A 29 -26.85 -16.74 13.94
C PRO A 29 -26.29 -17.72 12.90
N ASP A 30 -25.19 -17.34 12.23
CA ASP A 30 -24.46 -18.25 11.35
C ASP A 30 -23.42 -19.04 12.18
N CYS A 31 -22.97 -18.40 13.26
CA CYS A 31 -22.19 -19.01 14.33
C CYS A 31 -20.75 -18.55 14.52
N ARG A 32 -20.26 -17.71 13.61
CA ARG A 32 -18.97 -17.07 13.83
C ARG A 32 -19.10 -16.24 15.11
N PRO A 33 -18.15 -16.41 16.06
CA PRO A 33 -18.15 -15.60 17.26
C PRO A 33 -17.64 -14.19 16.98
N LEU A 34 -18.21 -13.17 17.61
CA LEU A 34 -17.79 -11.79 17.38
C LEU A 34 -17.68 -11.03 18.70
N THR A 35 -16.48 -10.54 18.97
CA THR A 35 -16.24 -9.73 20.14
C THR A 35 -16.74 -8.32 19.83
N VAL A 36 -17.80 -7.90 20.54
CA VAL A 36 -18.49 -6.63 20.31
C VAL A 36 -18.49 -5.76 21.56
N LEU A 37 -18.75 -4.47 21.38
CA LEU A 37 -18.87 -3.55 22.52
C LEU A 37 -20.33 -3.50 22.95
N CYS A 38 -20.59 -3.77 24.22
CA CYS A 38 -21.96 -3.74 24.75
C CYS A 38 -22.19 -2.52 25.61
N ASP A 39 -23.13 -1.67 25.23
CA ASP A 39 -23.52 -0.54 26.07
C ASP A 39 -24.62 -1.04 27.01
N MET A 40 -24.24 -1.31 28.26
CA MET A 40 -25.17 -1.84 29.27
C MET A 40 -25.85 -0.73 30.05
N ASP A 41 -25.52 0.52 29.74
CA ASP A 41 -26.03 1.65 30.51
C ASP A 41 -27.18 2.43 29.89
N THR A 42 -27.08 2.76 28.60
CA THR A 42 -28.06 3.65 27.96
C THR A 42 -29.45 3.05 27.76
N ASP A 43 -30.48 3.83 28.11
CA ASP A 43 -31.87 3.53 27.74
C ASP A 43 -32.23 2.09 28.03
N GLY A 44 -32.02 1.64 29.26
CA GLY A 44 -32.34 0.27 29.62
C GLY A 44 -31.18 -0.71 29.43
N GLY A 45 -30.24 -0.35 28.55
CA GLY A 45 -29.04 -1.18 28.31
C GLY A 45 -29.27 -2.38 27.42
N GLY A 46 -28.18 -3.00 26.96
CA GLY A 46 -28.26 -4.21 26.14
C GLY A 46 -28.03 -3.98 24.65
N TRP A 47 -27.35 -2.88 24.34
CA TRP A 47 -27.10 -2.45 22.96
C TRP A 47 -25.73 -2.90 22.45
N THR A 48 -25.69 -3.35 21.21
CA THR A 48 -24.44 -3.67 20.58
C THR A 48 -24.02 -2.46 19.80
N VAL A 49 -22.81 -1.97 20.04
CA VAL A 49 -22.36 -0.75 19.40
C VAL A 49 -21.59 -1.10 18.15
N PHE A 50 -22.01 -0.57 17.00
CA PHE A 50 -21.31 -0.86 15.76
C PHE A 50 -20.51 0.33 15.24
N GLN A 51 -20.70 1.49 15.87
CA GLN A 51 -19.97 2.71 15.49
C GLN A 51 -19.70 3.57 16.71
N ARG A 52 -18.44 3.95 16.90
CA ARG A 52 -18.06 4.90 17.97
C ARG A 52 -17.04 5.95 17.54
N ARG A 53 -17.36 7.22 17.76
CA ARG A 53 -16.41 8.32 17.57
C ARG A 53 -16.29 9.03 18.91
N VAL A 54 -15.08 9.44 19.29
CA VAL A 54 -14.88 9.95 20.65
C VAL A 54 -13.79 11.00 20.83
N ASP A 55 -12.82 11.05 19.92
CA ASP A 55 -11.62 11.86 20.15
C ASP A 55 -10.87 12.21 18.87
N GLY A 56 -11.30 11.62 17.76
CA GLY A 56 -10.68 11.90 16.45
C GLY A 56 -9.39 11.15 16.20
N SER A 57 -9.12 10.13 17.01
CA SER A 57 -7.88 9.37 16.91
C SER A 57 -7.80 8.47 15.67
N VAL A 58 -8.95 8.06 15.11
CA VAL A 58 -8.96 7.08 14.02
C VAL A 58 -9.45 7.64 12.69
N ASP A 59 -8.73 7.34 11.61
CA ASP A 59 -9.11 7.81 10.28
C ASP A 59 -10.34 7.06 9.76
N PHE A 60 -11.40 7.80 9.44
CA PHE A 60 -12.66 7.21 8.99
C PHE A 60 -12.91 7.43 7.51
N TYR A 61 -12.04 8.19 6.87
CA TYR A 61 -12.16 8.40 5.43
C TYR A 61 -11.50 7.23 4.70
N ARG A 62 -12.20 6.10 4.69
CA ARG A 62 -11.61 4.82 4.27
C ARG A 62 -12.28 4.16 3.07
N ASP A 63 -11.61 3.18 2.48
CA ASP A 63 -12.13 2.51 1.28
C ASP A 63 -13.12 1.36 1.55
N TRP A 64 -13.73 0.87 0.48
CA TRP A 64 -14.70 -0.23 0.54
C TRP A 64 -14.25 -1.47 1.34
N ALA A 65 -13.06 -2.00 1.03
CA ALA A 65 -12.57 -3.19 1.70
C ALA A 65 -12.50 -2.95 3.21
N THR A 66 -12.15 -1.73 3.59
CA THR A 66 -11.95 -1.39 4.97
C THR A 66 -13.29 -1.28 5.68
N TYR A 67 -14.25 -0.60 5.05
CA TYR A 67 -15.60 -0.51 5.63
C TYR A 67 -16.28 -1.88 5.66
N LYS A 68 -15.86 -2.74 4.75
CA LYS A 68 -16.44 -4.08 4.66
C LYS A 68 -16.05 -4.89 5.89
N GLN A 69 -14.76 -4.88 6.21
CA GLN A 69 -14.23 -5.77 7.25
C GLN A 69 -14.18 -5.16 8.65
N GLY A 70 -14.25 -3.84 8.73
CA GLY A 70 -14.21 -3.13 10.01
C GLY A 70 -12.85 -2.53 10.26
N PHE A 71 -12.76 -1.57 11.18
CA PHE A 71 -11.50 -0.90 11.44
C PHE A 71 -11.56 -0.05 12.71
N GLY A 72 -10.38 0.28 13.25
CA GLY A 72 -10.32 1.08 14.47
C GLY A 72 -9.81 0.24 15.61
N SER A 73 -10.15 0.65 16.83
CA SER A 73 -9.55 0.05 18.03
C SER A 73 -10.57 -0.14 19.15
N ARG A 74 -10.54 -1.31 19.77
CA ARG A 74 -11.41 -1.56 20.92
C ARG A 74 -11.16 -0.54 22.01
N LEU A 75 -9.96 0.04 22.02
CA LEU A 75 -9.65 1.06 23.02
C LEU A 75 -10.28 2.41 22.68
N GLY A 76 -10.82 2.55 21.48
CA GLY A 76 -11.27 3.87 21.03
C GLY A 76 -12.39 3.95 20.02
N GLU A 77 -12.10 4.57 18.88
CA GLU A 77 -13.09 4.74 17.83
C GLU A 77 -13.06 3.50 16.94
N PHE A 78 -14.18 3.21 16.28
CA PHE A 78 -14.21 2.07 15.37
C PHE A 78 -15.52 1.97 14.59
N TRP A 79 -15.44 1.26 13.47
CA TRP A 79 -16.60 0.81 12.72
C TRP A 79 -16.56 -0.72 12.72
N LEU A 80 -17.64 -1.35 13.17
CA LEU A 80 -17.63 -2.81 13.37
C LEU A 80 -17.46 -3.58 12.07
N GLY A 81 -17.74 -2.95 10.94
CA GLY A 81 -17.60 -3.60 9.64
C GLY A 81 -18.93 -3.99 9.04
N ASN A 82 -19.09 -3.78 7.74
CA ASN A 82 -20.40 -3.94 7.14
C ASN A 82 -20.86 -5.40 7.12
N ASP A 83 -19.94 -6.34 6.94
CA ASP A 83 -20.35 -7.75 6.99
C ASP A 83 -20.92 -8.10 8.34
N ASN A 84 -20.24 -7.67 9.40
CA ASN A 84 -20.74 -7.89 10.75
C ASN A 84 -22.05 -7.18 11.05
N ILE A 85 -22.19 -5.96 10.57
CA ILE A 85 -23.41 -5.21 10.84
C ILE A 85 -24.57 -5.89 10.15
N HIS A 86 -24.29 -6.51 9.00
CA HIS A 86 -25.32 -7.26 8.32
C HIS A 86 -25.60 -8.55 9.07
N ALA A 87 -24.53 -9.31 9.36
CA ALA A 87 -24.69 -10.53 10.13
C ALA A 87 -25.60 -10.27 11.33
N LEU A 88 -25.45 -9.09 11.89
CA LEU A 88 -25.95 -8.76 13.20
C LEU A 88 -27.39 -8.27 13.16
N THR A 89 -27.82 -7.76 12.01
CA THR A 89 -29.16 -7.14 11.93
C THR A 89 -30.09 -7.83 10.96
N ALA A 90 -29.59 -8.82 10.24
CA ALA A 90 -30.35 -9.53 9.21
C ALA A 90 -31.51 -10.34 9.77
N GLN A 91 -31.17 -11.30 10.63
CA GLN A 91 -32.16 -12.26 11.12
C GLN A 91 -32.88 -11.76 12.38
N GLY A 92 -34.22 -11.71 12.32
CA GLY A 92 -35.03 -11.07 13.35
C GLY A 92 -34.95 -9.55 13.19
N THR A 93 -35.72 -8.80 13.98
CA THR A 93 -35.69 -7.35 13.80
C THR A 93 -34.99 -6.55 14.94
N SER A 94 -33.96 -5.79 14.56
CA SER A 94 -33.18 -4.96 15.48
C SER A 94 -33.62 -3.51 15.42
N GLU A 95 -33.57 -2.82 16.55
CA GLU A 95 -33.96 -1.41 16.57
C GLU A 95 -32.74 -0.52 16.68
N LEU A 96 -32.67 0.49 15.83
CA LEU A 96 -31.54 1.39 15.82
C LEU A 96 -31.63 2.42 16.96
N ARG A 97 -30.49 3.02 17.31
CA ARG A 97 -30.46 4.13 18.26
C ARG A 97 -29.10 4.82 18.27
N THR A 98 -29.12 6.14 18.10
CA THR A 98 -27.94 6.98 17.92
C THR A 98 -27.81 7.94 19.09
N ASP A 99 -26.66 7.95 19.74
CA ASP A 99 -26.43 8.90 20.81
C ASP A 99 -25.39 9.88 20.33
N LEU A 100 -25.65 11.16 20.57
CA LEU A 100 -24.85 12.25 20.07
C LEU A 100 -24.52 13.21 21.20
N VAL A 101 -23.25 13.59 21.30
CA VAL A 101 -22.84 14.54 22.32
C VAL A 101 -22.05 15.72 21.71
N ASP A 102 -22.53 16.93 21.90
CA ASP A 102 -21.79 18.07 21.39
C ASP A 102 -20.70 18.53 22.36
N PHE A 103 -19.91 19.53 21.96
CA PHE A 103 -18.72 19.88 22.72
C PHE A 103 -19.08 20.63 23.98
N GLU A 104 -20.29 21.19 24.01
CA GLU A 104 -20.89 21.79 25.23
C GLU A 104 -21.69 20.75 26.04
N ASP A 105 -21.33 19.47 25.86
CA ASP A 105 -21.94 18.32 26.57
C ASP A 105 -23.47 18.20 26.57
N ASN A 106 -24.10 18.56 25.44
CA ASN A 106 -25.54 18.39 25.26
C ASN A 106 -25.86 17.03 24.65
N TYR A 107 -26.52 16.17 25.42
CA TYR A 107 -26.85 14.80 25.00
C TYR A 107 -28.03 14.84 24.05
N GLN A 108 -27.99 13.99 23.01
CA GLN A 108 -29.06 13.92 22.01
C GLN A 108 -29.19 12.53 21.41
N PHE A 109 -30.35 12.24 20.81
CA PHE A 109 -30.57 10.95 20.16
C PHE A 109 -31.69 10.98 19.11
N ALA A 110 -31.69 9.95 18.26
CA ALA A 110 -32.83 9.59 17.42
C ALA A 110 -32.89 8.06 17.54
N LYS A 111 -34.09 7.49 17.41
CA LYS A 111 -34.29 6.07 17.67
C LYS A 111 -35.31 5.52 16.72
N TYR A 112 -34.99 4.38 16.12
CA TYR A 112 -35.82 3.78 15.04
C TYR A 112 -36.35 2.36 15.36
N ARG A 113 -37.62 2.14 15.02
CA ARG A 113 -38.26 0.85 15.24
C ARG A 113 -37.40 -0.32 14.79
N SER A 114 -36.84 -0.23 13.59
CA SER A 114 -36.10 -1.34 12.99
C SER A 114 -34.96 -0.80 12.14
N PHE A 115 -33.93 -1.62 11.96
CA PHE A 115 -32.74 -1.19 11.24
C PHE A 115 -32.05 -2.44 10.72
N LYS A 116 -31.82 -2.47 9.42
CA LYS A 116 -31.25 -3.65 8.77
C LYS A 116 -30.33 -3.20 7.65
N VAL A 117 -29.16 -3.83 7.50
CA VAL A 117 -28.42 -3.60 6.28
C VAL A 117 -28.31 -4.90 5.50
N ALA A 118 -28.58 -4.81 4.19
CA ALA A 118 -28.49 -5.97 3.32
C ALA A 118 -27.03 -6.41 3.20
N ASP A 119 -26.77 -7.48 2.44
CA ASP A 119 -25.40 -7.95 2.27
C ASP A 119 -24.71 -7.20 1.15
N GLU A 120 -23.43 -7.55 0.94
CA GLU A 120 -22.61 -6.89 -0.08
C GLU A 120 -23.22 -6.96 -1.48
N ALA A 121 -23.84 -8.08 -1.81
CA ALA A 121 -24.48 -8.18 -3.11
C ALA A 121 -25.41 -6.98 -3.32
N GLU A 122 -26.15 -6.59 -2.28
CA GLU A 122 -27.08 -5.46 -2.36
C GLU A 122 -26.48 -4.16 -1.83
N LYS A 123 -25.14 -4.14 -1.79
CA LYS A 123 -24.38 -2.94 -1.45
C LYS A 123 -24.63 -2.42 -0.02
N TYR A 124 -24.79 -3.34 0.94
CA TYR A 124 -25.10 -2.99 2.34
C TYR A 124 -26.18 -1.91 2.44
N ASN A 125 -27.18 -2.05 1.57
CA ASN A 125 -28.30 -1.12 1.42
C ASN A 125 -29.00 -0.90 2.76
N LEU A 126 -29.47 0.33 3.00
CA LEU A 126 -30.15 0.64 4.27
C LEU A 126 -31.67 0.37 4.25
N VAL A 127 -32.12 -0.45 5.19
CA VAL A 127 -33.53 -0.74 5.34
C VAL A 127 -33.97 -0.32 6.75
N LEU A 128 -34.65 0.82 6.82
CA LEU A 128 -34.96 1.49 8.09
C LEU A 128 -36.46 1.62 8.32
N GLY A 129 -36.87 1.49 9.59
CA GLY A 129 -38.24 1.69 10.03
C GLY A 129 -38.50 3.10 10.55
N ALA A 130 -39.77 3.38 10.80
CA ALA A 130 -40.20 4.70 11.30
C ALA A 130 -39.39 5.21 12.52
N PHE A 131 -39.23 6.53 12.57
CA PHE A 131 -38.69 7.27 13.70
C PHE A 131 -39.55 6.99 14.95
N VAL A 132 -38.95 6.50 16.03
CA VAL A 132 -39.72 6.34 17.27
C VAL A 132 -39.75 7.69 17.98
N GLU A 133 -38.59 8.17 18.45
CA GLU A 133 -38.51 9.51 19.02
C GLU A 133 -37.08 10.01 18.93
N GLY A 134 -36.87 11.28 19.26
CA GLY A 134 -35.49 11.76 19.40
C GLY A 134 -35.23 13.26 19.35
N SER A 135 -34.59 13.77 20.40
CA SER A 135 -34.17 15.18 20.49
C SER A 135 -33.21 15.59 19.35
N ALA A 136 -32.58 14.61 18.71
CA ALA A 136 -31.72 14.92 17.57
C ALA A 136 -32.52 15.08 16.26
N GLY A 137 -33.82 14.80 16.34
CA GLY A 137 -34.67 14.81 15.16
C GLY A 137 -34.40 13.62 14.24
N ASP A 138 -35.15 13.55 13.16
CA ASP A 138 -34.93 12.50 12.17
C ASP A 138 -34.01 12.89 11.01
N SER A 139 -32.71 12.61 11.11
CA SER A 139 -31.85 12.89 9.97
C SER A 139 -31.28 11.62 9.33
N LEU A 140 -32.10 10.59 9.22
CA LEU A 140 -31.67 9.32 8.63
C LEU A 140 -32.67 8.65 7.67
N THR A 141 -33.98 8.84 7.92
CA THR A 141 -35.00 8.24 7.08
C THR A 141 -34.81 8.67 5.64
N PHE A 142 -34.35 9.92 5.46
CA PHE A 142 -33.98 10.47 4.15
C PHE A 142 -33.06 9.54 3.31
N HIS A 143 -32.16 8.83 3.99
CA HIS A 143 -31.14 7.97 3.37
C HIS A 143 -31.59 6.52 3.20
N ASN A 144 -32.82 6.23 3.62
CA ASN A 144 -33.36 4.86 3.56
C ASN A 144 -33.41 4.35 2.10
N ASN A 145 -33.26 3.04 1.91
CA ASN A 145 -33.34 2.43 0.58
C ASN A 145 -32.24 2.92 -0.39
N GLN A 146 -31.09 3.28 0.18
CA GLN A 146 -29.95 3.73 -0.60
C GLN A 146 -28.72 2.86 -0.34
N SER A 147 -27.85 2.74 -1.34
CA SER A 147 -26.66 1.88 -1.20
C SER A 147 -25.59 2.58 -0.35
N PHE A 148 -24.67 1.80 0.20
CA PHE A 148 -23.49 2.39 0.84
C PHE A 148 -22.49 2.84 -0.21
N SER A 149 -21.73 3.89 0.12
CA SER A 149 -20.70 4.47 -0.74
C SER A 149 -19.46 4.80 0.09
N THR A 150 -18.30 4.38 -0.42
CA THR A 150 -17.03 4.80 0.13
C THR A 150 -16.49 5.82 -0.86
N LYS A 151 -15.32 6.41 -0.61
CA LYS A 151 -14.74 7.32 -1.60
C LYS A 151 -14.40 6.56 -2.88
N ASP A 152 -13.85 5.37 -2.71
CA ASP A 152 -13.40 4.56 -3.84
C ASP A 152 -14.53 3.75 -4.47
N GLN A 153 -15.77 3.98 -4.02
CA GLN A 153 -16.91 3.28 -4.60
C GLN A 153 -18.20 4.13 -4.58
N ASP A 154 -18.79 4.31 -5.65
CA ASP A 154 -19.83 5.31 -5.84
C ASP A 154 -21.17 4.66 -6.19
N ASN A 155 -21.90 4.71 -5.31
CA ASN A 155 -23.25 4.17 -5.53
C ASN A 155 -24.28 5.24 -5.24
N ASP A 156 -23.77 6.45 -4.98
CA ASP A 156 -24.61 7.62 -4.69
C ASP A 156 -25.35 8.16 -5.95
N LEU A 157 -26.53 8.74 -5.72
CA LEU A 157 -27.42 9.20 -6.78
C LEU A 157 -27.16 10.67 -7.16
N ASN A 158 -25.89 11.05 -7.12
CA ASN A 158 -25.41 12.36 -7.54
C ASN A 158 -24.16 12.14 -8.41
N THR A 159 -24.14 12.78 -9.58
CA THR A 159 -23.13 12.56 -10.62
C THR A 159 -21.71 12.98 -10.22
N GLY A 160 -21.60 13.78 -9.16
CA GLY A 160 -20.31 14.01 -8.51
C GLY A 160 -20.01 12.83 -7.58
N ASN A 161 -19.17 13.03 -6.58
CA ASN A 161 -18.90 11.96 -5.63
C ASN A 161 -19.08 12.36 -4.16
N CYS A 162 -20.31 12.30 -3.67
CA CYS A 162 -20.62 12.71 -2.29
C CYS A 162 -19.51 12.34 -1.30
N ALA A 163 -19.11 11.08 -1.30
CA ALA A 163 -18.13 10.60 -0.34
C ALA A 163 -16.90 11.49 -0.29
N VAL A 164 -16.45 11.98 -1.45
CA VAL A 164 -15.22 12.77 -1.52
C VAL A 164 -15.48 14.27 -1.27
N MET A 165 -16.72 14.69 -1.46
CA MET A 165 -17.11 16.09 -1.27
C MET A 165 -17.27 16.32 0.23
N PHE A 166 -17.56 15.24 0.93
CA PHE A 166 -17.91 15.30 2.35
C PHE A 166 -17.03 14.34 3.18
N GLN A 167 -16.10 13.71 2.49
CA GLN A 167 -15.07 12.89 3.11
C GLN A 167 -15.64 12.09 4.26
N GLY A 168 -16.44 11.09 3.92
CA GLY A 168 -16.99 10.19 4.90
C GLY A 168 -17.35 8.88 4.24
N ALA A 169 -18.26 8.14 4.86
CA ALA A 169 -18.87 6.95 4.24
C ALA A 169 -20.30 6.82 4.76
N TRP A 170 -21.23 6.55 3.87
CA TRP A 170 -22.63 6.63 4.24
C TRP A 170 -23.47 6.16 3.04
N TRP A 171 -24.71 5.75 3.31
CA TRP A 171 -25.68 5.44 2.24
C TRP A 171 -26.04 6.72 1.48
N TYR A 172 -25.00 7.46 1.07
CA TYR A 172 -25.13 8.77 0.47
C TYR A 172 -26.08 8.75 -0.71
N LYS A 173 -26.88 9.80 -0.81
CA LYS A 173 -27.93 9.87 -1.81
C LYS A 173 -27.65 11.01 -2.80
N ASN A 174 -27.90 12.25 -2.37
CA ASN A 174 -27.76 13.42 -3.24
C ASN A 174 -27.78 14.77 -2.47
N CYS A 175 -27.07 14.87 -1.35
CA CYS A 175 -26.26 13.77 -0.81
C CYS A 175 -26.63 13.33 0.61
N HIS A 176 -26.42 14.19 1.60
CA HIS A 176 -26.68 13.72 2.96
C HIS A 176 -27.47 14.68 3.84
N THR A 177 -28.11 14.12 4.86
CA THR A 177 -28.63 14.90 5.99
C THR A 177 -28.07 14.39 7.32
N SER A 178 -27.24 13.34 7.26
CA SER A 178 -26.39 12.90 8.38
C SER A 178 -25.10 12.32 7.81
N ASN A 179 -24.00 12.47 8.54
CA ASN A 179 -22.70 12.11 7.99
C ASN A 179 -21.80 11.63 9.11
N LEU A 180 -22.30 10.67 9.87
CA LEU A 180 -21.67 10.31 11.13
C LEU A 180 -20.28 9.71 10.97
N ASN A 181 -19.92 9.32 9.74
CA ASN A 181 -18.56 8.84 9.48
C ASN A 181 -17.66 9.92 8.86
N GLY A 182 -18.06 11.19 8.99
CA GLY A 182 -17.28 12.30 8.45
C GLY A 182 -16.05 12.63 9.27
N ARG A 183 -15.39 13.75 8.95
CA ARG A 183 -14.14 14.08 9.63
C ARG A 183 -14.37 14.62 11.02
N TYR A 184 -13.48 14.24 11.94
CA TYR A 184 -13.61 14.71 13.31
C TYR A 184 -13.17 16.17 13.40
N LEU A 185 -14.07 17.10 13.09
CA LEU A 185 -13.71 18.52 13.01
C LEU A 185 -13.77 19.34 14.32
N ARG A 186 -14.31 18.76 15.40
CA ARG A 186 -14.21 19.40 16.72
C ARG A 186 -15.12 20.62 16.96
N GLY A 187 -16.44 20.46 16.78
CA GLY A 187 -17.34 21.58 17.01
C GLY A 187 -17.70 22.33 15.74
N THR A 188 -17.73 23.66 15.81
CA THR A 188 -18.14 24.47 14.67
C THR A 188 -17.02 24.52 13.64
N HIS A 189 -17.39 24.27 12.38
CA HIS A 189 -16.45 24.31 11.27
C HIS A 189 -17.02 25.09 10.09
N GLY A 190 -16.15 25.83 9.41
CA GLY A 190 -16.55 26.57 8.22
C GLY A 190 -16.96 25.65 7.08
N SER A 191 -16.10 24.68 6.76
CA SER A 191 -16.36 23.72 5.70
C SER A 191 -17.78 23.14 5.78
N PHE A 192 -18.36 22.86 4.62
CA PHE A 192 -19.77 22.48 4.53
C PHE A 192 -20.03 20.98 4.63
N ALA A 193 -20.72 20.59 5.70
CA ALA A 193 -21.32 19.26 5.80
C ALA A 193 -20.34 18.08 5.67
N ASN A 194 -19.05 18.31 5.91
CA ASN A 194 -18.08 17.23 5.89
C ASN A 194 -17.59 16.80 7.28
N GLY A 195 -18.39 17.09 8.30
CA GLY A 195 -18.04 16.68 9.66
C GLY A 195 -18.93 15.55 10.14
N ILE A 196 -18.79 15.22 11.43
CA ILE A 196 -19.72 14.31 12.09
C ILE A 196 -21.01 15.09 12.30
N ASN A 197 -21.83 15.15 11.26
CA ASN A 197 -22.98 16.04 11.23
C ASN A 197 -24.33 15.32 11.25
N TRP A 198 -25.29 15.92 11.93
CA TRP A 198 -26.66 15.44 11.97
C TRP A 198 -27.51 16.70 11.75
N LYS A 199 -28.17 16.78 10.60
CA LYS A 199 -28.79 18.02 10.16
C LYS A 199 -29.84 18.59 11.12
N SER A 200 -30.76 17.74 11.58
CA SER A 200 -31.79 18.20 12.52
C SER A 200 -31.24 18.35 13.95
N GLY A 201 -30.00 17.88 14.16
CA GLY A 201 -29.30 18.03 15.43
C GLY A 201 -28.60 19.38 15.52
N LYS A 202 -27.27 19.39 15.44
CA LYS A 202 -26.50 20.64 15.53
C LYS A 202 -26.20 21.25 14.16
N GLY A 203 -26.75 20.69 13.09
CA GLY A 203 -26.62 21.30 11.77
C GLY A 203 -25.51 20.79 10.86
N TYR A 204 -25.30 21.49 9.75
CA TYR A 204 -24.29 21.10 8.74
C TYR A 204 -22.88 21.64 9.04
N ASN A 205 -22.76 22.40 10.11
CA ASN A 205 -21.52 23.10 10.40
C ASN A 205 -21.07 22.88 11.82
N TYR A 206 -21.51 21.76 12.40
CA TYR A 206 -21.09 21.38 13.74
C TYR A 206 -20.77 19.90 13.83
N SER A 207 -19.59 19.58 14.32
CA SER A 207 -19.13 18.20 14.35
C SER A 207 -19.08 17.69 15.78
N TYR A 208 -19.97 16.75 16.10
CA TYR A 208 -20.14 16.26 17.46
C TYR A 208 -18.84 15.76 18.10
N LYS A 209 -18.76 15.83 19.44
CA LYS A 209 -17.61 15.29 20.16
C LYS A 209 -17.69 13.78 20.28
N VAL A 210 -18.90 13.25 20.44
CA VAL A 210 -19.09 11.82 20.59
C VAL A 210 -20.25 11.36 19.73
N SER A 211 -20.12 10.17 19.15
CA SER A 211 -21.19 9.60 18.36
C SER A 211 -21.20 8.09 18.47
N GLU A 212 -22.36 7.50 18.73
CA GLU A 212 -22.46 6.05 18.79
C GLU A 212 -23.71 5.53 18.09
N MET A 213 -23.54 4.48 17.30
CA MET A 213 -24.66 3.85 16.64
C MET A 213 -24.74 2.41 17.13
N LYS A 214 -25.92 2.01 17.60
CA LYS A 214 -26.04 0.76 18.35
C LYS A 214 -27.39 0.07 18.16
N VAL A 215 -27.41 -1.25 18.27
CA VAL A 215 -28.62 -2.03 18.02
C VAL A 215 -29.04 -2.93 19.19
N ARG A 216 -30.33 -3.22 19.27
CA ARG A 216 -30.85 -4.11 20.30
C ARG A 216 -32.10 -4.82 19.76
N PRO A 217 -32.23 -6.14 20.00
CA PRO A 217 -33.40 -6.89 19.52
C PRO A 217 -34.76 -6.15 19.49
N PRO B 2 -3.67 -27.07 21.66
CA PRO B 2 -4.00 -25.71 22.19
C PRO B 2 -2.88 -24.69 21.96
N CYS B 3 -1.63 -25.07 22.22
CA CYS B 3 -0.50 -24.21 21.86
C CYS B 3 -0.34 -24.16 20.36
N LEU B 4 -0.71 -25.25 19.69
CA LEU B 4 -0.53 -25.40 18.26
C LEU B 4 -1.72 -24.90 17.44
N THR B 5 -2.93 -25.21 17.87
CA THR B 5 -4.10 -24.81 17.10
C THR B 5 -4.25 -23.29 17.04
N GLY B 6 -3.99 -22.66 18.17
CA GLY B 6 -4.16 -21.23 18.33
C GLY B 6 -3.04 -20.45 17.68
N PRO B 7 -3.18 -19.11 17.67
CA PRO B 7 -2.43 -18.06 16.94
C PRO B 7 -1.07 -17.80 17.53
N ARG B 8 -0.13 -17.32 16.73
CA ARG B 8 1.21 -16.98 17.27
C ARG B 8 1.64 -15.52 17.07
N THR B 9 1.00 -14.78 16.16
CA THR B 9 1.29 -13.36 15.99
C THR B 9 0.02 -12.58 15.80
N CYS B 10 0.08 -11.26 15.99
CA CYS B 10 -1.04 -10.42 15.63
C CYS B 10 -1.36 -10.55 14.12
N LYS B 11 -0.32 -10.76 13.32
CA LYS B 11 -0.51 -11.06 11.90
C LYS B 11 -1.46 -12.23 11.65
N ASP B 12 -1.26 -13.35 12.37
CA ASP B 12 -2.12 -14.53 12.21
C ASP B 12 -3.56 -14.18 12.51
N LEU B 13 -3.76 -13.52 13.64
CA LEU B 13 -5.10 -13.14 14.09
C LEU B 13 -5.82 -12.32 13.04
N LEU B 14 -5.10 -11.39 12.41
CA LEU B 14 -5.67 -10.61 11.30
C LEU B 14 -6.06 -11.51 10.16
N ASP B 15 -5.15 -12.43 9.81
CA ASP B 15 -5.40 -13.45 8.81
C ASP B 15 -6.63 -14.28 9.22
N ARG B 16 -6.82 -14.50 10.52
CA ARG B 16 -7.96 -15.29 10.96
C ARG B 16 -9.27 -14.49 11.04
N GLY B 17 -9.22 -13.19 10.72
CA GLY B 17 -10.43 -12.37 10.68
C GLY B 17 -10.78 -11.57 11.92
N HIS B 18 -9.80 -11.30 12.78
CA HIS B 18 -9.98 -10.34 13.86
C HIS B 18 -9.59 -8.97 13.36
N PHE B 19 -10.58 -8.18 12.94
CA PHE B 19 -10.27 -6.90 12.31
C PHE B 19 -10.14 -5.71 13.27
N LEU B 20 -10.49 -5.94 14.54
CA LEU B 20 -10.50 -4.88 15.55
C LEU B 20 -9.26 -4.91 16.43
N SER B 21 -8.55 -3.79 16.48
CA SER B 21 -7.41 -3.65 17.41
C SER B 21 -7.84 -4.01 18.84
N GLY B 22 -6.95 -4.63 19.59
CA GLY B 22 -7.29 -4.99 20.96
C GLY B 22 -6.35 -6.03 21.57
N TRP B 23 -6.67 -6.47 22.79
CA TRP B 23 -5.82 -7.43 23.47
C TRP B 23 -6.23 -8.87 23.16
N HIS B 24 -5.40 -9.57 22.40
CA HIS B 24 -5.64 -10.99 22.10
C HIS B 24 -4.50 -11.81 22.68
N THR B 25 -4.79 -13.05 23.02
CA THR B 25 -3.70 -13.92 23.45
C THR B 25 -3.08 -14.66 22.26
N ILE B 26 -1.75 -14.73 22.21
CA ILE B 26 -1.03 -15.43 21.16
C ILE B 26 -0.11 -16.46 21.81
N TYR B 27 0.47 -17.39 21.07
CA TYR B 27 1.32 -18.34 21.79
C TYR B 27 2.78 -18.17 21.44
N LEU B 28 3.60 -17.90 22.45
CA LEU B 28 5.04 -17.76 22.20
C LEU B 28 5.60 -18.98 21.47
N PRO B 29 6.77 -18.80 20.84
CA PRO B 29 7.42 -19.98 20.28
C PRO B 29 7.63 -21.13 21.30
N ASP B 30 7.57 -20.84 22.60
CA ASP B 30 7.78 -21.87 23.63
C ASP B 30 6.46 -22.41 24.16
N CYS B 31 5.36 -21.89 23.60
CA CYS B 31 4.02 -22.36 23.94
C CYS B 31 3.34 -21.64 25.08
N ARG B 32 4.06 -20.73 25.73
CA ARG B 32 3.49 -19.96 26.81
C ARG B 32 2.49 -18.91 26.28
N PRO B 33 1.29 -18.91 26.83
CA PRO B 33 0.31 -17.96 26.35
C PRO B 33 0.69 -16.56 26.82
N LEU B 34 0.53 -15.56 25.95
CA LEU B 34 0.76 -14.16 26.36
C LEU B 34 -0.30 -13.21 25.76
N THR B 35 -0.81 -12.30 26.59
CA THR B 35 -1.89 -11.43 26.15
C THR B 35 -1.30 -10.14 25.52
N VAL B 36 -1.35 -10.01 24.20
CA VAL B 36 -0.70 -8.82 23.60
C VAL B 36 -1.72 -7.87 22.99
N LEU B 37 -1.31 -6.63 22.77
CA LEU B 37 -2.16 -5.65 22.08
C LEU B 37 -1.88 -5.72 20.58
N CYS B 38 -2.93 -5.93 19.78
CA CYS B 38 -2.77 -6.00 18.32
C CYS B 38 -3.31 -4.76 17.67
N ASP B 39 -2.45 -4.04 16.95
CA ASP B 39 -2.89 -2.90 16.14
C ASP B 39 -3.29 -3.44 14.77
N MET B 40 -4.60 -3.58 14.55
CA MET B 40 -5.13 -4.12 13.30
C MET B 40 -5.41 -3.04 12.28
N ASP B 41 -5.13 -1.79 12.64
CA ASP B 41 -5.47 -0.66 11.78
C ASP B 41 -4.32 -0.05 10.97
N THR B 42 -3.19 0.19 11.63
CA THR B 42 -2.08 0.93 11.01
C THR B 42 -1.34 0.17 9.90
N ASP B 43 -1.11 0.87 8.78
CA ASP B 43 -0.19 0.40 7.73
C ASP B 43 -0.43 -1.05 7.36
N GLY B 44 -1.67 -1.39 7.02
CA GLY B 44 -2.01 -2.76 6.65
C GLY B 44 -2.45 -3.62 7.82
N GLY B 45 -2.06 -3.23 9.03
CA GLY B 45 -2.48 -3.94 10.25
C GLY B 45 -1.72 -5.23 10.54
N GLY B 46 -1.86 -5.75 11.75
CA GLY B 46 -1.23 -7.02 12.13
C GLY B 46 0.01 -6.88 12.99
N TRP B 47 0.11 -5.74 13.68
CA TRP B 47 1.26 -5.38 14.50
C TRP B 47 1.06 -5.71 15.97
N THR B 48 2.08 -6.26 16.60
CA THR B 48 2.05 -6.49 18.02
C THR B 48 2.70 -5.28 18.68
N VAL B 49 1.98 -4.67 19.62
CA VAL B 49 2.49 -3.45 20.23
C VAL B 49 3.21 -3.81 21.51
N PHE B 50 4.48 -3.41 21.62
CA PHE B 50 5.23 -3.72 22.83
C PHE B 50 5.47 -2.48 23.70
N GLN B 51 5.13 -1.31 23.18
CA GLN B 51 5.27 -0.05 23.93
C GLN B 51 4.16 0.92 23.56
N ARG B 52 3.57 1.54 24.56
CA ARG B 52 2.55 2.53 24.30
C ARG B 52 2.58 3.61 25.38
N ARG B 53 2.57 4.85 24.94
CA ARG B 53 2.43 6.04 25.81
C ARG B 53 1.27 6.84 25.25
N VAL B 54 0.44 7.39 26.12
CA VAL B 54 -0.80 8.02 25.65
C VAL B 54 -1.35 9.18 26.48
N ASP B 55 -0.97 9.27 27.75
CA ASP B 55 -1.62 10.21 28.66
C ASP B 55 -0.78 10.55 29.90
N GLY B 56 0.34 9.85 30.06
CA GLY B 56 1.25 10.08 31.18
C GLY B 56 0.81 9.46 32.50
N SER B 57 -0.15 8.54 32.42
CA SER B 57 -0.69 7.91 33.61
C SER B 57 0.29 6.93 34.30
N VAL B 58 1.24 6.38 33.56
CA VAL B 58 2.10 5.32 34.10
C VAL B 58 3.57 5.73 34.25
N ASP B 59 4.18 5.43 35.40
CA ASP B 59 5.58 5.76 35.64
C ASP B 59 6.50 4.85 34.82
N PHE B 60 7.34 5.47 33.99
CA PHE B 60 8.24 4.73 33.11
C PHE B 60 9.70 4.81 33.54
N TYR B 61 9.95 5.59 34.59
CA TYR B 61 11.31 5.70 35.11
C TYR B 61 11.54 4.55 36.10
N ARG B 62 11.73 3.35 35.56
CA ARG B 62 11.69 2.12 36.34
C ARG B 62 12.99 1.31 36.34
N ASP B 63 13.12 0.36 37.26
CA ASP B 63 14.34 -0.44 37.38
C ASP B 63 14.41 -1.66 36.44
N TRP B 64 15.58 -2.28 36.42
CA TRP B 64 15.84 -3.48 35.61
C TRP B 64 14.80 -4.60 35.72
N ALA B 65 14.48 -5.03 36.94
CA ALA B 65 13.53 -6.11 37.13
C ALA B 65 12.18 -5.76 36.50
N THR B 66 11.82 -4.48 36.57
CA THR B 66 10.54 -4.04 36.09
C THR B 66 10.53 -4.02 34.57
N TYR B 67 11.59 -3.48 33.96
CA TYR B 67 11.69 -3.49 32.50
C TYR B 67 11.82 -4.92 31.97
N LYS B 68 12.35 -5.80 32.81
CA LYS B 68 12.54 -7.18 32.41
C LYS B 68 11.20 -7.87 32.25
N GLN B 69 10.33 -7.71 33.24
CA GLN B 69 9.08 -8.46 33.29
C GLN B 69 7.87 -7.74 32.67
N GLY B 70 7.97 -6.43 32.49
CA GLY B 70 6.91 -5.62 31.88
C GLY B 70 6.13 -4.88 32.95
N PHE B 71 5.39 -3.86 32.55
CA PHE B 71 4.65 -3.05 33.51
C PHE B 71 3.67 -2.12 32.83
N GLY B 72 2.69 -1.63 33.60
CA GLY B 72 1.67 -0.75 33.05
C GLY B 72 0.33 -1.44 33.03
N SER B 73 -0.55 -0.98 32.17
CA SER B 73 -1.96 -1.42 32.18
C SER B 73 -2.52 -1.65 30.77
N ARG B 74 -3.22 -2.76 30.58
CA ARG B 74 -3.85 -3.02 29.31
C ARG B 74 -4.83 -1.91 28.98
N LEU B 75 -5.32 -1.20 30.00
CA LEU B 75 -6.22 -0.09 29.76
C LEU B 75 -5.49 1.15 29.27
N GLY B 76 -4.16 1.15 29.33
CA GLY B 76 -3.43 2.38 29.05
C GLY B 76 -2.02 2.28 28.52
N GLU B 77 -1.08 2.85 29.26
CA GLU B 77 0.33 2.83 28.84
C GLU B 77 0.97 1.54 29.35
N PHE B 78 2.01 1.09 28.68
CA PHE B 78 2.72 -0.10 29.14
C PHE B 78 3.98 -0.39 28.34
N TRP B 79 4.86 -1.17 28.96
CA TRP B 79 6.00 -1.79 28.30
C TRP B 79 5.81 -3.30 28.42
N LEU B 80 5.82 -4.00 27.30
CA LEU B 80 5.48 -5.43 27.31
C LEU B 80 6.47 -6.27 28.09
N GLY B 81 7.67 -5.75 28.33
CA GLY B 81 8.70 -6.48 29.09
C GLY B 81 9.78 -7.05 28.19
N ASN B 82 11.02 -6.94 28.63
CA ASN B 82 12.12 -7.29 27.74
C ASN B 82 12.20 -8.78 27.44
N ASP B 83 11.83 -9.63 28.40
CA ASP B 83 11.82 -11.07 28.10
C ASP B 83 10.85 -11.37 26.99
N ASN B 84 9.65 -10.81 27.08
CA ASN B 84 8.65 -10.98 26.05
C ASN B 84 9.05 -10.40 24.70
N ILE B 85 9.68 -9.22 24.72
CA ILE B 85 10.06 -8.60 23.47
C ILE B 85 11.12 -9.44 22.79
N HIS B 86 11.94 -10.10 23.60
CA HIS B 86 12.93 -11.00 23.06
C HIS B 86 12.23 -12.26 22.54
N ALA B 87 11.43 -12.87 23.39
CA ALA B 87 10.68 -14.04 22.97
C ALA B 87 10.05 -13.80 21.60
N LEU B 88 9.63 -12.57 21.36
CA LEU B 88 8.87 -12.26 20.17
C LEU B 88 9.72 -12.11 18.96
N THR B 89 10.98 -11.72 19.12
CA THR B 89 11.79 -11.38 17.97
C THR B 89 12.96 -12.35 17.80
N ALA B 90 13.03 -13.32 18.69
CA ALA B 90 14.12 -14.29 18.72
C ALA B 90 14.38 -14.90 17.36
N GLN B 91 13.34 -15.07 16.54
N GLN B 91 13.33 -15.06 16.56
CA GLN B 91 13.54 -15.66 15.20
CA GLN B 91 13.50 -15.58 15.20
C GLN B 91 14.07 -14.67 14.12
C GLN B 91 13.68 -14.50 14.12
N GLY B 92 14.40 -13.45 14.53
CA GLY B 92 15.05 -12.44 13.67
C GLY B 92 14.46 -11.89 12.38
N THR B 93 13.15 -11.99 12.22
CA THR B 93 12.50 -11.68 10.98
C THR B 93 11.28 -10.78 11.14
N SER B 94 11.29 -9.89 12.13
CA SER B 94 10.16 -8.99 12.28
C SER B 94 10.46 -7.50 12.07
N GLU B 95 9.52 -6.84 11.39
CA GLU B 95 9.62 -5.42 11.09
C GLU B 95 9.23 -4.59 12.29
N LEU B 96 9.83 -3.42 12.40
CA LEU B 96 9.59 -2.47 13.47
C LEU B 96 8.86 -1.29 12.91
N ARG B 97 7.92 -0.75 13.68
CA ARG B 97 7.25 0.47 13.27
C ARG B 97 7.04 1.37 14.47
N THR B 98 7.31 2.66 14.29
CA THR B 98 7.18 3.60 15.39
C THR B 98 6.15 4.61 14.98
N ASP B 99 5.10 4.75 15.78
CA ASP B 99 4.02 5.68 15.45
C ASP B 99 3.97 6.75 16.51
N LEU B 100 4.04 8.02 16.10
CA LEU B 100 4.12 9.13 17.04
C LEU B 100 3.04 10.16 16.78
N VAL B 101 2.56 10.80 17.82
CA VAL B 101 1.60 11.84 17.61
C VAL B 101 1.90 12.96 18.57
N ASP B 102 1.92 14.20 18.08
CA ASP B 102 2.22 15.34 18.91
C ASP B 102 0.92 15.91 19.52
N PHE B 103 0.95 17.15 19.98
CA PHE B 103 -0.22 17.72 20.62
C PHE B 103 -0.93 18.61 19.66
N GLU B 104 -0.48 18.58 18.41
CA GLU B 104 -1.18 19.27 17.33
C GLU B 104 -1.91 18.28 16.47
N ASP B 105 -1.88 17.01 16.87
CA ASP B 105 -2.48 15.94 16.04
C ASP B 105 -1.72 15.62 14.73
N ASN B 106 -0.42 15.93 14.70
CA ASN B 106 0.42 15.52 13.60
C ASN B 106 0.87 14.08 13.77
N TYR B 107 0.74 13.29 12.70
CA TYR B 107 1.08 11.89 12.72
C TYR B 107 2.37 11.63 11.94
N GLN B 108 3.41 11.24 12.65
CA GLN B 108 4.64 10.80 11.99
C GLN B 108 4.99 9.37 12.36
N PHE B 109 5.61 8.66 11.43
CA PHE B 109 6.05 7.29 11.66
C PHE B 109 7.47 7.10 11.18
N ALA B 110 8.07 5.98 11.54
CA ALA B 110 9.37 5.57 10.99
C ALA B 110 9.45 4.06 11.04
N LYS B 111 9.88 3.45 9.93
CA LYS B 111 9.89 1.99 9.80
C LYS B 111 11.28 1.41 9.53
N TYR B 112 11.54 0.21 10.09
CA TYR B 112 12.81 -0.55 9.90
C TYR B 112 12.60 -1.99 9.39
N ARG B 113 13.48 -2.46 8.52
CA ARG B 113 13.32 -3.79 7.93
C ARG B 113 13.36 -4.93 8.93
N SER B 114 14.18 -4.83 9.99
CA SER B 114 14.26 -5.90 10.99
C SER B 114 14.57 -5.31 12.35
N PHE B 115 14.17 -6.03 13.41
CA PHE B 115 14.32 -5.54 14.77
C PHE B 115 14.34 -6.74 15.68
N LYS B 116 15.40 -6.84 16.48
CA LYS B 116 15.58 -7.99 17.35
C LYS B 116 16.22 -7.54 18.66
N VAL B 117 15.75 -8.05 19.80
CA VAL B 117 16.52 -7.83 21.00
C VAL B 117 17.03 -9.16 21.54
N ALA B 118 18.32 -9.20 21.87
CA ALA B 118 18.92 -10.41 22.42
C ALA B 118 18.33 -10.70 23.81
N ASP B 119 18.77 -11.77 24.45
CA ASP B 119 18.26 -12.13 25.76
C ASP B 119 19.02 -11.39 26.86
N GLU B 120 18.60 -11.60 28.10
CA GLU B 120 19.21 -10.94 29.26
C GLU B 120 20.72 -11.17 29.36
N ALA B 121 21.17 -12.37 29.03
CA ALA B 121 22.59 -12.63 29.06
C ALA B 121 23.34 -11.56 28.25
N GLU B 122 22.83 -11.21 27.07
CA GLU B 122 23.45 -10.15 26.27
C GLU B 122 22.80 -8.80 26.52
N LYS B 123 22.22 -8.63 27.70
CA LYS B 123 21.55 -7.37 28.06
C LYS B 123 20.67 -6.85 26.93
N TYR B 124 19.63 -7.60 26.56
CA TYR B 124 18.66 -7.16 25.55
C TYR B 124 19.26 -6.40 24.33
N ASN B 125 20.45 -6.83 23.94
CA ASN B 125 21.16 -6.17 22.88
C ASN B 125 20.25 -5.93 21.70
N LEU B 126 20.32 -4.72 21.13
CA LEU B 126 19.51 -4.36 19.97
C LEU B 126 20.16 -4.68 18.63
N VAL B 127 19.44 -5.42 17.80
CA VAL B 127 19.87 -5.67 16.45
C VAL B 127 18.82 -5.12 15.48
N LEU B 128 19.20 -4.09 14.74
CA LEU B 128 18.26 -3.32 13.94
C LEU B 128 18.73 -3.29 12.52
N GLY B 129 17.81 -3.46 11.58
CA GLY B 129 18.17 -3.43 10.17
C GLY B 129 17.82 -2.11 9.50
N ALA B 130 17.74 -2.17 8.17
CA ALA B 130 17.55 -1.00 7.31
C ALA B 130 16.43 -0.05 7.77
N PHE B 131 16.75 1.24 7.79
CA PHE B 131 15.73 2.24 7.86
C PHE B 131 14.97 2.24 6.51
N VAL B 132 13.71 1.82 6.52
CA VAL B 132 12.92 1.70 5.30
C VAL B 132 12.36 3.05 4.88
N GLU B 133 11.83 3.78 5.86
CA GLU B 133 11.25 5.08 5.62
C GLU B 133 10.45 5.54 6.83
N GLY B 134 10.01 6.79 6.80
CA GLY B 134 9.15 7.30 7.84
C GLY B 134 9.26 8.81 7.94
N SER B 135 8.11 9.46 8.10
CA SER B 135 8.08 10.91 8.18
C SER B 135 8.80 11.43 9.43
N ALA B 136 9.08 10.56 10.39
CA ALA B 136 9.66 10.98 11.66
C ALA B 136 11.20 11.01 11.65
N GLY B 137 11.78 10.40 10.63
CA GLY B 137 13.22 10.38 10.43
C GLY B 137 13.85 9.23 11.18
N ASP B 138 15.03 8.81 10.74
CA ASP B 138 15.76 7.79 11.51
C ASP B 138 16.40 8.37 12.76
N SER B 139 15.82 8.06 13.91
CA SER B 139 16.48 8.29 15.19
C SER B 139 16.60 6.99 15.94
N LEU B 140 16.85 5.89 15.24
CA LEU B 140 17.03 4.61 15.90
C LEU B 140 18.30 3.91 15.49
N THR B 141 18.71 4.08 14.23
CA THR B 141 19.91 3.43 13.76
C THR B 141 21.06 3.79 14.68
N PHE B 142 21.01 5.02 15.16
CA PHE B 142 22.02 5.51 16.07
C PHE B 142 22.22 4.52 17.20
N HIS B 143 21.16 3.86 17.61
CA HIS B 143 21.20 3.04 18.79
C HIS B 143 21.33 1.57 18.48
N ASN B 144 21.80 1.27 17.28
CA ASN B 144 22.11 -0.12 16.97
C ASN B 144 23.26 -0.65 17.82
N ASN B 145 23.21 -1.95 18.12
CA ASN B 145 24.29 -2.64 18.89
C ASN B 145 24.43 -2.23 20.38
N GLN B 146 23.41 -1.63 20.95
CA GLN B 146 23.56 -1.07 22.29
C GLN B 146 22.81 -1.93 23.25
N SER B 147 23.30 -1.99 24.48
CA SER B 147 22.66 -2.82 25.44
C SER B 147 21.50 -1.99 25.92
N PHE B 148 20.59 -2.59 26.65
CA PHE B 148 19.49 -1.83 27.22
C PHE B 148 19.94 -1.42 28.64
N SER B 149 19.60 -0.20 29.06
CA SER B 149 20.02 0.29 30.36
C SER B 149 18.80 0.79 31.13
N THR B 150 18.83 0.64 32.46
CA THR B 150 17.85 1.25 33.34
C THR B 150 18.61 2.07 34.36
N LYS B 151 17.87 2.85 35.18
CA LYS B 151 18.52 3.68 36.20
C LYS B 151 19.51 2.90 37.10
N ASP B 152 19.16 1.65 37.43
CA ASP B 152 19.95 0.88 38.39
C ASP B 152 20.84 -0.12 37.72
N GLN B 153 20.85 -0.13 36.39
CA GLN B 153 21.80 -0.92 35.65
C GLN B 153 22.30 -0.19 34.41
N ASP B 154 23.48 0.41 34.56
CA ASP B 154 24.15 1.19 33.54
C ASP B 154 24.94 0.29 32.59
N ASN B 155 24.47 0.21 31.34
CA ASN B 155 25.13 -0.62 30.33
C ASN B 155 25.44 0.20 29.09
N ASP B 156 25.51 1.54 29.24
CA ASP B 156 25.73 2.43 28.10
C ASP B 156 27.19 2.74 27.83
N LEU B 157 27.45 3.58 26.83
CA LEU B 157 28.80 3.92 26.48
C LEU B 157 29.11 5.34 26.97
N ASN B 158 28.48 5.73 28.08
CA ASN B 158 28.74 7.03 28.64
C ASN B 158 29.26 7.15 30.08
N THR B 159 30.45 7.74 30.23
CA THR B 159 31.16 7.77 31.49
C THR B 159 30.21 8.10 32.63
N GLY B 160 29.00 8.54 32.27
CA GLY B 160 27.94 8.78 33.26
C GLY B 160 26.75 7.89 33.03
N ASN B 161 25.66 8.14 33.75
CA ASN B 161 24.47 7.29 33.69
C ASN B 161 23.37 7.91 32.81
N CYS B 162 23.22 7.41 31.59
CA CYS B 162 22.23 7.97 30.67
C CYS B 162 20.77 7.89 31.14
N ALA B 163 20.42 6.77 31.76
CA ALA B 163 19.04 6.59 32.14
C ALA B 163 18.69 7.61 33.22
N VAL B 164 19.67 7.96 34.04
CA VAL B 164 19.44 8.95 35.07
C VAL B 164 19.31 10.33 34.43
N MET B 165 20.34 10.72 33.70
CA MET B 165 20.38 12.02 33.05
C MET B 165 19.12 12.33 32.24
N PHE B 166 18.63 11.32 31.53
CA PHE B 166 17.53 11.55 30.60
C PHE B 166 16.24 10.90 31.09
N GLN B 167 16.26 10.48 32.35
CA GLN B 167 15.07 9.98 33.04
C GLN B 167 14.21 9.07 32.22
N GLY B 168 14.78 7.99 31.72
CA GLY B 168 14.04 6.97 30.99
C GLY B 168 14.77 5.64 31.06
N ALA B 169 14.70 4.87 29.97
CA ALA B 169 15.32 3.53 29.82
C ALA B 169 15.33 3.13 28.33
N TRP B 170 16.40 2.52 27.88
CA TRP B 170 16.57 2.49 26.46
C TRP B 170 17.90 1.88 26.08
N TRP B 171 18.05 1.59 24.79
CA TRP B 171 19.32 1.18 24.25
C TRP B 171 20.26 2.40 24.16
N TYR B 172 20.51 3.01 25.32
CA TYR B 172 21.31 4.21 25.39
C TYR B 172 22.70 3.92 24.94
N LYS B 173 23.23 4.84 24.16
CA LYS B 173 24.62 4.77 23.77
C LYS B 173 25.43 5.85 24.47
N ASN B 174 25.19 7.10 24.10
CA ASN B 174 26.12 8.16 24.48
C ASN B 174 25.64 9.62 24.52
N CYS B 175 24.35 9.89 24.70
CA CYS B 175 23.37 8.92 25.15
C CYS B 175 22.29 8.49 24.15
N HIS B 176 21.61 9.46 23.52
CA HIS B 176 20.46 9.10 22.65
C HIS B 176 20.13 10.11 21.54
N THR B 177 19.42 9.60 20.53
CA THR B 177 18.73 10.44 19.57
C THR B 177 17.26 10.15 19.74
N SER B 178 16.97 9.18 20.59
CA SER B 178 15.57 8.89 20.86
C SER B 178 15.41 8.42 22.29
N ASN B 179 14.29 8.73 22.94
CA ASN B 179 14.17 8.47 24.36
C ASN B 179 12.72 8.16 24.68
N LEU B 180 12.16 7.21 23.95
CA LEU B 180 10.71 7.01 23.96
C LEU B 180 10.17 6.55 25.30
N ASN B 181 11.05 6.10 26.19
CA ASN B 181 10.63 5.76 27.54
C ASN B 181 10.89 6.88 28.56
N GLY B 182 11.09 8.10 28.08
CA GLY B 182 11.35 9.25 28.96
C GLY B 182 10.10 9.77 29.65
N ARG B 183 10.22 10.92 30.31
CA ARG B 183 9.10 11.41 31.09
C ARG B 183 8.01 12.03 30.22
N TYR B 184 6.76 11.81 30.61
CA TYR B 184 5.66 12.36 29.86
C TYR B 184 5.53 13.86 30.11
N LEU B 185 6.33 14.66 29.40
CA LEU B 185 6.39 16.11 29.67
C LEU B 185 5.34 17.00 28.96
N ARG B 186 4.57 16.44 28.02
CA ARG B 186 3.40 17.10 27.43
C ARG B 186 3.69 18.25 26.46
N GLY B 187 4.47 18.01 25.41
CA GLY B 187 4.80 19.06 24.45
C GLY B 187 6.16 19.66 24.66
N THR B 188 6.25 20.98 24.52
CA THR B 188 7.54 21.67 24.63
C THR B 188 7.97 21.76 26.08
N HIS B 189 9.22 21.37 26.34
CA HIS B 189 9.78 21.44 27.67
C HIS B 189 11.17 22.08 27.67
N GLY B 190 11.48 22.86 28.70
CA GLY B 190 12.79 23.47 28.85
C GLY B 190 13.87 22.43 29.06
N SER B 191 13.67 21.54 30.03
CA SER B 191 14.63 20.48 30.33
C SER B 191 15.12 19.76 29.08
N PHE B 192 16.39 19.35 29.11
CA PHE B 192 17.06 18.82 27.92
C PHE B 192 16.92 17.31 27.72
N ALA B 193 16.24 16.94 26.65
CA ALA B 193 16.26 15.55 26.16
C ALA B 193 15.82 14.48 27.15
N ASN B 194 15.06 14.85 28.17
CA ASN B 194 14.51 13.88 29.12
C ASN B 194 13.02 13.60 28.94
N GLY B 195 12.50 13.88 27.75
CA GLY B 195 11.10 13.60 27.46
C GLY B 195 10.93 12.42 26.52
N ILE B 196 9.71 12.20 26.07
CA ILE B 196 9.43 11.24 25.01
C ILE B 196 9.91 11.90 23.72
N ASN B 197 11.21 11.81 23.46
CA ASN B 197 11.84 12.57 22.39
C ASN B 197 12.35 11.71 21.24
N TRP B 198 12.24 12.25 20.04
CA TRP B 198 12.76 11.64 18.83
C TRP B 198 13.49 12.78 18.09
N LYS B 199 14.82 12.71 18.03
CA LYS B 199 15.61 13.87 17.60
C LYS B 199 15.29 14.38 16.20
N SER B 200 15.20 13.47 15.23
CA SER B 200 14.88 13.90 13.86
C SER B 200 13.39 14.19 13.69
N GLY B 201 12.60 13.88 14.72
CA GLY B 201 11.17 14.18 14.75
C GLY B 201 10.92 15.60 15.24
N LYS B 202 10.38 15.77 16.44
CA LYS B 202 10.13 17.11 16.96
C LYS B 202 11.27 17.63 17.87
N GLY B 203 12.39 16.91 17.93
CA GLY B 203 13.58 17.45 18.61
C GLY B 203 13.82 16.99 20.03
N TYR B 204 14.80 17.62 20.68
CA TYR B 204 15.19 17.27 22.07
C TYR B 204 14.37 17.97 23.15
N ASN B 205 13.44 18.83 22.72
CA ASN B 205 12.71 19.67 23.64
C ASN B 205 11.22 19.59 23.42
N TYR B 206 10.78 18.47 22.83
CA TYR B 206 9.35 18.24 22.61
C TYR B 206 8.97 16.80 22.94
N SER B 207 7.97 16.65 23.79
CA SER B 207 7.58 15.33 24.26
C SER B 207 6.24 14.92 23.69
N TYR B 208 6.26 13.92 22.81
CA TYR B 208 5.06 13.52 22.06
C TYR B 208 3.86 13.20 22.96
N LYS B 209 2.65 13.37 22.42
CA LYS B 209 1.44 13.00 23.15
C LYS B 209 1.20 11.50 23.11
N VAL B 210 1.54 10.87 21.99
CA VAL B 210 1.34 9.44 21.85
C VAL B 210 2.56 8.79 21.23
N SER B 211 2.90 7.59 21.68
CA SER B 211 4.01 6.86 21.12
C SER B 211 3.76 5.37 21.16
N GLU B 212 3.98 4.68 20.04
CA GLU B 212 3.82 3.23 20.01
C GLU B 212 4.94 2.54 19.26
N MET B 213 5.44 1.45 19.84
CA MET B 213 6.47 0.67 19.17
C MET B 213 5.90 -0.72 18.97
N LYS B 214 5.98 -1.21 17.72
CA LYS B 214 5.23 -2.41 17.34
C LYS B 214 5.93 -3.25 16.27
N VAL B 215 5.69 -4.56 16.30
CA VAL B 215 6.37 -5.47 15.37
C VAL B 215 5.43 -6.32 14.53
N ARG B 216 5.89 -6.74 13.37
CA ARG B 216 5.12 -7.61 12.48
C ARG B 216 6.08 -8.48 11.67
N PRO B 217 5.89 -9.80 11.66
CA PRO B 217 6.60 -10.65 10.71
C PRO B 217 6.62 -10.11 9.29
N ALA B 218 7.82 -10.01 8.72
CA ALA B 218 7.98 -9.76 7.31
C ALA B 218 7.89 -11.14 6.71
N CYS C 3 -12.22 -23.53 39.44
CA CYS C 3 -11.48 -24.81 39.35
C CYS C 3 -10.24 -24.74 40.21
N LEU C 4 -10.21 -25.51 41.29
CA LEU C 4 -9.05 -25.57 42.19
C LEU C 4 -7.74 -25.16 41.49
N THR C 5 -7.48 -25.66 40.28
CA THR C 5 -6.26 -25.21 39.57
C THR C 5 -6.56 -24.17 38.49
N GLY C 6 -7.39 -23.21 38.95
CA GLY C 6 -7.68 -21.99 38.22
C GLY C 6 -7.44 -20.82 39.16
N PRO C 7 -7.39 -19.60 38.63
CA PRO C 7 -7.06 -18.39 39.40
C PRO C 7 -8.25 -17.85 40.18
N ARG C 8 -8.07 -17.58 41.47
CA ARG C 8 -9.19 -17.10 42.27
C ARG C 8 -9.04 -15.70 42.81
N THR C 9 -7.87 -15.11 42.61
CA THR C 9 -7.65 -13.72 42.99
C THR C 9 -6.70 -13.06 42.02
N CYS C 10 -6.67 -11.73 42.01
CA CYS C 10 -5.66 -11.02 41.25
C CYS C 10 -4.26 -11.40 41.73
N LYS C 11 -4.13 -11.68 43.02
CA LYS C 11 -2.88 -12.20 43.58
C LYS C 11 -2.39 -13.47 42.86
N ASP C 12 -3.29 -14.43 42.63
CA ASP C 12 -2.92 -15.68 41.95
C ASP C 12 -2.38 -15.38 40.56
N LEU C 13 -3.13 -14.56 39.84
CA LEU C 13 -2.77 -14.20 38.47
C LEU C 13 -1.38 -13.60 38.40
N LEU C 14 -1.05 -12.74 39.37
CA LEU C 14 0.30 -12.18 39.46
C LEU C 14 1.33 -13.28 39.69
N ASP C 15 1.10 -14.16 40.64
CA ASP C 15 2.05 -15.19 40.87
C ASP C 15 2.25 -16.02 39.61
N ARG C 16 1.22 -16.10 38.78
CA ARG C 16 1.26 -17.01 37.65
C ARG C 16 1.79 -16.28 36.42
N GLY C 17 2.17 -15.03 36.64
CA GLY C 17 2.94 -14.31 35.63
C GLY C 17 2.21 -13.34 34.73
N HIS C 18 1.03 -12.89 35.13
CA HIS C 18 0.37 -11.78 34.46
C HIS C 18 0.82 -10.48 35.09
N PHE C 19 1.81 -9.82 34.48
CA PHE C 19 2.40 -8.65 35.09
C PHE C 19 1.73 -7.33 34.75
N LEU C 20 0.79 -7.37 33.80
CA LEU C 20 0.12 -6.17 33.31
C LEU C 20 -1.25 -5.97 33.93
N SER C 21 -1.47 -4.82 34.55
CA SER C 21 -2.80 -4.47 35.05
C SER C 21 -3.86 -4.62 33.95
N GLY C 22 -5.06 -5.06 34.32
CA GLY C 22 -6.11 -5.22 33.32
C GLY C 22 -7.27 -6.08 33.78
N TRP C 23 -8.21 -6.35 32.87
CA TRP C 23 -9.38 -7.13 33.22
C TRP C 23 -9.14 -8.62 32.99
N HIS C 24 -9.04 -9.38 34.09
CA HIS C 24 -8.90 -10.83 34.00
C HIS C 24 -10.10 -11.48 34.65
N THR C 25 -10.47 -12.67 34.20
CA THR C 25 -11.53 -13.39 34.88
C THR C 25 -10.95 -14.29 36.01
N ILE C 26 -11.60 -14.26 37.17
CA ILE C 26 -11.20 -15.08 38.31
C ILE C 26 -12.37 -15.93 38.74
N TYR C 27 -12.06 -16.88 39.65
CA TYR C 27 -13.05 -17.78 40.25
C TYR C 27 -13.23 -17.50 41.74
N LEU C 28 -14.45 -17.16 42.13
CA LEU C 28 -14.77 -16.85 43.53
C LEU C 28 -14.85 -18.11 44.41
N PRO C 29 -14.80 -17.94 45.75
CA PRO C 29 -14.97 -19.10 46.63
C PRO C 29 -16.00 -20.12 46.10
N ASP C 30 -17.17 -19.65 45.64
CA ASP C 30 -18.23 -20.54 45.15
C ASP C 30 -17.97 -21.05 43.72
N CYS C 31 -16.83 -20.66 43.18
CA CYS C 31 -16.34 -21.20 41.92
C CYS C 31 -17.07 -20.66 40.69
N ARG C 32 -17.91 -19.65 40.90
CA ARG C 32 -18.49 -18.92 39.77
C ARG C 32 -17.45 -17.93 39.20
N PRO C 33 -17.31 -17.91 37.86
CA PRO C 33 -16.39 -16.98 37.17
C PRO C 33 -16.85 -15.53 37.21
N LEU C 34 -15.88 -14.60 37.34
CA LEU C 34 -16.14 -13.16 37.44
C LEU C 34 -14.98 -12.35 36.90
N THR C 35 -15.23 -11.50 35.91
CA THR C 35 -14.16 -10.68 35.34
C THR C 35 -13.92 -9.46 36.22
N VAL C 36 -12.68 -9.27 36.64
CA VAL C 36 -12.30 -8.17 37.53
C VAL C 36 -11.13 -7.39 36.99
N LEU C 37 -10.93 -6.17 37.50
CA LEU C 37 -9.75 -5.37 37.14
C LEU C 37 -8.65 -5.66 38.13
N CYS C 38 -7.47 -6.06 37.64
CA CYS C 38 -6.33 -6.36 38.51
C CYS C 38 -5.29 -5.26 38.42
N ASP C 39 -4.99 -4.61 39.55
CA ASP C 39 -3.90 -3.65 39.60
C ASP C 39 -2.63 -4.43 39.94
N MET C 40 -1.81 -4.67 38.93
CA MET C 40 -0.57 -5.44 39.08
C MET C 40 0.62 -4.56 39.40
N ASP C 41 0.39 -3.25 39.48
CA ASP C 41 1.49 -2.31 39.68
C ASP C 41 1.67 -1.74 41.10
N THR C 42 0.59 -1.32 41.73
CA THR C 42 0.69 -0.64 43.03
C THR C 42 1.13 -1.52 44.20
N ASP C 43 2.07 -0.99 44.99
CA ASP C 43 2.41 -1.56 46.30
C ASP C 43 2.60 -3.08 46.24
N GLY C 44 3.46 -3.53 45.34
CA GLY C 44 3.71 -4.96 45.20
C GLY C 44 2.80 -5.65 44.20
N GLY C 45 1.64 -5.05 43.93
CA GLY C 45 0.70 -5.58 42.93
C GLY C 45 -0.14 -6.76 43.40
N GLY C 46 -1.18 -7.09 42.63
CA GLY C 46 -2.03 -8.24 42.96
C GLY C 46 -3.37 -7.88 43.59
N TRP C 47 -3.81 -6.65 43.36
CA TRP C 47 -5.02 -6.10 43.94
C TRP C 47 -6.22 -6.20 43.00
N THR C 48 -7.36 -6.57 43.56
CA THR C 48 -8.59 -6.57 42.80
C THR C 48 -9.27 -5.25 43.06
N VAL C 49 -9.60 -4.54 41.99
CA VAL C 49 -10.16 -3.21 42.14
C VAL C 49 -11.67 -3.32 42.11
N PHE C 50 -12.35 -2.83 43.15
CA PHE C 50 -13.80 -2.88 43.17
C PHE C 50 -14.45 -1.52 42.96
N GLN C 51 -13.63 -0.46 42.97
CA GLN C 51 -14.14 0.91 42.74
C GLN C 51 -13.10 1.73 42.00
N ARG C 52 -13.55 2.38 40.93
CA ARG C 52 -12.71 3.27 40.16
C ARG C 52 -13.41 4.58 39.71
N ARG C 53 -12.80 5.73 40.05
CA ARG C 53 -13.26 7.02 39.51
C ARG C 53 -12.07 7.66 38.82
N VAL C 54 -12.29 8.29 37.68
CA VAL C 54 -11.17 8.76 36.87
C VAL C 54 -11.39 10.01 36.01
N ASP C 55 -12.64 10.31 35.70
CA ASP C 55 -12.93 11.34 34.70
C ASP C 55 -14.34 11.92 34.80
N GLY C 56 -15.16 11.32 35.66
CA GLY C 56 -16.53 11.80 35.88
C GLY C 56 -17.53 11.36 34.81
N SER C 57 -17.13 10.39 34.01
CA SER C 57 -17.97 9.91 32.92
C SER C 57 -19.22 9.12 33.37
N VAL C 58 -19.17 8.52 34.56
CA VAL C 58 -20.25 7.62 34.99
C VAL C 58 -21.04 8.13 36.19
N ASP C 59 -22.37 8.05 36.12
CA ASP C 59 -23.23 8.52 37.21
C ASP C 59 -23.16 7.55 38.41
N PHE C 60 -22.76 8.07 39.56
CA PHE C 60 -22.60 7.25 40.77
C PHE C 60 -23.70 7.49 41.80
N TYR C 61 -24.57 8.45 41.53
CA TYR C 61 -25.67 8.72 42.42
C TYR C 61 -26.83 7.77 42.07
N ARG C 62 -26.67 6.51 42.49
CA ARG C 62 -27.52 5.41 42.02
C ARG C 62 -28.31 4.70 43.12
N ASP C 63 -29.31 3.91 42.72
CA ASP C 63 -30.17 3.22 43.69
C ASP C 63 -29.62 1.88 44.20
N TRP C 64 -30.29 1.33 45.20
CA TRP C 64 -29.93 0.05 45.81
C TRP C 64 -29.69 -1.11 44.83
N ALA C 65 -30.64 -1.36 43.93
CA ALA C 65 -30.51 -2.46 42.97
C ALA C 65 -29.23 -2.30 42.13
N THR C 66 -28.89 -1.05 41.83
CA THR C 66 -27.76 -0.76 40.99
C THR C 66 -26.46 -0.98 41.75
N TYR C 67 -26.40 -0.48 42.99
CA TYR C 67 -25.21 -0.73 43.82
C TYR C 67 -25.08 -2.20 44.17
N LYS C 68 -26.19 -2.91 44.18
CA LYS C 68 -26.19 -4.32 44.50
C LYS C 68 -25.48 -5.11 43.40
N GLN C 69 -25.86 -4.84 42.16
CA GLN C 69 -25.40 -5.65 41.03
C GLN C 69 -24.14 -5.12 40.32
N GLY C 70 -23.81 -3.85 40.54
CA GLY C 70 -22.63 -3.22 39.95
C GLY C 70 -23.02 -2.37 38.77
N PHE C 71 -22.14 -1.47 38.36
CA PHE C 71 -22.44 -0.56 37.26
C PHE C 71 -21.20 0.18 36.77
N GLY C 72 -21.28 0.72 35.56
CA GLY C 72 -20.15 1.44 34.98
C GLY C 72 -19.57 0.68 33.82
N SER C 73 -18.32 0.93 33.51
CA SER C 73 -17.70 0.40 32.30
C SER C 73 -16.26 -0.07 32.52
N ARG C 74 -15.94 -1.24 31.97
CA ARG C 74 -14.58 -1.73 32.07
C ARG C 74 -13.61 -0.76 31.44
N LEU C 75 -14.11 0.06 30.52
CA LEU C 75 -13.27 1.08 29.89
C LEU C 75 -13.00 2.26 30.80
N GLY C 76 -13.73 2.37 31.91
CA GLY C 76 -13.66 3.58 32.73
C GLY C 76 -13.94 3.48 34.20
N GLU C 77 -14.94 4.21 34.65
CA GLU C 77 -15.33 4.22 36.07
C GLU C 77 -16.28 3.07 36.33
N PHE C 78 -16.32 2.59 37.57
CA PHE C 78 -17.27 1.53 37.90
C PHE C 78 -17.28 1.20 39.39
N TRP C 79 -18.37 0.59 39.80
CA TRP C 79 -18.49 -0.06 41.10
C TRP C 79 -18.76 -1.55 40.83
N LEU C 80 -17.93 -2.43 41.40
CA LEU C 80 -18.00 -3.85 41.06
C LEU C 80 -19.32 -4.49 41.49
N GLY C 81 -20.03 -3.86 42.42
CA GLY C 81 -21.31 -4.40 42.90
C GLY C 81 -21.20 -5.02 44.27
N ASN C 82 -22.18 -4.78 45.12
CA ASN C 82 -22.06 -5.19 46.50
C ASN C 82 -22.08 -6.70 46.68
N ASP C 83 -22.84 -7.41 45.85
CA ASP C 83 -22.84 -8.87 45.95
C ASP C 83 -21.45 -9.41 45.68
N ASN C 84 -20.83 -8.92 44.62
CA ASN C 84 -19.48 -9.32 44.27
C ASN C 84 -18.43 -8.93 45.32
N ILE C 85 -18.58 -7.74 45.88
CA ILE C 85 -17.61 -7.28 46.87
C ILE C 85 -17.71 -8.17 48.10
N HIS C 86 -18.92 -8.64 48.38
CA HIS C 86 -19.11 -9.55 49.47
C HIS C 86 -18.53 -10.91 49.11
N ALA C 87 -18.96 -11.43 47.97
CA ALA C 87 -18.42 -12.70 47.50
C ALA C 87 -16.90 -12.72 47.65
N LEU C 88 -16.28 -11.60 47.24
CA LEU C 88 -14.81 -11.46 47.27
C LEU C 88 -14.21 -11.36 48.65
N THR C 89 -14.93 -10.82 49.63
CA THR C 89 -14.33 -10.69 50.96
C THR C 89 -14.87 -11.66 52.03
N ALA C 90 -15.84 -12.48 51.65
CA ALA C 90 -16.47 -13.51 52.51
C ALA C 90 -15.67 -14.01 53.72
N GLN C 91 -14.55 -14.70 53.49
CA GLN C 91 -13.68 -15.12 54.59
C GLN C 91 -12.60 -14.04 54.83
N GLY C 92 -13.04 -12.93 55.42
CA GLY C 92 -12.22 -11.74 55.62
C GLY C 92 -10.78 -11.98 56.06
N THR C 93 -9.92 -12.28 55.09
CA THR C 93 -8.49 -12.35 55.31
C THR C 93 -7.82 -11.39 54.31
N SER C 94 -8.63 -10.58 53.62
CA SER C 94 -8.11 -9.69 52.57
C SER C 94 -8.09 -8.19 52.91
N GLU C 95 -7.00 -7.51 52.59
CA GLU C 95 -6.82 -6.13 53.03
C GLU C 95 -7.25 -5.08 51.99
N LEU C 96 -7.42 -3.84 52.45
CA LEU C 96 -7.93 -2.77 51.62
C LEU C 96 -6.89 -1.69 51.37
N ARG C 97 -6.83 -1.24 50.13
CA ARG C 97 -6.04 -0.06 49.79
C ARG C 97 -6.96 0.93 49.10
N THR C 98 -6.73 2.21 49.40
CA THR C 98 -7.47 3.32 48.83
C THR C 98 -6.47 4.23 48.19
N ASP C 99 -6.58 4.44 46.87
CA ASP C 99 -5.61 5.27 46.17
C ASP C 99 -6.31 6.49 45.61
N LEU C 100 -5.84 7.68 46.01
CA LEU C 100 -6.41 8.93 45.56
C LEU C 100 -5.37 9.70 44.81
N VAL C 101 -5.75 10.23 43.64
CA VAL C 101 -4.89 11.13 42.85
C VAL C 101 -5.69 12.43 42.70
N ASP C 102 -5.06 13.57 42.99
CA ASP C 102 -5.69 14.89 42.91
C ASP C 102 -5.53 15.47 41.51
N PHE C 103 -5.98 16.72 41.35
CA PHE C 103 -5.93 17.30 40.01
C PHE C 103 -4.62 17.91 39.62
N GLU C 104 -3.63 17.86 40.49
CA GLU C 104 -2.26 18.25 40.17
C GLU C 104 -1.39 17.01 40.18
N ASP C 105 -2.02 15.84 40.10
CA ASP C 105 -1.31 14.56 40.07
C ASP C 105 -0.53 14.23 41.31
N ASN C 106 -1.00 14.67 42.47
CA ASN C 106 -0.35 14.25 43.70
C ASN C 106 -1.07 13.06 44.29
N TYR C 107 -0.32 11.99 44.52
CA TYR C 107 -0.88 10.73 44.98
C TYR C 107 -0.90 10.62 46.52
N GLN C 108 -1.98 10.10 47.07
CA GLN C 108 -2.02 9.71 48.49
C GLN C 108 -2.84 8.46 48.63
N PHE C 109 -2.76 7.81 49.78
CA PHE C 109 -3.39 6.51 49.94
C PHE C 109 -3.65 6.13 51.38
N ALA C 110 -4.38 5.04 51.58
CA ALA C 110 -4.57 4.49 52.91
C ALA C 110 -4.80 2.99 52.88
N LYS C 111 -4.27 2.31 53.89
CA LYS C 111 -4.24 0.86 53.92
C LYS C 111 -4.81 0.34 55.23
N TYR C 112 -5.74 -0.62 55.13
CA TYR C 112 -6.31 -1.30 56.29
C TYR C 112 -5.93 -2.75 56.29
N ARG C 113 -5.84 -3.35 57.48
CA ARG C 113 -5.37 -4.72 57.64
C ARG C 113 -6.38 -5.74 57.11
N SER C 114 -7.66 -5.47 57.36
CA SER C 114 -8.72 -6.36 56.91
C SER C 114 -9.93 -5.54 56.49
N PHE C 115 -10.74 -6.10 55.59
CA PHE C 115 -11.88 -5.40 55.04
C PHE C 115 -12.87 -6.43 54.56
N LYS C 116 -14.10 -6.34 55.06
CA LYS C 116 -15.11 -7.33 54.74
C LYS C 116 -16.47 -6.63 54.63
N VAL C 117 -17.28 -6.98 53.64
CA VAL C 117 -18.67 -6.52 53.70
C VAL C 117 -19.59 -7.73 53.83
N ALA C 118 -20.54 -7.62 54.76
CA ALA C 118 -21.52 -8.67 54.97
C ALA C 118 -22.43 -8.79 53.75
N ASP C 119 -23.37 -9.72 53.78
CA ASP C 119 -24.29 -9.89 52.64
C ASP C 119 -25.48 -8.93 52.78
N GLU C 120 -26.35 -8.98 51.78
CA GLU C 120 -27.53 -8.11 51.72
C GLU C 120 -28.41 -8.23 52.97
N ALA C 121 -28.56 -9.44 53.49
CA ALA C 121 -29.36 -9.59 54.70
C ALA C 121 -28.88 -8.62 55.78
N GLU C 122 -27.58 -8.54 56.01
CA GLU C 122 -27.09 -7.57 56.97
C GLU C 122 -26.69 -6.32 56.20
N LYS C 123 -27.51 -5.98 55.21
CA LYS C 123 -27.34 -4.77 54.43
C LYS C 123 -25.87 -4.36 54.23
N TYR C 124 -25.13 -5.27 53.57
CA TYR C 124 -23.74 -5.03 53.18
C TYR C 124 -22.90 -4.33 54.25
N ASN C 125 -23.04 -4.78 55.49
CA ASN C 125 -22.38 -4.15 56.63
C ASN C 125 -20.88 -4.11 56.44
N LEU C 126 -20.23 -3.05 56.96
CA LEU C 126 -18.78 -2.88 56.82
C LEU C 126 -17.97 -3.46 57.99
N VAL C 127 -17.21 -4.54 57.78
CA VAL C 127 -16.25 -4.95 58.79
C VAL C 127 -14.85 -4.52 58.39
N LEU C 128 -14.31 -3.55 59.12
CA LEU C 128 -13.01 -3.02 58.75
C LEU C 128 -12.05 -3.28 59.90
N GLY C 129 -10.97 -4.01 59.64
CA GLY C 129 -9.89 -4.18 60.62
C GLY C 129 -9.09 -2.89 60.79
N ALA C 130 -7.90 -2.98 61.35
CA ALA C 130 -7.16 -1.79 61.79
C ALA C 130 -6.60 -0.92 60.66
N PHE C 131 -6.43 0.37 60.95
CA PHE C 131 -5.68 1.25 60.05
C PHE C 131 -4.18 0.94 60.21
N VAL C 132 -3.53 0.52 59.12
CA VAL C 132 -2.08 0.27 59.19
C VAL C 132 -1.26 1.52 58.89
N GLU C 133 -1.67 2.28 57.87
CA GLU C 133 -0.97 3.55 57.55
C GLU C 133 -1.52 4.22 56.29
N GLY C 134 -0.84 5.27 55.85
CA GLY C 134 -1.20 5.91 54.60
C GLY C 134 -1.19 7.42 54.67
N SER C 135 -0.89 8.06 53.53
CA SER C 135 -0.70 9.51 53.51
C SER C 135 -2.02 10.26 53.44
N ALA C 136 -3.11 9.51 53.22
CA ALA C 136 -4.44 10.08 53.07
C ALA C 136 -5.10 10.26 54.43
N GLY C 137 -4.50 9.63 55.44
CA GLY C 137 -5.06 9.63 56.78
C GLY C 137 -6.15 8.60 56.84
N ASP C 138 -6.60 8.28 58.05
CA ASP C 138 -7.70 7.34 58.18
C ASP C 138 -9.04 8.03 58.28
N SER C 139 -9.77 8.01 57.18
CA SER C 139 -11.16 8.49 57.12
C SER C 139 -12.09 7.37 56.67
N LEU C 140 -11.78 6.12 57.02
CA LEU C 140 -12.77 5.05 56.89
C LEU C 140 -13.10 4.36 58.21
N THR C 141 -12.18 4.38 59.18
CA THR C 141 -12.42 3.64 60.40
C THR C 141 -13.71 4.13 61.00
N PHE C 142 -13.91 5.44 60.88
CA PHE C 142 -15.03 6.14 61.46
C PHE C 142 -16.34 5.48 61.04
N HIS C 143 -16.30 4.77 59.92
CA HIS C 143 -17.50 4.16 59.33
C HIS C 143 -17.65 2.66 59.62
N ASN C 144 -16.78 2.09 60.45
CA ASN C 144 -16.88 0.68 60.86
C ASN C 144 -18.22 0.28 61.50
N ASN C 145 -18.73 -0.89 61.10
CA ASN C 145 -19.86 -1.50 61.77
C ASN C 145 -21.13 -0.75 61.41
N GLN C 146 -21.32 -0.49 60.12
CA GLN C 146 -22.42 0.33 59.69
C GLN C 146 -23.01 -0.15 58.37
N SER C 147 -24.34 -0.13 58.27
CA SER C 147 -25.03 -0.52 57.03
C SER C 147 -24.68 0.41 55.85
N PHE C 148 -24.82 -0.11 54.64
CA PHE C 148 -24.57 0.66 53.43
C PHE C 148 -25.90 1.27 53.03
N SER C 149 -25.90 2.57 52.75
CA SER C 149 -27.14 3.25 52.37
C SER C 149 -27.10 3.88 50.98
N THR C 150 -28.24 3.87 50.29
CA THR C 150 -28.42 4.70 49.10
C THR C 150 -29.73 5.45 49.14
N LYS C 151 -29.84 6.46 48.27
CA LYS C 151 -31.02 7.34 48.23
C LYS C 151 -32.37 6.67 48.50
N ASP C 152 -32.62 5.51 47.88
CA ASP C 152 -33.90 4.81 48.05
C ASP C 152 -33.90 3.82 49.24
N GLN C 153 -32.76 3.67 49.93
CA GLN C 153 -32.72 2.83 51.11
C GLN C 153 -31.89 3.41 52.27
N ASP C 154 -32.43 3.78 53.12
CA ASP C 154 -31.78 4.50 54.20
C ASP C 154 -31.49 3.59 55.39
N ASN C 155 -30.34 3.59 55.74
CA ASN C 155 -29.93 2.72 56.84
C ASN C 155 -28.92 3.45 57.73
N ASP C 156 -28.88 4.78 57.67
CA ASP C 156 -27.90 5.57 58.41
C ASP C 156 -28.37 5.99 59.79
N LEU C 157 -27.52 6.74 60.50
CA LEU C 157 -27.83 7.18 61.84
C LEU C 157 -28.21 8.65 61.81
N ASN C 158 -28.78 9.09 60.70
CA ASN C 158 -29.23 10.46 60.58
C ASN C 158 -30.66 10.84 60.28
N THR C 159 -31.32 11.50 61.22
CA THR C 159 -32.75 11.74 61.19
C THR C 159 -33.19 12.10 59.77
N GLY C 160 -32.23 12.38 58.90
CA GLY C 160 -32.50 12.62 57.49
C GLY C 160 -31.82 11.58 56.60
N ASN C 161 -31.85 11.81 55.29
CA ASN C 161 -31.34 10.85 54.33
C ASN C 161 -29.94 11.26 53.82
N CYS C 162 -28.90 10.63 54.38
CA CYS C 162 -27.53 11.00 54.10
C CYS C 162 -27.13 10.92 52.62
N ALA C 163 -27.66 9.93 51.90
CA ALA C 163 -27.29 9.74 50.48
C ALA C 163 -27.76 10.92 49.63
N VAL C 164 -28.96 11.43 49.91
CA VAL C 164 -29.45 12.62 49.25
C VAL C 164 -28.62 13.85 49.66
N MET C 165 -28.36 13.97 50.96
CA MET C 165 -27.74 15.21 51.43
C MET C 165 -26.33 15.32 50.89
N PHE C 166 -25.73 14.17 50.55
CA PHE C 166 -24.35 14.16 50.05
C PHE C 166 -24.14 13.46 48.72
N GLN C 167 -25.24 13.31 47.99
CA GLN C 167 -25.23 12.72 46.66
C GLN C 167 -24.20 11.59 46.51
N GLY C 168 -24.44 10.49 47.19
CA GLY C 168 -23.54 9.36 47.14
C GLY C 168 -24.23 8.07 47.55
N ALA C 169 -23.41 7.07 47.86
CA ALA C 169 -23.87 5.77 48.33
C ALA C 169 -22.73 5.27 49.18
N TRP C 170 -23.02 4.88 50.41
CA TRP C 170 -21.95 4.66 51.36
C TRP C 170 -22.42 4.12 52.72
N TRP C 171 -21.46 3.67 53.51
CA TRP C 171 -21.74 3.16 54.84
C TRP C 171 -21.95 4.36 55.76
N TYR C 172 -23.03 5.09 55.51
CA TYR C 172 -23.23 6.42 56.10
C TYR C 172 -23.71 6.33 57.53
N LYS C 173 -23.15 7.17 58.40
CA LYS C 173 -23.59 7.29 59.79
C LYS C 173 -24.34 8.59 59.99
N ASN C 174 -23.62 9.63 60.39
CA ASN C 174 -24.22 10.94 60.61
C ASN C 174 -23.33 12.15 60.29
N CYS C 175 -22.86 12.30 59.04
CA CYS C 175 -23.10 11.35 57.95
C CYS C 175 -21.84 10.65 57.49
N HIS C 176 -20.77 11.41 57.22
CA HIS C 176 -19.57 10.77 56.71
C HIS C 176 -18.28 11.54 56.91
N THR C 177 -17.15 10.83 56.91
CA THR C 177 -15.86 11.49 56.83
C THR C 177 -15.19 11.20 55.48
N SER C 178 -15.68 10.18 54.77
CA SER C 178 -15.23 9.87 53.42
C SER C 178 -16.47 9.62 52.54
N ASN C 179 -16.38 9.97 51.26
CA ASN C 179 -17.56 9.93 50.41
C ASN C 179 -17.15 9.58 49.01
N LEU C 180 -16.41 8.50 48.87
CA LEU C 180 -15.72 8.20 47.62
C LEU C 180 -16.66 7.92 46.45
N ASN C 181 -17.94 7.69 46.75
CA ASN C 181 -18.92 7.54 45.68
C ASN C 181 -19.73 8.81 45.42
N GLY C 182 -19.22 9.96 45.87
CA GLY C 182 -19.90 11.24 45.69
C GLY C 182 -19.76 11.79 44.27
N ARG C 183 -20.19 13.03 44.06
CA ARG C 183 -20.20 13.58 42.72
C ARG C 183 -18.82 13.98 42.24
N TYR C 184 -18.54 13.75 40.96
CA TYR C 184 -17.26 14.09 40.41
C TYR C 184 -17.15 15.62 40.22
N LEU C 185 -16.81 16.33 41.28
CA LEU C 185 -16.83 17.81 41.24
C LEU C 185 -15.55 18.51 40.72
N ARG C 186 -14.44 17.79 40.52
CA ARG C 186 -13.24 18.35 39.85
C ARG C 186 -12.37 19.32 40.66
N GLY C 187 -11.94 18.89 41.81
CA GLY C 187 -11.12 19.79 42.61
C GLY C 187 -11.88 20.51 43.70
N THR C 188 -11.59 21.79 43.88
CA THR C 188 -12.21 22.57 44.95
C THR C 188 -13.64 22.90 44.58
N HIS C 189 -14.56 22.65 45.52
CA HIS C 189 -15.96 22.97 45.33
C HIS C 189 -16.55 23.68 46.54
N GLY C 190 -17.44 24.63 46.30
CA GLY C 190 -18.13 25.33 47.38
C GLY C 190 -19.03 24.40 48.17
N SER C 191 -19.90 23.65 47.48
CA SER C 191 -20.82 22.72 48.12
C SER C 191 -20.13 21.87 49.16
N PHE C 192 -20.87 21.53 50.23
CA PHE C 192 -20.29 20.87 51.37
C PHE C 192 -20.31 19.34 51.33
N ALA C 193 -19.13 18.75 51.27
CA ALA C 193 -18.94 17.32 51.51
C ALA C 193 -19.75 16.39 50.59
N ASN C 194 -20.16 16.88 49.42
CA ASN C 194 -20.86 16.03 48.45
C ASN C 194 -20.00 15.64 47.25
N GLY C 195 -18.67 15.69 47.41
CA GLY C 195 -17.77 15.28 46.34
C GLY C 195 -17.09 13.95 46.65
N ILE C 196 -16.13 13.58 45.81
CA ILE C 196 -15.25 12.47 46.09
C ILE C 196 -14.28 12.95 47.18
N ASN C 197 -14.74 12.88 48.43
CA ASN C 197 -14.03 13.50 49.53
C ASN C 197 -13.47 12.51 50.54
N TRP C 198 -12.29 12.85 51.07
CA TRP C 198 -11.64 12.09 52.13
C TRP C 198 -11.19 13.13 53.14
N LYS C 199 -11.82 13.14 54.31
CA LYS C 199 -11.67 14.25 55.25
C LYS C 199 -10.24 14.51 55.71
N SER C 200 -9.51 13.47 56.09
CA SER C 200 -8.13 13.64 56.53
C SER C 200 -7.17 13.82 55.34
N GLY C 201 -7.70 13.63 54.12
CA GLY C 201 -6.95 13.84 52.89
C GLY C 201 -7.01 15.30 52.46
N LYS C 202 -7.81 15.58 51.43
CA LYS C 202 -7.90 16.92 50.88
C LYS C 202 -9.12 17.68 51.41
N GLY C 203 -9.80 17.11 52.40
CA GLY C 203 -10.88 17.81 53.09
C GLY C 203 -12.29 17.62 52.57
N TYR C 204 -13.23 18.40 53.09
CA TYR C 204 -14.65 18.29 52.72
C TYR C 204 -15.03 19.10 51.46
N ASN C 205 -14.06 19.82 50.91
CA ASN C 205 -14.33 20.74 49.83
C ASN C 205 -13.39 20.54 48.67
N TYR C 206 -12.86 19.33 48.56
CA TYR C 206 -12.00 18.97 47.44
C TYR C 206 -12.33 17.59 46.91
N SER C 207 -12.56 17.51 45.60
CA SER C 207 -13.00 16.25 45.00
C SER C 207 -11.90 15.68 44.11
N TYR C 208 -11.33 14.56 44.55
CA TYR C 208 -10.17 13.97 43.89
C TYR C 208 -10.37 13.72 42.40
N LYS C 209 -9.27 13.72 41.64
CA LYS C 209 -9.34 13.40 40.22
C LYS C 209 -9.45 11.91 39.98
N VAL C 210 -8.77 11.13 40.83
CA VAL C 210 -8.79 9.68 40.69
C VAL C 210 -9.00 9.03 42.04
N SER C 211 -9.75 7.93 42.06
CA SER C 211 -9.97 7.19 43.29
C SER C 211 -10.11 5.71 43.01
N GLU C 212 -9.39 4.88 43.75
CA GLU C 212 -9.53 3.43 43.58
C GLU C 212 -9.58 2.69 44.91
N MET C 213 -10.51 1.76 45.02
CA MET C 213 -10.61 0.94 46.22
C MET C 213 -10.37 -0.51 45.80
N LYS C 214 -9.44 -1.18 46.47
CA LYS C 214 -8.94 -2.46 45.99
C LYS C 214 -8.52 -3.42 47.11
N VAL C 215 -8.65 -4.72 46.86
CA VAL C 215 -8.37 -5.72 47.89
C VAL C 215 -7.31 -6.76 47.49
N ARG C 216 -6.64 -7.31 48.48
CA ARG C 216 -5.64 -8.37 48.23
C ARG C 216 -5.58 -9.30 49.45
N PRO C 217 -5.37 -10.60 49.25
CA PRO C 217 -5.24 -11.45 50.45
C PRO C 217 -4.05 -10.97 51.30
N ALA C 218 -4.20 -10.93 52.61
CA ALA C 218 -3.16 -10.39 53.50
C ALA C 218 -2.09 -11.42 53.74
N THR D 5 5.45 14.71 -1.99
CA THR D 5 4.83 14.76 -3.35
C THR D 5 4.26 13.39 -3.82
N GLY D 6 5.12 12.49 -4.33
CA GLY D 6 4.67 11.19 -4.89
C GLY D 6 5.70 10.05 -4.95
N PRO D 7 5.52 9.10 -5.89
CA PRO D 7 6.23 7.80 -5.93
C PRO D 7 7.73 7.87 -6.13
N ARG D 8 8.46 7.21 -5.22
CA ARG D 8 9.93 7.28 -5.18
C ARG D 8 10.63 6.06 -5.81
N THR D 9 9.92 4.96 -5.96
CA THR D 9 10.59 3.75 -6.41
C THR D 9 9.67 2.90 -7.24
N CYS D 10 10.22 1.95 -7.99
CA CYS D 10 9.39 0.98 -8.68
C CYS D 10 8.56 0.18 -7.67
N LYS D 11 9.12 -0.04 -6.48
CA LYS D 11 8.38 -0.66 -5.38
C LYS D 11 7.06 0.08 -5.06
N ASP D 12 7.11 1.40 -4.96
CA ASP D 12 5.92 2.20 -4.66
C ASP D 12 4.86 1.98 -5.73
N LEU D 13 5.30 2.10 -6.98
CA LEU D 13 4.40 1.96 -8.12
C LEU D 13 3.68 0.62 -8.10
N LEU D 14 4.41 -0.45 -7.75
CA LEU D 14 3.79 -1.77 -7.60
C LEU D 14 2.75 -1.74 -6.49
N ASP D 15 3.11 -1.16 -5.35
CA ASP D 15 2.20 -1.00 -4.21
C ASP D 15 0.91 -0.26 -4.63
N ARG D 16 1.04 0.77 -5.47
CA ARG D 16 -0.14 1.47 -5.90
C ARG D 16 -0.82 0.88 -7.13
N GLY D 17 -0.40 -0.31 -7.57
CA GLY D 17 -1.19 -1.07 -8.53
C GLY D 17 -0.81 -1.01 -10.00
N HIS D 18 0.43 -0.65 -10.29
CA HIS D 18 0.96 -0.80 -11.63
C HIS D 18 1.60 -2.18 -11.76
N PHE D 19 0.86 -3.13 -12.32
CA PHE D 19 1.32 -4.51 -12.33
C PHE D 19 2.16 -4.89 -13.54
N LEU D 20 2.22 -3.99 -14.52
CA LEU D 20 2.90 -4.24 -15.79
C LEU D 20 4.28 -3.62 -15.84
N SER D 21 5.31 -4.43 -16.09
CA SER D 21 6.66 -3.92 -16.30
C SER D 21 6.65 -2.82 -17.37
N GLY D 22 7.49 -1.80 -17.20
CA GLY D 22 7.55 -0.73 -18.19
C GLY D 22 8.23 0.53 -17.69
N TRP D 23 8.21 1.58 -18.51
CA TRP D 23 8.87 2.82 -18.14
C TRP D 23 7.93 3.75 -17.41
N HIS D 24 8.17 3.93 -16.12
CA HIS D 24 7.39 4.89 -15.30
C HIS D 24 8.31 5.97 -14.79
N THR D 25 7.77 7.16 -14.57
CA THR D 25 8.57 8.20 -13.95
C THR D 25 8.45 8.14 -12.41
N ILE D 26 9.59 8.27 -11.72
CA ILE D 26 9.63 8.27 -10.26
C ILE D 26 10.32 9.54 -9.80
N TYR D 27 10.40 9.67 -8.48
CA TYR D 27 11.04 10.84 -7.84
C TYR D 27 12.18 10.46 -6.89
N LEU D 28 13.38 10.96 -7.22
CA LEU D 28 14.62 10.69 -6.46
C LEU D 28 14.71 11.54 -5.19
N PRO D 29 15.17 10.94 -4.06
CA PRO D 29 15.10 11.61 -2.74
C PRO D 29 15.35 13.12 -2.74
N ASP D 30 15.85 13.66 -3.85
CA ASP D 30 16.10 15.11 -4.00
C ASP D 30 14.98 15.80 -4.79
N CYS D 31 14.07 14.96 -5.31
CA CYS D 31 12.87 15.39 -6.03
C CYS D 31 13.06 15.63 -7.52
N ARG D 32 14.21 15.23 -8.06
CA ARG D 32 14.37 15.26 -9.52
C ARG D 32 13.60 14.09 -10.18
N PRO D 33 12.71 14.41 -11.14
CA PRO D 33 11.91 13.43 -11.90
C PRO D 33 12.74 12.60 -12.87
N LEU D 34 12.82 11.30 -12.65
CA LEU D 34 13.50 10.40 -13.59
C LEU D 34 12.49 9.37 -14.07
N THR D 35 12.59 9.02 -15.36
CA THR D 35 11.77 7.98 -15.95
C THR D 35 12.62 6.70 -16.02
N VAL D 36 12.20 5.65 -15.30
CA VAL D 36 12.95 4.41 -15.14
C VAL D 36 12.17 3.20 -15.64
N LEU D 37 12.87 2.10 -15.88
CA LEU D 37 12.22 0.84 -16.26
C LEU D 37 11.92 0.04 -15.00
N CYS D 38 10.67 -0.34 -14.80
CA CYS D 38 10.28 -1.12 -13.63
C CYS D 38 9.99 -2.55 -14.00
N ASP D 39 10.74 -3.49 -13.42
CA ASP D 39 10.45 -4.92 -13.61
C ASP D 39 9.45 -5.31 -12.52
N MET D 40 8.19 -5.44 -12.92
CA MET D 40 7.10 -5.76 -11.98
C MET D 40 6.87 -7.26 -11.90
N ASP D 41 7.66 -8.04 -12.65
CA ASP D 41 7.44 -9.48 -12.70
C ASP D 41 8.39 -10.35 -11.89
N THR D 42 9.69 -10.08 -11.95
CA THR D 42 10.70 -10.95 -11.33
C THR D 42 10.71 -10.94 -9.79
N ASP D 43 10.76 -12.13 -9.21
CA ASP D 43 11.05 -12.32 -7.79
C ASP D 43 10.23 -11.38 -6.91
N GLY D 44 8.91 -11.40 -7.08
CA GLY D 44 8.03 -10.54 -6.30
C GLY D 44 7.75 -9.20 -6.95
N GLY D 45 8.64 -8.76 -7.84
CA GLY D 45 8.46 -7.50 -8.58
C GLY D 45 8.79 -6.25 -7.80
N GLY D 46 8.91 -5.12 -8.52
CA GLY D 46 9.17 -3.83 -7.87
C GLY D 46 10.60 -3.33 -7.98
N TRP D 47 11.30 -3.85 -9.00
CA TRP D 47 12.71 -3.56 -9.24
C TRP D 47 12.92 -2.44 -10.24
N THR D 48 13.87 -1.56 -9.95
CA THR D 48 14.24 -0.54 -10.90
C THR D 48 15.43 -1.08 -11.67
N VAL D 49 15.34 -1.07 -12.99
CA VAL D 49 16.40 -1.65 -13.81
C VAL D 49 17.35 -0.57 -14.22
N PHE D 50 18.64 -0.72 -13.90
CA PHE D 50 19.60 0.29 -14.28
C PHE D 50 20.52 -0.16 -15.41
N GLN D 51 20.44 -1.44 -15.77
CA GLN D 51 21.24 -2.00 -16.86
C GLN D 51 20.46 -3.08 -17.59
N ARG D 52 20.44 -2.98 -18.92
CA ARG D 52 19.79 -3.98 -19.75
C ARG D 52 20.52 -4.30 -21.08
N ARG D 53 20.86 -5.57 -21.29
CA ARG D 53 21.42 -6.02 -22.55
C ARG D 53 20.48 -7.09 -23.10
N VAL D 54 20.23 -7.08 -24.41
CA VAL D 54 19.19 -7.96 -24.94
C VAL D 54 19.38 -8.46 -26.38
N ASP D 55 20.18 -7.74 -27.17
CA ASP D 55 20.24 -8.02 -28.61
C ASP D 55 21.51 -7.50 -29.28
N GLY D 56 22.31 -6.76 -28.53
CA GLY D 56 23.58 -6.22 -29.03
C GLY D 56 23.43 -4.98 -29.90
N SER D 57 22.26 -4.35 -29.84
CA SER D 57 21.98 -3.17 -30.67
C SER D 57 22.74 -1.91 -30.24
N VAL D 58 23.15 -1.83 -28.97
CA VAL D 58 23.74 -0.59 -28.45
C VAL D 58 25.21 -0.72 -28.06
N ASP D 59 26.04 0.24 -28.46
CA ASP D 59 27.46 0.22 -28.15
C ASP D 59 27.69 0.54 -26.67
N PHE D 60 28.35 -0.38 -25.96
CA PHE D 60 28.59 -0.22 -24.53
C PHE D 60 30.04 0.07 -24.20
N TYR D 61 30.89 0.07 -25.22
CA TYR D 61 32.29 0.39 -25.02
C TYR D 61 32.45 1.92 -25.08
N ARG D 62 32.03 2.58 -24.00
CA ARG D 62 31.86 4.04 -24.00
C ARG D 62 32.73 4.78 -22.98
N ASP D 63 32.83 6.10 -23.14
CA ASP D 63 33.68 6.91 -22.26
C ASP D 63 33.02 7.35 -20.94
N TRP D 64 33.83 7.94 -20.06
CA TRP D 64 33.38 8.43 -18.76
C TRP D 64 32.13 9.32 -18.78
N ALA D 65 32.13 10.36 -19.62
CA ALA D 65 31.00 11.27 -19.68
C ALA D 65 29.71 10.52 -20.02
N THR D 66 29.85 9.51 -20.87
CA THR D 66 28.71 8.75 -21.34
C THR D 66 28.19 7.84 -20.25
N TYR D 67 29.08 7.13 -19.56
CA TYR D 67 28.66 6.30 -18.42
C TYR D 67 28.13 7.14 -17.28
N LYS D 68 28.59 8.38 -17.21
CA LYS D 68 28.16 9.29 -16.15
C LYS D 68 26.68 9.63 -16.33
N GLN D 69 26.32 10.03 -17.56
CA GLN D 69 24.99 10.56 -17.81
C GLN D 69 23.95 9.52 -18.27
N GLY D 70 24.42 8.37 -18.73
CA GLY D 70 23.54 7.29 -19.18
C GLY D 70 23.47 7.25 -20.70
N PHE D 71 23.03 6.14 -21.26
CA PHE D 71 22.98 5.99 -22.72
C PHE D 71 22.19 4.77 -23.13
N GLY D 72 21.77 4.75 -24.40
CA GLY D 72 20.97 3.64 -24.92
C GLY D 72 19.56 4.09 -25.19
N SER D 73 18.63 3.14 -25.19
CA SER D 73 17.26 3.39 -25.65
C SER D 73 16.21 2.71 -24.77
N ARG D 74 15.16 3.44 -24.42
CA ARG D 74 14.08 2.85 -23.65
C ARG D 74 13.48 1.68 -24.41
N LEU D 75 13.64 1.68 -25.74
CA LEU D 75 13.13 0.58 -26.54
C LEU D 75 14.02 -0.66 -26.44
N GLY D 76 15.21 -0.53 -25.87
CA GLY D 76 16.17 -1.63 -25.92
C GLY D 76 17.19 -1.74 -24.81
N GLU D 77 18.46 -1.70 -25.18
CA GLU D 77 19.55 -1.82 -24.22
C GLU D 77 19.86 -0.43 -23.65
N PHE D 78 20.39 -0.38 -22.44
CA PHE D 78 20.76 0.90 -21.86
C PHE D 78 21.51 0.76 -20.53
N TRP D 79 22.24 1.82 -20.20
CA TRP D 79 22.80 2.02 -18.88
C TRP D 79 22.17 3.29 -18.31
N LEU D 80 21.57 3.20 -17.14
CA LEU D 80 20.79 4.32 -16.60
C LEU D 80 21.65 5.55 -16.29
N GLY D 81 22.96 5.35 -16.16
CA GLY D 81 23.86 6.47 -15.87
C GLY D 81 24.33 6.48 -14.43
N ASN D 82 25.60 6.76 -14.22
CA ASN D 82 26.16 6.59 -12.89
C ASN D 82 25.62 7.62 -11.89
N ASP D 83 25.34 8.84 -12.34
CA ASP D 83 24.76 9.82 -11.43
C ASP D 83 23.41 9.33 -10.93
N ASN D 84 22.58 8.85 -11.83
CA ASN D 84 21.28 8.30 -11.47
C ASN D 84 21.37 7.07 -10.57
N ILE D 85 22.32 6.19 -10.87
CA ILE D 85 22.44 4.97 -10.09
C ILE D 85 22.86 5.34 -8.66
N HIS D 86 23.64 6.41 -8.55
CA HIS D 86 24.02 6.89 -7.24
C HIS D 86 22.81 7.54 -6.57
N ALA D 87 22.19 8.48 -7.28
CA ALA D 87 21.00 9.13 -6.76
C ALA D 87 20.06 8.08 -6.17
N LEU D 88 20.05 6.93 -6.81
CA LEU D 88 19.00 5.97 -6.65
C LEU D 88 19.34 4.98 -5.55
N THR D 89 20.58 5.02 -5.07
CA THR D 89 21.04 4.03 -4.08
C THR D 89 21.70 4.61 -2.82
N ALA D 90 21.60 5.93 -2.64
CA ALA D 90 22.25 6.59 -1.49
C ALA D 90 21.47 6.44 -0.18
N GLN D 91 20.16 6.72 -0.21
CA GLN D 91 19.30 6.68 0.99
C GLN D 91 18.44 5.40 1.11
N GLY D 92 18.13 5.01 2.37
CA GLY D 92 17.45 3.73 2.65
C GLY D 92 18.35 2.60 2.18
N THR D 93 17.81 1.41 1.96
CA THR D 93 18.68 0.30 1.51
C THR D 93 18.18 -0.48 0.31
N SER D 94 18.86 -0.30 -0.82
CA SER D 94 18.55 -1.03 -2.05
C SER D 94 19.37 -2.31 -2.16
N GLU D 95 18.75 -3.35 -2.67
CA GLU D 95 19.38 -4.65 -2.80
C GLU D 95 19.53 -5.04 -4.28
N LEU D 96 20.75 -5.44 -4.65
CA LEU D 96 21.00 -5.81 -6.02
C LEU D 96 20.44 -7.19 -6.30
N ARG D 97 19.94 -7.37 -7.52
CA ARG D 97 19.63 -8.69 -8.05
C ARG D 97 19.93 -8.65 -9.56
N THR D 98 20.58 -9.70 -10.06
CA THR D 98 21.06 -9.72 -11.45
C THR D 98 20.43 -10.88 -12.18
N ASP D 99 19.95 -10.63 -13.39
CA ASP D 99 19.32 -11.68 -14.17
C ASP D 99 20.06 -11.95 -15.47
N LEU D 100 20.40 -13.21 -15.67
CA LEU D 100 21.21 -13.64 -16.78
C LEU D 100 20.51 -14.74 -17.55
N VAL D 101 20.47 -14.59 -18.87
CA VAL D 101 19.93 -15.64 -19.72
C VAL D 101 21.01 -15.98 -20.75
N ASP D 102 21.28 -17.28 -20.91
CA ASP D 102 22.17 -17.70 -21.97
C ASP D 102 21.40 -17.97 -23.26
N PHE D 103 22.12 -18.39 -24.29
CA PHE D 103 21.50 -18.51 -25.59
C PHE D 103 20.62 -19.74 -25.72
N GLU D 104 20.97 -20.80 -24.99
CA GLU D 104 20.10 -21.99 -24.84
C GLU D 104 18.97 -21.72 -23.83
N ASP D 105 18.84 -20.46 -23.42
CA ASP D 105 17.80 -19.98 -22.48
C ASP D 105 17.84 -20.54 -21.05
N ASN D 106 18.96 -20.35 -20.35
CA ASN D 106 19.07 -20.78 -18.94
C ASN D 106 19.05 -19.60 -17.98
N TYR D 107 18.09 -19.59 -17.06
CA TYR D 107 17.69 -18.36 -16.37
C TYR D 107 18.36 -18.10 -15.02
N GLN D 108 19.69 -18.25 -14.96
CA GLN D 108 20.46 -18.00 -13.70
C GLN D 108 20.35 -16.58 -13.11
N PHE D 109 20.73 -16.46 -11.83
CA PHE D 109 20.66 -15.17 -11.11
C PHE D 109 21.62 -15.08 -9.89
N ALA D 110 21.78 -13.87 -9.37
CA ALA D 110 22.60 -13.60 -8.19
C ALA D 110 22.04 -12.37 -7.48
N LYS D 111 22.04 -12.40 -6.16
CA LYS D 111 21.26 -11.46 -5.38
C LYS D 111 22.07 -11.00 -4.19
N TYR D 112 22.01 -9.71 -3.92
CA TYR D 112 22.78 -9.13 -2.82
C TYR D 112 21.93 -8.35 -1.82
N ARG D 113 22.39 -8.38 -0.56
CA ARG D 113 21.69 -7.76 0.56
C ARG D 113 21.60 -6.26 0.36
N SER D 114 22.70 -5.65 -0.10
CA SER D 114 22.76 -4.20 -0.27
C SER D 114 23.69 -3.84 -1.42
N PHE D 115 23.46 -2.69 -2.01
CA PHE D 115 24.22 -2.27 -3.19
C PHE D 115 24.16 -0.76 -3.27
N LYS D 116 25.32 -0.13 -3.30
CA LYS D 116 25.39 1.32 -3.29
C LYS D 116 26.56 1.77 -4.18
N VAL D 117 26.36 2.81 -4.97
CA VAL D 117 27.54 3.41 -5.60
C VAL D 117 27.72 4.83 -5.09
N ALA D 118 28.95 5.17 -4.73
CA ALA D 118 29.27 6.50 -4.26
C ALA D 118 29.11 7.50 -5.41
N ASP D 119 29.37 8.78 -5.13
CA ASP D 119 29.25 9.80 -6.17
C ASP D 119 30.54 9.90 -6.97
N GLU D 120 30.53 10.78 -7.98
CA GLU D 120 31.68 10.97 -8.86
C GLU D 120 32.96 11.34 -8.11
N ALA D 121 32.83 12.14 -7.07
CA ALA D 121 34.02 12.47 -6.29
C ALA D 121 34.75 11.19 -5.87
N GLU D 122 34.04 10.13 -5.48
CA GLU D 122 34.70 8.84 -5.20
C GLU D 122 34.60 7.82 -6.34
N LYS D 123 34.68 8.32 -7.57
CA LYS D 123 34.76 7.51 -8.78
C LYS D 123 33.64 6.46 -8.94
N TYR D 124 32.43 6.76 -8.45
CA TYR D 124 31.29 5.81 -8.47
C TYR D 124 31.63 4.47 -7.84
N ASN D 125 32.44 4.53 -6.80
CA ASN D 125 32.92 3.37 -6.05
C ASN D 125 31.82 2.35 -5.73
N LEU D 126 32.13 1.06 -5.87
CA LEU D 126 31.19 -0.02 -5.53
C LEU D 126 31.26 -0.43 -4.04
N VAL D 127 30.11 -0.31 -3.37
CA VAL D 127 29.96 -0.71 -1.96
C VAL D 127 28.87 -1.78 -1.91
N LEU D 128 29.29 -3.04 -1.70
CA LEU D 128 28.40 -4.21 -1.82
C LEU D 128 28.44 -5.13 -0.59
N GLY D 129 27.27 -5.66 -0.21
CA GLY D 129 27.18 -6.64 0.86
C GLY D 129 27.19 -8.09 0.40
N ALA D 130 26.83 -8.99 1.31
CA ALA D 130 26.89 -10.44 1.06
C ALA D 130 25.93 -10.97 -0.03
N PHE D 131 26.40 -12.01 -0.73
CA PHE D 131 25.57 -12.84 -1.57
C PHE D 131 24.41 -13.32 -0.70
N VAL D 132 23.20 -13.31 -1.23
CA VAL D 132 22.05 -13.87 -0.53
C VAL D 132 21.84 -15.28 -1.07
N GLU D 133 21.53 -15.38 -2.36
CA GLU D 133 21.38 -16.68 -3.02
C GLU D 133 21.51 -16.48 -4.53
N GLY D 134 21.49 -17.57 -5.29
CA GLY D 134 21.42 -17.44 -6.73
C GLY D 134 22.34 -18.37 -7.51
N SER D 135 21.77 -18.95 -8.56
CA SER D 135 22.41 -20.00 -9.35
C SER D 135 23.61 -19.54 -10.19
N ALA D 136 23.78 -18.23 -10.34
CA ALA D 136 24.92 -17.70 -11.10
C ALA D 136 26.18 -17.58 -10.22
N GLY D 137 26.09 -17.96 -8.96
CA GLY D 137 27.19 -17.78 -8.05
C GLY D 137 27.49 -16.31 -7.80
N ASP D 138 28.49 -16.06 -6.97
CA ASP D 138 28.88 -14.68 -6.62
C ASP D 138 30.08 -14.18 -7.46
N SER D 139 29.80 -13.46 -8.54
CA SER D 139 30.91 -12.96 -9.36
C SER D 139 31.04 -11.47 -9.31
N LEU D 140 30.67 -10.87 -8.16
CA LEU D 140 30.77 -9.42 -7.98
C LEU D 140 31.47 -9.00 -6.66
N THR D 141 31.34 -9.79 -5.61
CA THR D 141 31.98 -9.46 -4.34
C THR D 141 33.42 -9.04 -4.61
N PHE D 142 34.12 -9.84 -5.42
CA PHE D 142 35.49 -9.57 -5.91
C PHE D 142 35.82 -8.09 -6.22
N HIS D 143 34.84 -7.37 -6.76
CA HIS D 143 35.00 -6.01 -7.28
C HIS D 143 34.63 -4.91 -6.29
N ASN D 144 34.17 -5.32 -5.12
CA ASN D 144 33.74 -4.42 -4.05
C ASN D 144 34.86 -3.44 -3.59
N ASN D 145 34.47 -2.21 -3.19
CA ASN D 145 35.44 -1.19 -2.74
C ASN D 145 36.37 -0.74 -3.86
N GLN D 146 36.02 -1.11 -5.09
CA GLN D 146 36.78 -0.73 -6.28
C GLN D 146 36.13 0.42 -7.04
N SER D 147 36.94 1.28 -7.65
CA SER D 147 36.42 2.42 -8.41
C SER D 147 35.83 2.00 -9.76
N PHE D 148 35.16 2.94 -10.43
CA PHE D 148 34.70 2.71 -11.81
C PHE D 148 35.74 3.20 -12.84
N SER D 149 35.76 2.53 -13.99
CA SER D 149 36.77 2.77 -15.04
C SER D 149 36.16 2.63 -16.43
N THR D 150 36.53 3.56 -17.31
CA THR D 150 36.18 3.47 -18.72
C THR D 150 37.49 3.33 -19.48
N LYS D 151 37.40 3.16 -20.80
CA LYS D 151 38.58 3.10 -21.65
C LYS D 151 39.42 4.38 -21.54
N ASP D 152 38.75 5.49 -21.23
CA ASP D 152 39.41 6.81 -21.15
C ASP D 152 39.65 7.27 -19.72
N GLN D 153 39.36 6.39 -18.76
CA GLN D 153 39.68 6.66 -17.35
C GLN D 153 40.12 5.39 -16.60
N ASP D 154 41.41 5.32 -16.24
CA ASP D 154 41.99 4.13 -15.65
C ASP D 154 42.14 4.23 -14.13
N ASN D 155 41.04 4.02 -13.42
CA ASN D 155 41.07 4.02 -11.98
C ASN D 155 41.15 2.60 -11.45
N ASP D 156 41.71 1.71 -12.26
CA ASP D 156 41.82 0.29 -11.88
C ASP D 156 43.21 -0.12 -11.37
N LEU D 157 43.25 -1.20 -10.60
CA LEU D 157 44.45 -1.62 -9.87
C LEU D 157 45.47 -2.35 -10.75
N ASN D 158 45.21 -2.42 -12.04
CA ASN D 158 46.17 -2.92 -12.99
C ASN D 158 46.67 -1.77 -13.85
N THR D 159 47.95 -1.41 -13.72
CA THR D 159 48.50 -0.32 -14.50
C THR D 159 48.71 -0.74 -15.96
N GLY D 160 48.45 -2.02 -16.24
CA GLY D 160 48.14 -2.47 -17.58
C GLY D 160 46.63 -2.33 -17.68
N ASN D 161 46.15 -1.73 -18.76
CA ASN D 161 44.73 -1.31 -18.88
C ASN D 161 43.68 -2.43 -18.95
N CYS D 162 42.71 -2.37 -18.03
CA CYS D 162 41.59 -3.33 -17.95
C CYS D 162 40.44 -3.00 -18.91
N ALA D 163 39.96 -1.78 -18.83
CA ALA D 163 38.85 -1.35 -19.65
C ALA D 163 39.08 -1.69 -21.12
N VAL D 164 40.18 -1.18 -21.69
CA VAL D 164 40.49 -1.40 -23.11
C VAL D 164 40.80 -2.86 -23.45
N MET D 165 41.40 -3.59 -22.52
CA MET D 165 41.78 -4.97 -22.80
C MET D 165 40.53 -5.81 -22.91
N PHE D 166 39.49 -5.35 -22.23
CA PHE D 166 38.25 -6.09 -22.09
C PHE D 166 37.01 -5.31 -22.60
N GLN D 167 37.25 -4.44 -23.58
CA GLN D 167 36.28 -3.44 -24.00
C GLN D 167 34.98 -3.54 -23.21
N GLY D 168 34.90 -2.73 -22.17
CA GLY D 168 33.71 -2.61 -21.36
C GLY D 168 33.99 -1.52 -20.36
N ALA D 169 33.10 -1.37 -19.39
CA ALA D 169 33.33 -0.48 -18.25
C ALA D 169 32.88 -1.21 -16.99
N TRP D 170 33.64 -1.07 -15.92
CA TRP D 170 33.35 -1.81 -14.70
C TRP D 170 34.26 -1.30 -13.58
N TRP D 171 33.88 -1.54 -12.33
CA TRP D 171 34.79 -1.30 -11.19
C TRP D 171 35.97 -2.26 -11.27
N TYR D 172 36.67 -2.19 -12.40
CA TYR D 172 37.73 -3.12 -12.76
C TYR D 172 38.86 -3.12 -11.74
N LYS D 173 39.31 -4.31 -11.39
CA LYS D 173 40.33 -4.48 -10.36
C LYS D 173 41.69 -4.83 -10.96
N ASN D 174 41.88 -6.11 -11.28
CA ASN D 174 43.15 -6.60 -11.79
C ASN D 174 43.03 -7.97 -12.51
N CYS D 175 41.98 -8.18 -13.29
CA CYS D 175 40.95 -7.15 -13.50
C CYS D 175 39.53 -7.58 -13.14
N HIS D 176 39.02 -8.66 -13.73
CA HIS D 176 37.62 -8.95 -13.49
C HIS D 176 37.23 -10.41 -13.26
N THR D 177 36.07 -10.60 -12.63
CA THR D 177 35.36 -11.87 -12.61
C THR D 177 33.91 -11.72 -13.13
N SER D 178 33.46 -10.49 -13.41
CA SER D 178 32.22 -10.22 -14.14
C SER D 178 32.43 -9.01 -15.03
N ASN D 179 31.77 -8.97 -16.18
CA ASN D 179 32.05 -7.93 -17.16
C ASN D 179 30.79 -7.61 -17.92
N LEU D 180 29.73 -7.32 -17.18
CA LEU D 180 28.39 -7.26 -17.77
C LEU D 180 28.22 -6.13 -18.79
N ASN D 181 29.15 -5.19 -18.81
CA ASN D 181 29.11 -4.15 -19.84
C ASN D 181 30.09 -4.43 -21.00
N GLY D 182 30.49 -5.68 -21.15
CA GLY D 182 31.41 -6.07 -22.23
C GLY D 182 30.72 -6.18 -23.59
N ARG D 183 31.43 -6.71 -24.58
CA ARG D 183 30.89 -6.74 -25.93
C ARG D 183 29.84 -7.83 -26.09
N TYR D 184 28.80 -7.52 -26.86
CA TYR D 184 27.76 -8.48 -27.10
C TYR D 184 28.23 -9.57 -28.09
N LEU D 185 28.95 -10.56 -27.58
CA LEU D 185 29.58 -11.57 -28.45
C LEU D 185 28.71 -12.78 -28.87
N ARG D 186 27.54 -12.93 -28.26
CA ARG D 186 26.59 -13.92 -28.73
C ARG D 186 27.03 -15.37 -28.45
N GLY D 187 27.08 -15.75 -27.18
CA GLY D 187 27.38 -17.13 -26.82
C GLY D 187 28.87 -17.38 -26.63
N THR D 188 29.33 -18.53 -27.13
CA THR D 188 30.72 -18.91 -26.93
C THR D 188 31.62 -18.10 -27.85
N HIS D 189 32.69 -17.55 -27.26
CA HIS D 189 33.67 -16.77 -28.01
C HIS D 189 35.10 -17.18 -27.66
N GLY D 190 35.97 -17.17 -28.66
CA GLY D 190 37.38 -17.47 -28.44
C GLY D 190 38.06 -16.43 -27.57
N SER D 191 37.91 -15.17 -27.93
CA SER D 191 38.52 -14.05 -27.20
C SER D 191 38.27 -14.18 -25.69
N PHE D 192 39.25 -13.73 -24.91
CA PHE D 192 39.26 -13.95 -23.48
C PHE D 192 38.57 -12.87 -22.65
N ALA D 193 37.47 -13.24 -22.00
CA ALA D 193 36.87 -12.42 -20.95
C ALA D 193 36.46 -10.99 -21.36
N ASN D 194 36.26 -10.76 -22.66
CA ASN D 194 35.80 -9.46 -23.13
C ASN D 194 34.32 -9.46 -23.56
N GLY D 195 33.54 -10.43 -23.08
CA GLY D 195 32.12 -10.47 -23.39
C GLY D 195 31.26 -10.10 -22.20
N ILE D 196 29.95 -10.27 -22.34
CA ILE D 196 29.04 -10.15 -21.22
C ILE D 196 29.23 -11.41 -20.38
N ASN D 197 30.26 -11.38 -19.52
CA ASN D 197 30.72 -12.57 -18.81
C ASN D 197 30.47 -12.51 -17.31
N TRP D 198 30.14 -13.66 -16.75
CA TRP D 198 29.99 -13.85 -15.31
C TRP D 198 30.75 -15.13 -15.00
N LYS D 199 31.87 -15.02 -14.29
CA LYS D 199 32.80 -16.13 -14.16
C LYS D 199 32.22 -17.39 -13.53
N SER D 200 31.50 -17.25 -12.43
CA SER D 200 30.89 -18.41 -11.77
C SER D 200 29.62 -18.87 -12.50
N GLY D 201 29.17 -18.07 -13.48
CA GLY D 201 28.03 -18.41 -14.33
C GLY D 201 28.47 -19.28 -15.50
N LYS D 202 28.47 -18.73 -16.72
CA LYS D 202 28.88 -19.49 -17.91
C LYS D 202 30.33 -19.26 -18.31
N GLY D 203 31.10 -18.66 -17.41
CA GLY D 203 32.56 -18.59 -17.61
C GLY D 203 33.11 -17.36 -18.32
N TYR D 204 34.41 -17.41 -18.65
CA TYR D 204 35.10 -16.29 -19.30
C TYR D 204 34.98 -16.29 -20.82
N ASN D 205 34.30 -17.29 -21.37
CA ASN D 205 34.26 -17.48 -22.81
C ASN D 205 32.84 -17.67 -23.30
N TYR D 206 31.88 -17.16 -22.53
CA TYR D 206 30.48 -17.20 -22.92
C TYR D 206 29.79 -15.87 -22.65
N SER D 207 29.14 -15.32 -23.66
CA SER D 207 28.53 -14.01 -23.54
C SER D 207 27.00 -14.13 -23.56
N TYR D 208 26.38 -13.85 -22.42
CA TYR D 208 24.95 -14.05 -22.23
C TYR D 208 24.10 -13.36 -23.31
N LYS D 209 22.90 -13.91 -23.56
CA LYS D 209 21.96 -13.28 -24.49
C LYS D 209 21.24 -12.11 -23.84
N VAL D 210 20.95 -12.23 -22.55
CA VAL D 210 20.25 -11.17 -21.84
C VAL D 210 20.90 -10.92 -20.50
N SER D 211 20.93 -9.66 -20.08
CA SER D 211 21.49 -9.32 -18.78
C SER D 211 20.77 -8.12 -18.19
N GLU D 212 20.36 -8.20 -16.94
CA GLU D 212 19.71 -7.06 -16.28
C GLU D 212 20.21 -6.86 -14.86
N MET D 213 20.50 -5.61 -14.52
CA MET D 213 20.91 -5.29 -13.17
C MET D 213 19.88 -4.33 -12.59
N LYS D 214 19.35 -4.66 -11.42
CA LYS D 214 18.17 -3.98 -10.91
C LYS D 214 18.13 -3.88 -9.37
N VAL D 215 17.50 -2.82 -8.86
CA VAL D 215 17.47 -2.58 -7.42
C VAL D 215 16.08 -2.46 -6.82
N ARG D 216 15.95 -2.78 -5.55
CA ARG D 216 14.67 -2.65 -4.84
C ARG D 216 14.94 -2.37 -3.36
N PRO D 217 14.16 -1.46 -2.77
CA PRO D 217 14.29 -1.27 -1.33
C PRO D 217 14.17 -2.58 -0.51
N ALA D 218 15.17 -2.82 0.33
CA ALA D 218 15.16 -3.94 1.27
C ALA D 218 13.91 -3.92 2.15
N ASN E 1 -0.72 27.07 -20.27
CA ASN E 1 0.64 27.65 -20.08
C ASN E 1 1.81 26.87 -20.74
N PRO E 2 1.65 25.53 -20.94
CA PRO E 2 2.72 24.58 -21.31
C PRO E 2 3.43 24.75 -22.66
N CYS E 3 2.93 25.59 -23.56
CA CYS E 3 3.60 25.72 -24.86
C CYS E 3 4.95 26.38 -24.71
N LEU E 4 4.97 27.55 -24.08
CA LEU E 4 6.18 28.31 -23.91
C LEU E 4 7.13 27.68 -22.89
N THR E 5 6.58 27.00 -21.88
CA THR E 5 7.40 26.45 -20.79
C THR E 5 8.11 25.15 -21.14
N GLY E 6 7.62 24.46 -22.17
CA GLY E 6 8.09 23.12 -22.47
C GLY E 6 8.98 23.07 -23.70
N PRO E 7 9.57 21.90 -23.98
CA PRO E 7 10.53 21.62 -25.04
C PRO E 7 9.95 21.68 -26.43
N ARG E 8 10.76 22.04 -27.42
CA ARG E 8 10.32 22.04 -28.80
C ARG E 8 11.08 21.04 -29.67
N THR E 9 12.31 20.64 -29.27
CA THR E 9 13.02 19.64 -30.08
C THR E 9 13.60 18.58 -29.20
N CYS E 10 13.95 17.44 -29.79
CA CYS E 10 14.68 16.42 -29.04
C CYS E 10 16.01 16.99 -28.54
N LYS E 11 16.60 17.91 -29.30
CA LYS E 11 17.78 18.64 -28.86
C LYS E 11 17.60 19.32 -27.50
N ASP E 12 16.48 20.03 -27.33
CA ASP E 12 16.18 20.74 -26.08
C ASP E 12 16.15 19.74 -24.92
N LEU E 13 15.39 18.67 -25.12
CA LEU E 13 15.21 17.66 -24.11
C LEU E 13 16.55 17.09 -23.65
N LEU E 14 17.46 16.86 -24.59
CA LEU E 14 18.81 16.41 -24.26
C LEU E 14 19.52 17.46 -23.41
N ASP E 15 19.49 18.71 -23.89
CA ASP E 15 20.03 19.84 -23.15
C ASP E 15 19.41 19.81 -21.74
N ARG E 16 18.13 19.46 -21.66
CA ARG E 16 17.40 19.48 -20.39
C ARG E 16 17.72 18.30 -19.45
N GLY E 17 18.51 17.36 -19.93
CA GLY E 17 18.94 16.20 -19.13
C GLY E 17 18.15 14.91 -19.28
N HIS E 18 17.42 14.74 -20.37
CA HIS E 18 16.84 13.46 -20.71
C HIS E 18 17.84 12.68 -21.54
N PHE E 19 18.59 11.79 -20.91
CA PHE E 19 19.67 11.10 -21.61
C PHE E 19 19.27 9.80 -22.30
N LEU E 20 18.03 9.35 -22.04
CA LEU E 20 17.55 8.07 -22.56
C LEU E 20 16.66 8.24 -23.78
N SER E 21 17.02 7.59 -24.87
CA SER E 21 16.17 7.57 -26.06
C SER E 21 14.74 7.13 -25.71
N GLY E 22 13.75 7.71 -26.37
CA GLY E 22 12.37 7.34 -26.08
C GLY E 22 11.35 8.33 -26.60
N TRP E 23 10.08 8.09 -26.27
CA TRP E 23 9.01 8.95 -26.75
C TRP E 23 8.74 10.09 -25.78
N HIS E 24 9.10 11.30 -26.18
CA HIS E 24 8.82 12.50 -25.38
C HIS E 24 7.89 13.41 -26.16
N THR E 25 7.08 14.19 -25.46
CA THR E 25 6.27 15.17 -26.16
C THR E 25 7.03 16.52 -26.29
N ILE E 26 6.97 17.12 -27.49
CA ILE E 26 7.60 18.40 -27.76
C ILE E 26 6.54 19.36 -28.26
N TYR E 27 6.82 20.63 -28.41
CA TYR E 27 5.72 21.45 -28.88
C TYR E 27 5.98 22.08 -30.24
N LEU E 28 5.18 21.72 -31.24
CA LEU E 28 5.35 22.28 -32.57
C LEU E 28 5.44 23.80 -32.53
N PRO E 29 5.96 24.40 -33.59
CA PRO E 29 6.02 25.86 -33.61
C PRO E 29 4.65 26.52 -33.45
N ASP E 30 3.56 25.80 -33.72
CA ASP E 30 2.21 26.34 -33.63
C ASP E 30 1.57 25.99 -32.31
N CYS E 31 2.39 25.45 -31.41
CA CYS E 31 1.98 25.09 -30.04
C CYS E 31 1.32 23.72 -29.83
N ARG E 32 0.85 23.10 -30.89
CA ARG E 32 0.28 21.76 -30.78
C ARG E 32 1.30 20.74 -30.19
N PRO E 33 0.89 19.98 -29.17
CA PRO E 33 1.80 19.00 -28.63
C PRO E 33 1.94 17.83 -29.58
N LEU E 34 3.11 17.22 -29.64
CA LEU E 34 3.31 16.01 -30.46
C LEU E 34 4.31 15.04 -29.80
N THR E 35 3.93 13.77 -29.73
CA THR E 35 4.76 12.82 -29.03
C THR E 35 5.76 12.20 -30.02
N VAL E 36 7.05 12.58 -29.92
CA VAL E 36 8.04 12.11 -30.90
C VAL E 36 9.04 11.15 -30.27
N LEU E 37 9.73 10.38 -31.11
CA LEU E 37 10.80 9.50 -30.64
C LEU E 37 12.11 10.26 -30.69
N CYS E 38 12.82 10.33 -29.56
CA CYS E 38 14.12 11.03 -29.51
C CYS E 38 15.25 10.04 -29.42
N ASP E 39 16.14 10.06 -30.41
CA ASP E 39 17.37 9.27 -30.35
C ASP E 39 18.42 10.09 -29.61
N MET E 40 18.64 9.76 -28.35
CA MET E 40 19.59 10.49 -27.51
C MET E 40 20.98 9.88 -27.55
N ASP E 41 21.14 8.81 -28.34
CA ASP E 41 22.40 8.09 -28.36
C ASP E 41 23.32 8.36 -29.56
N THR E 42 22.76 8.36 -30.77
CA THR E 42 23.56 8.45 -31.99
C THR E 42 24.22 9.81 -32.24
N ASP E 43 25.51 9.77 -32.60
CA ASP E 43 26.22 10.93 -33.14
C ASP E 43 25.98 12.17 -32.30
N GLY E 44 26.24 12.09 -31.00
CA GLY E 44 26.03 13.24 -30.12
C GLY E 44 24.64 13.30 -29.51
N GLY E 45 23.67 12.67 -30.17
CA GLY E 45 22.30 12.61 -29.65
C GLY E 45 21.47 13.86 -29.87
N GLY E 46 20.15 13.76 -29.67
CA GLY E 46 19.27 14.91 -29.79
C GLY E 46 18.46 14.96 -31.08
N TRP E 47 18.30 13.78 -31.69
CA TRP E 47 17.62 13.63 -32.99
C TRP E 47 16.16 13.25 -32.84
N THR E 48 15.30 13.86 -33.64
CA THR E 48 13.90 13.46 -33.69
C THR E 48 13.76 12.48 -34.81
N VAL E 49 13.20 11.32 -34.52
CA VAL E 49 13.10 10.28 -35.52
C VAL E 49 11.76 10.36 -36.19
N PHE E 50 11.74 10.49 -37.52
CA PHE E 50 10.46 10.58 -38.23
C PHE E 50 10.16 9.31 -39.02
N GLN E 51 11.13 8.40 -39.11
CA GLN E 51 10.95 7.13 -39.81
C GLN E 51 11.74 6.04 -39.14
N ARG E 52 11.11 4.89 -38.93
CA ARG E 52 11.81 3.76 -38.34
C ARG E 52 11.27 2.46 -38.92
N ARG E 53 12.17 1.59 -39.38
CA ARG E 53 11.86 0.23 -39.81
C ARG E 53 12.76 -0.70 -39.00
N VAL E 54 12.25 -1.83 -38.55
CA VAL E 54 13.00 -2.67 -37.62
C VAL E 54 12.75 -4.17 -37.67
N ASP E 55 11.60 -4.59 -38.20
CA ASP E 55 11.19 -5.98 -38.07
C ASP E 55 10.15 -6.42 -39.12
N GLY E 56 9.65 -5.44 -39.88
CA GLY E 56 8.68 -5.71 -40.93
C GLY E 56 7.25 -5.90 -40.45
N SER E 57 7.00 -5.48 -39.20
CA SER E 57 5.68 -5.65 -38.60
C SER E 57 4.60 -4.72 -39.18
N VAL E 58 5.00 -3.58 -39.75
CA VAL E 58 4.03 -2.58 -40.19
C VAL E 58 3.98 -2.39 -41.71
N ASP E 59 2.77 -2.34 -42.28
CA ASP E 59 2.61 -2.15 -43.72
C ASP E 59 2.92 -0.70 -44.11
N PHE E 60 3.89 -0.55 -45.03
CA PHE E 60 4.34 0.78 -45.46
C PHE E 60 3.88 1.12 -46.87
N TYR E 61 3.26 0.16 -47.53
CA TYR E 61 2.73 0.41 -48.87
C TYR E 61 1.35 1.06 -48.74
N ARG E 62 1.35 2.35 -48.39
CA ARG E 62 0.13 3.05 -47.96
C ARG E 62 -0.27 4.24 -48.84
N ASP E 63 -1.50 4.71 -48.68
CA ASP E 63 -2.01 5.82 -49.50
C ASP E 63 -1.65 7.22 -48.99
N TRP E 64 -1.95 8.23 -49.80
CA TRP E 64 -1.70 9.63 -49.49
C TRP E 64 -2.20 10.09 -48.11
N ALA E 65 -3.46 9.84 -47.80
CA ALA E 65 -4.03 10.27 -46.52
C ALA E 65 -3.23 9.69 -45.36
N THR E 66 -2.76 8.47 -45.54
CA THR E 66 -2.06 7.77 -44.49
C THR E 66 -0.66 8.34 -44.31
N TYR E 67 0.05 8.56 -45.42
CA TYR E 67 1.37 9.19 -45.33
C TYR E 67 1.26 10.63 -44.83
N LYS E 68 0.11 11.25 -45.08
CA LYS E 68 -0.10 12.62 -44.66
C LYS E 68 -0.15 12.71 -43.15
N GLN E 69 -0.95 11.84 -42.53
CA GLN E 69 -1.23 11.93 -41.10
C GLN E 69 -0.29 11.10 -40.20
N GLY E 70 0.40 10.13 -40.79
CA GLY E 70 1.33 9.27 -40.05
C GLY E 70 0.71 7.92 -39.76
N PHE E 71 1.53 6.94 -39.43
CA PHE E 71 1.02 5.59 -39.20
C PHE E 71 2.08 4.70 -38.57
N GLY E 72 1.63 3.60 -37.96
CA GLY E 72 2.55 2.67 -37.30
C GLY E 72 2.36 2.71 -35.81
N SER E 73 3.39 2.32 -35.08
CA SER E 73 3.28 2.12 -33.64
C SER E 73 4.51 2.63 -32.87
N ARG E 74 4.27 3.34 -31.77
CA ARG E 74 5.36 3.80 -30.94
C ARG E 74 6.17 2.62 -30.46
N LEU E 75 5.55 1.45 -30.40
CA LEU E 75 6.27 0.24 -29.98
C LEU E 75 7.18 -0.29 -31.06
N GLY E 76 7.06 0.22 -32.29
CA GLY E 76 7.77 -0.40 -33.41
C GLY E 76 8.13 0.47 -34.59
N GLU E 77 7.63 0.08 -35.77
CA GLU E 77 7.91 0.83 -36.99
C GLU E 77 6.89 1.95 -37.14
N PHE E 78 7.27 3.01 -37.84
CA PHE E 78 6.33 4.10 -38.06
C PHE E 78 6.86 5.16 -39.02
N TRP E 79 5.93 5.91 -39.60
CA TRP E 79 6.22 7.15 -40.32
C TRP E 79 5.50 8.26 -39.56
N LEU E 80 6.24 9.30 -39.18
CA LEU E 80 5.67 10.34 -38.30
C LEU E 80 4.55 11.13 -38.97
N GLY E 81 4.49 11.08 -40.30
CA GLY E 81 3.44 11.80 -41.03
C GLY E 81 3.97 13.06 -41.71
N ASN E 82 3.53 13.30 -42.93
CA ASN E 82 4.13 14.38 -43.70
C ASN E 82 3.80 15.76 -43.15
N ASP E 83 2.62 15.94 -42.60
CA ASP E 83 2.30 17.24 -42.00
C ASP E 83 3.25 17.53 -40.85
N ASN E 84 3.46 16.55 -40.00
CA ASN E 84 4.40 16.69 -38.89
C ASN E 84 5.83 16.91 -39.33
N ILE E 85 6.25 16.18 -40.36
CA ILE E 85 7.63 16.30 -40.81
C ILE E 85 7.84 17.70 -41.37
N HIS E 86 6.79 18.26 -41.95
CA HIS E 86 6.86 19.61 -42.45
C HIS E 86 6.87 20.57 -41.26
N ALA E 87 5.89 20.42 -40.38
CA ALA E 87 5.83 21.24 -39.19
C ALA E 87 7.22 21.34 -38.55
N LEU E 88 7.94 20.22 -38.53
CA LEU E 88 9.24 20.18 -37.88
C LEU E 88 10.34 20.84 -38.67
N THR E 89 10.28 20.82 -39.99
CA THR E 89 11.42 21.29 -40.76
C THR E 89 11.16 22.68 -41.37
N ALA E 90 9.90 23.09 -41.34
CA ALA E 90 9.44 24.32 -41.99
C ALA E 90 10.29 25.50 -41.63
N GLN E 91 10.35 25.77 -40.34
CA GLN E 91 10.86 27.05 -39.90
C GLN E 91 12.33 27.00 -39.57
N GLY E 92 13.10 26.97 -40.65
CA GLY E 92 14.52 27.13 -40.62
C GLY E 92 15.16 25.87 -41.16
N THR E 93 16.16 25.39 -40.41
CA THR E 93 17.05 24.42 -40.97
C THR E 93 17.60 23.42 -39.95
N SER E 94 17.17 22.18 -40.11
CA SER E 94 17.58 21.07 -39.29
C SER E 94 18.42 20.15 -40.13
N GLU E 95 19.31 19.40 -39.50
CA GLU E 95 20.10 18.50 -40.29
C GLU E 95 19.55 17.07 -40.32
N LEU E 96 19.89 16.31 -41.35
CA LEU E 96 19.31 15.00 -41.52
C LEU E 96 20.35 13.89 -41.36
N ARG E 97 20.06 12.94 -40.48
CA ARG E 97 20.89 11.73 -40.42
C ARG E 97 20.08 10.51 -40.89
N THR E 98 20.79 9.56 -41.50
CA THR E 98 20.15 8.33 -41.94
C THR E 98 20.93 7.17 -41.38
N ASP E 99 20.30 6.36 -40.55
CA ASP E 99 21.00 5.24 -39.94
C ASP E 99 20.49 3.90 -40.46
N LEU E 100 21.41 3.06 -40.96
CA LEU E 100 21.05 1.78 -41.58
C LEU E 100 21.81 0.61 -40.97
N VAL E 101 21.10 -0.47 -40.66
CA VAL E 101 21.80 -1.63 -40.18
C VAL E 101 21.38 -2.83 -41.00
N ASP E 102 22.36 -3.62 -41.43
CA ASP E 102 22.06 -4.76 -42.29
C ASP E 102 21.99 -6.04 -41.49
N PHE E 103 21.73 -7.13 -42.19
CA PHE E 103 21.44 -8.40 -41.53
C PHE E 103 22.68 -9.07 -41.05
N GLU E 104 23.83 -8.45 -41.29
CA GLU E 104 25.08 -8.96 -40.72
C GLU E 104 25.62 -8.04 -39.64
N ASP E 105 24.79 -7.09 -39.19
CA ASP E 105 25.20 -6.15 -38.14
C ASP E 105 26.18 -5.03 -38.59
N ASN E 106 26.15 -4.66 -39.86
CA ASN E 106 26.97 -3.53 -40.30
C ASN E 106 26.24 -2.19 -40.21
N TYR E 107 26.82 -1.25 -39.48
CA TYR E 107 26.22 0.05 -39.30
C TYR E 107 26.70 1.06 -40.35
N GLN E 108 25.76 1.68 -41.06
CA GLN E 108 26.14 2.71 -42.02
C GLN E 108 25.24 3.92 -41.88
N PHE E 109 25.80 5.10 -42.15
CA PHE E 109 25.01 6.32 -42.15
C PHE E 109 25.28 7.16 -43.36
N ALA E 110 24.47 8.19 -43.56
CA ALA E 110 24.76 9.26 -44.48
C ALA E 110 24.19 10.53 -43.86
N LYS E 111 24.90 11.64 -44.00
CA LYS E 111 24.47 12.87 -43.35
C LYS E 111 24.39 14.04 -44.29
N TYR E 112 23.41 14.92 -44.07
CA TYR E 112 23.15 16.08 -44.95
C TYR E 112 23.01 17.36 -44.11
N ARG E 113 23.53 18.50 -44.54
CA ARG E 113 23.47 19.65 -43.63
C ARG E 113 22.10 20.33 -43.49
N SER E 114 21.21 20.16 -44.47
CA SER E 114 19.86 20.68 -44.26
C SER E 114 18.83 19.77 -44.93
N PHE E 115 17.62 19.79 -44.40
CA PHE E 115 16.56 18.91 -44.89
C PHE E 115 15.23 19.55 -44.55
N LYS E 116 14.40 19.75 -45.55
CA LYS E 116 13.13 20.44 -45.38
C LYS E 116 12.08 19.80 -46.29
N VAL E 117 10.88 19.59 -45.80
CA VAL E 117 9.82 19.24 -46.72
C VAL E 117 8.76 20.34 -46.74
N ALA E 118 8.35 20.75 -47.93
CA ALA E 118 7.33 21.78 -48.07
C ALA E 118 5.99 21.23 -47.58
N ASP E 119 4.95 22.05 -47.65
CA ASP E 119 3.64 21.61 -47.18
C ASP E 119 2.89 20.88 -48.31
N GLU E 120 1.68 20.41 -47.98
CA GLU E 120 0.86 19.65 -48.92
C GLU E 120 0.59 20.41 -50.22
N ALA E 121 0.38 21.71 -50.13
CA ALA E 121 0.17 22.49 -51.33
C ALA E 121 1.30 22.22 -52.34
N GLU E 122 2.55 22.20 -51.89
CA GLU E 122 3.63 21.85 -52.79
C GLU E 122 3.99 20.35 -52.71
N LYS E 123 2.99 19.51 -52.46
CA LYS E 123 3.20 18.07 -52.40
C LYS E 123 4.49 17.69 -51.69
N TYR E 124 4.66 18.17 -50.45
CA TYR E 124 5.78 17.82 -49.61
C TYR E 124 7.18 17.80 -50.29
N ASN E 125 7.37 18.69 -51.25
CA ASN E 125 8.62 18.82 -51.96
C ASN E 125 9.84 18.74 -51.04
N LEU E 126 10.93 18.15 -51.54
CA LEU E 126 12.12 17.95 -50.75
C LEU E 126 13.21 18.97 -51.02
N VAL E 127 13.67 19.61 -49.95
CA VAL E 127 14.77 20.55 -50.06
C VAL E 127 15.97 20.05 -49.25
N LEU E 128 16.93 19.51 -49.98
CA LEU E 128 18.06 18.80 -49.40
C LEU E 128 19.32 19.59 -49.57
N GLY E 129 19.96 19.92 -48.45
CA GLY E 129 21.27 20.58 -48.48
C GLY E 129 22.42 19.63 -48.72
N ALA E 130 23.64 20.12 -48.48
CA ALA E 130 24.91 19.41 -48.73
C ALA E 130 25.04 18.01 -48.08
N PHE E 131 25.49 17.04 -48.87
CA PHE E 131 25.93 15.76 -48.32
C PHE E 131 27.24 16.02 -47.55
N VAL E 132 27.23 15.77 -46.24
CA VAL E 132 28.36 16.04 -45.36
C VAL E 132 29.35 14.88 -45.30
N GLU E 133 28.84 13.70 -44.98
CA GLU E 133 29.66 12.52 -44.81
C GLU E 133 28.69 11.38 -44.62
N GLY E 134 29.19 10.17 -44.64
CA GLY E 134 28.36 9.02 -44.33
C GLY E 134 28.90 7.81 -45.01
N SER E 135 28.98 6.70 -44.29
CA SER E 135 29.60 5.50 -44.82
C SER E 135 28.73 4.86 -45.89
N ALA E 136 27.47 5.28 -45.97
CA ALA E 136 26.48 4.68 -46.86
C ALA E 136 26.42 5.28 -48.27
N GLY E 137 27.15 6.37 -48.47
CA GLY E 137 27.15 7.09 -49.74
C GLY E 137 25.97 8.04 -49.84
N ASP E 138 26.09 9.05 -50.70
CA ASP E 138 24.94 9.92 -50.97
C ASP E 138 23.92 9.22 -51.86
N SER E 139 22.74 8.91 -51.31
CA SER E 139 21.67 8.37 -52.14
C SER E 139 20.38 9.14 -51.93
N LEU E 140 20.52 10.44 -51.70
CA LEU E 140 19.35 11.24 -51.50
C LEU E 140 19.40 12.48 -52.37
N THR E 141 20.60 13.02 -52.56
CA THR E 141 20.78 14.15 -53.45
C THR E 141 20.05 13.97 -54.79
N PHE E 142 20.01 12.74 -55.30
CA PHE E 142 19.34 12.39 -56.55
C PHE E 142 17.86 12.77 -56.49
N HIS E 143 17.33 12.85 -55.27
CA HIS E 143 15.93 13.13 -55.03
C HIS E 143 15.61 14.55 -54.56
N ASN E 144 16.59 15.44 -54.59
CA ASN E 144 16.30 16.83 -54.30
C ASN E 144 15.23 17.39 -55.24
N ASN E 145 14.36 18.26 -54.73
CA ASN E 145 13.36 18.96 -55.55
C ASN E 145 12.26 18.06 -56.14
N GLN E 146 11.89 17.03 -55.40
CA GLN E 146 10.95 16.07 -55.91
C GLN E 146 9.79 16.08 -54.97
N SER E 147 8.62 15.87 -55.52
CA SER E 147 7.44 15.82 -54.73
C SER E 147 7.48 14.48 -54.05
N PHE E 148 6.52 14.26 -53.16
CA PHE E 148 6.39 12.98 -52.52
C PHE E 148 5.26 12.29 -53.28
N SER E 149 5.34 10.96 -53.45
CA SER E 149 4.26 10.26 -54.10
C SER E 149 3.84 9.05 -53.26
N THR E 150 2.55 8.74 -53.31
CA THR E 150 2.04 7.47 -52.83
C THR E 150 1.52 6.71 -54.04
N LYS E 151 1.03 5.48 -53.82
CA LYS E 151 0.54 4.66 -54.92
C LYS E 151 -0.65 5.32 -55.57
N ASP E 152 -1.41 6.07 -54.77
CA ASP E 152 -2.71 6.59 -55.21
C ASP E 152 -2.58 8.03 -55.63
N GLN E 153 -1.38 8.57 -55.53
CA GLN E 153 -1.15 9.88 -56.07
C GLN E 153 0.25 10.05 -56.62
N ASP E 154 0.30 10.02 -57.95
CA ASP E 154 1.52 10.03 -58.73
C ASP E 154 1.99 11.46 -58.99
N ASN E 155 3.10 11.83 -58.38
CA ASN E 155 3.68 13.18 -58.54
C ASN E 155 5.13 13.10 -59.00
N ASP E 156 5.53 11.96 -59.57
CA ASP E 156 6.92 11.73 -59.97
C ASP E 156 7.22 12.16 -61.41
N LEU E 157 8.46 11.96 -61.83
CA LEU E 157 8.87 12.34 -63.16
C LEU E 157 8.99 11.09 -64.03
N ASN E 158 8.16 10.09 -63.73
CA ASN E 158 8.16 8.89 -64.53
C ASN E 158 6.84 8.78 -65.31
N THR E 159 6.92 8.36 -66.57
CA THR E 159 5.75 8.11 -67.39
C THR E 159 4.89 7.01 -66.77
N GLY E 160 5.45 6.31 -65.80
CA GLY E 160 4.69 5.31 -65.03
C GLY E 160 4.58 5.68 -63.57
N ASN E 161 4.09 4.76 -62.74
CA ASN E 161 3.85 5.02 -61.33
C ASN E 161 4.95 4.41 -60.45
N CYS E 162 5.92 5.23 -60.05
CA CYS E 162 7.09 4.71 -59.33
C CYS E 162 6.68 4.01 -58.06
N ALA E 163 5.69 4.57 -57.38
CA ALA E 163 5.33 4.05 -56.09
C ALA E 163 4.82 2.60 -56.19
N VAL E 164 4.17 2.30 -57.31
CA VAL E 164 3.60 0.99 -57.49
C VAL E 164 4.74 0.09 -57.88
N MET E 165 5.55 0.55 -58.82
CA MET E 165 6.63 -0.27 -59.35
C MET E 165 7.62 -0.68 -58.29
N PHE E 166 7.93 0.22 -57.35
CA PHE E 166 8.89 -0.10 -56.31
C PHE E 166 8.26 -0.25 -54.94
N GLN E 167 6.94 -0.30 -54.93
CA GLN E 167 6.19 -0.67 -53.74
C GLN E 167 6.62 0.02 -52.49
N GLY E 168 6.73 1.34 -52.58
CA GLY E 168 7.03 2.15 -51.42
C GLY E 168 6.26 3.44 -51.47
N ALA E 169 6.90 4.51 -50.99
CA ALA E 169 6.41 5.90 -51.03
C ALA E 169 7.63 6.78 -50.74
N TRP E 170 7.82 7.84 -51.50
CA TRP E 170 9.10 8.51 -51.46
C TRP E 170 9.09 9.68 -52.40
N TRP E 171 10.10 10.54 -52.28
CA TRP E 171 10.32 11.65 -53.16
C TRP E 171 10.87 11.09 -54.49
N TYR E 172 10.07 10.27 -55.14
CA TYR E 172 10.51 9.51 -56.31
C TYR E 172 10.73 10.47 -57.42
N LYS E 173 11.72 10.15 -58.25
CA LYS E 173 11.96 10.92 -59.44
C LYS E 173 11.73 10.10 -60.69
N ASN E 174 12.63 9.18 -61.00
CA ASN E 174 12.58 8.50 -62.29
C ASN E 174 13.20 7.11 -62.41
N CYS E 175 13.26 6.29 -61.37
CA CYS E 175 12.49 6.49 -60.14
C CYS E 175 13.30 6.77 -58.88
N HIS E 176 14.30 5.93 -58.60
CA HIS E 176 14.92 6.09 -57.31
C HIS E 176 16.34 5.58 -57.17
N THR E 177 16.98 6.11 -56.14
CA THR E 177 18.31 5.73 -55.78
C THR E 177 18.22 5.29 -54.32
N SER E 178 17.06 5.54 -53.72
CA SER E 178 16.79 5.09 -52.35
C SER E 178 15.29 4.85 -52.20
N ASN E 179 14.90 3.90 -51.38
CA ASN E 179 13.50 3.49 -51.31
C ASN E 179 13.17 3.05 -49.91
N LEU E 180 13.48 3.89 -48.95
CA LEU E 180 13.47 3.48 -47.55
C LEU E 180 12.09 3.11 -47.03
N ASN E 181 11.04 3.48 -47.76
CA ASN E 181 9.70 3.06 -47.39
C ASN E 181 9.21 1.85 -48.19
N GLY E 182 10.13 1.11 -48.79
CA GLY E 182 9.77 -0.09 -49.58
C GLY E 182 9.44 -1.29 -48.72
N ARG E 183 9.29 -2.46 -49.34
CA ARG E 183 8.84 -3.63 -48.61
C ARG E 183 9.95 -4.22 -47.76
N TYR E 184 9.57 -4.70 -46.57
CA TYR E 184 10.55 -5.31 -45.69
C TYR E 184 10.94 -6.70 -46.20
N LEU E 185 11.87 -6.76 -47.15
CA LEU E 185 12.20 -8.04 -47.80
C LEU E 185 13.27 -8.91 -47.10
N ARG E 186 13.94 -8.37 -46.10
CA ARG E 186 14.80 -9.18 -45.21
C ARG E 186 16.14 -9.64 -45.81
N GLY E 187 16.97 -8.71 -46.30
CA GLY E 187 18.26 -9.06 -46.89
C GLY E 187 18.23 -9.10 -48.41
N THR E 188 18.89 -10.10 -48.98
CA THR E 188 18.98 -10.19 -50.44
C THR E 188 17.68 -10.66 -51.04
N HIS E 189 17.21 -9.95 -52.06
CA HIS E 189 15.98 -10.30 -52.75
C HIS E 189 16.17 -10.26 -54.27
N GLY E 190 15.52 -11.18 -54.97
CA GLY E 190 15.57 -11.22 -56.43
C GLY E 190 14.90 -10.01 -57.03
N SER E 191 13.66 -9.73 -56.61
CA SER E 191 12.89 -8.59 -57.12
C SER E 191 13.72 -7.31 -57.14
N PHE E 192 13.45 -6.47 -58.14
CA PHE E 192 14.28 -5.29 -58.40
C PHE E 192 13.86 -4.03 -57.68
N ALA E 193 14.72 -3.56 -56.77
CA ALA E 193 14.61 -2.22 -56.20
C ALA E 193 13.29 -1.89 -55.48
N ASN E 194 12.56 -2.92 -55.05
CA ASN E 194 11.33 -2.70 -54.29
C ASN E 194 11.47 -3.00 -52.80
N GLY E 195 12.69 -2.98 -52.29
CA GLY E 195 12.92 -3.19 -50.87
C GLY E 195 13.32 -1.92 -50.16
N ILE E 196 13.71 -2.05 -48.89
CA ILE E 196 14.30 -0.96 -48.15
C ILE E 196 15.72 -0.81 -48.68
N ASN E 197 15.84 -0.09 -49.81
CA ASN E 197 17.09 -0.05 -50.56
C ASN E 197 17.76 1.32 -50.56
N TRP E 198 19.09 1.30 -50.54
CA TRP E 198 19.91 2.49 -50.64
C TRP E 198 21.00 2.12 -51.65
N LYS E 199 20.96 2.74 -52.83
CA LYS E 199 21.77 2.27 -53.96
C LYS E 199 23.27 2.28 -53.71
N SER E 200 23.80 3.36 -53.15
CA SER E 200 25.24 3.43 -52.87
C SER E 200 25.59 2.64 -51.60
N GLY E 201 24.58 2.19 -50.88
CA GLY E 201 24.76 1.34 -49.70
C GLY E 201 24.90 -0.12 -50.08
N LYS E 202 23.90 -0.96 -49.76
CA LYS E 202 23.97 -2.38 -50.15
C LYS E 202 23.22 -2.69 -51.46
N GLY E 203 22.90 -1.67 -52.25
CA GLY E 203 22.43 -1.90 -53.62
C GLY E 203 20.92 -1.99 -53.83
N TYR E 204 20.52 -2.37 -55.04
CA TYR E 204 19.10 -2.46 -55.42
C TYR E 204 18.45 -3.80 -55.06
N ASN E 205 19.24 -4.72 -54.50
CA ASN E 205 18.78 -6.07 -54.26
C ASN E 205 19.04 -6.51 -52.85
N TYR E 206 19.15 -5.53 -51.95
CA TYR E 206 19.33 -5.83 -50.52
C TYR E 206 18.47 -4.93 -49.65
N SER E 207 17.69 -5.53 -48.77
CA SER E 207 16.74 -4.77 -47.96
C SER E 207 17.18 -4.76 -46.51
N TYR E 208 17.58 -3.58 -46.04
CA TYR E 208 18.17 -3.44 -44.70
C TYR E 208 17.29 -4.01 -43.59
N LYS E 209 17.93 -4.43 -42.48
CA LYS E 209 17.17 -4.89 -41.31
C LYS E 209 16.61 -3.74 -40.51
N VAL E 210 17.36 -2.64 -40.44
CA VAL E 210 16.92 -1.48 -39.68
C VAL E 210 17.15 -0.21 -40.49
N SER E 211 16.24 0.74 -40.37
CA SER E 211 16.38 2.02 -41.04
C SER E 211 15.77 3.14 -40.22
N GLU E 212 16.49 4.23 -40.03
CA GLU E 212 15.94 5.38 -39.31
C GLU E 212 16.28 6.70 -39.98
N MET E 213 15.29 7.57 -40.09
CA MET E 213 15.51 8.88 -40.64
C MET E 213 15.18 9.89 -39.56
N LYS E 214 16.10 10.81 -39.29
CA LYS E 214 16.00 11.65 -38.10
C LYS E 214 16.60 13.05 -38.28
N VAL E 215 16.06 14.03 -37.56
CA VAL E 215 16.49 15.42 -37.72
C VAL E 215 16.98 16.07 -36.43
N ARG E 216 17.84 17.06 -36.56
CA ARG E 216 18.34 17.82 -35.41
C ARG E 216 18.67 19.25 -35.86
N PRO E 217 18.18 20.26 -35.12
CA PRO E 217 18.43 21.64 -35.51
C PRO E 217 19.93 21.93 -35.51
N ALA E 218 20.43 22.49 -36.59
CA ALA E 218 21.79 23.01 -36.61
C ALA E 218 21.70 24.30 -35.82
N PRO F 7 -10.83 12.47 -22.92
CA PRO F 7 -9.78 11.46 -23.23
C PRO F 7 -10.12 10.16 -22.52
N ARG F 8 -11.15 9.48 -23.01
CA ARG F 8 -11.84 8.45 -22.23
C ARG F 8 -11.82 7.02 -22.84
N THR F 9 -11.47 6.95 -24.11
CA THR F 9 -11.27 5.72 -24.89
C THR F 9 -10.16 5.95 -25.92
N CYS F 10 -9.63 4.87 -26.46
CA CYS F 10 -8.70 4.98 -27.57
C CYS F 10 -9.38 5.69 -28.76
N LYS F 11 -10.67 5.45 -28.92
CA LYS F 11 -11.47 6.17 -29.91
C LYS F 11 -11.36 7.71 -29.78
N ASP F 12 -11.49 8.23 -28.56
CA ASP F 12 -11.40 9.67 -28.33
C ASP F 12 -10.03 10.18 -28.78
N LEU F 13 -8.99 9.50 -28.33
CA LEU F 13 -7.63 9.87 -28.64
C LEU F 13 -7.41 9.98 -30.15
N LEU F 14 -7.95 9.02 -30.90
CA LEU F 14 -7.89 9.06 -32.35
C LEU F 14 -8.60 10.30 -32.89
N ASP F 15 -9.83 10.53 -32.45
CA ASP F 15 -10.54 11.70 -32.93
C ASP F 15 -9.75 12.98 -32.68
N ARG F 16 -8.99 13.01 -31.60
CA ARG F 16 -8.28 14.22 -31.20
C ARG F 16 -6.94 14.32 -31.89
N GLY F 17 -6.58 13.29 -32.61
CA GLY F 17 -5.42 13.39 -33.49
C GLY F 17 -4.15 12.66 -33.09
N HIS F 18 -4.27 11.64 -32.24
CA HIS F 18 -3.16 10.73 -31.99
C HIS F 18 -3.24 9.59 -32.99
N PHE F 19 -2.47 9.68 -34.07
CA PHE F 19 -2.59 8.72 -35.15
C PHE F 19 -1.70 7.49 -35.02
N LEU F 20 -0.80 7.52 -34.03
CA LEU F 20 0.18 6.45 -33.83
C LEU F 20 -0.22 5.49 -32.72
N SER F 21 -0.32 4.21 -33.04
CA SER F 21 -0.54 3.18 -32.03
C SER F 21 0.45 3.31 -30.87
N GLY F 22 0.01 3.05 -29.66
CA GLY F 22 0.91 3.14 -28.51
C GLY F 22 0.22 3.20 -27.17
N TRP F 23 0.98 3.40 -26.12
CA TRP F 23 0.42 3.44 -24.77
C TRP F 23 0.01 4.84 -24.38
N HIS F 24 -1.29 5.09 -24.30
CA HIS F 24 -1.82 6.38 -23.85
C HIS F 24 -2.61 6.18 -22.57
N THR F 25 -2.67 7.19 -21.72
CA THR F 25 -3.51 7.09 -20.54
C THR F 25 -4.93 7.60 -20.86
N ILE F 26 -5.95 6.87 -20.42
CA ILE F 26 -7.34 7.27 -20.59
C ILE F 26 -8.02 7.32 -19.24
N TYR F 27 -9.26 7.78 -19.27
CA TYR F 27 -10.13 7.89 -18.09
C TYR F 27 -11.39 7.04 -18.25
N LEU F 28 -11.48 5.98 -17.45
CA LEU F 28 -12.61 5.04 -17.49
C LEU F 28 -13.89 5.69 -16.92
N PRO F 29 -15.05 5.05 -17.12
CA PRO F 29 -16.31 5.65 -16.67
C PRO F 29 -16.22 6.38 -15.32
N ASP F 30 -15.54 5.79 -14.34
CA ASP F 30 -15.47 6.33 -12.98
C ASP F 30 -14.34 7.34 -12.77
N CYS F 31 -13.62 7.64 -13.84
CA CYS F 31 -12.58 8.65 -13.77
C CYS F 31 -11.21 8.18 -13.29
N ARG F 32 -11.11 6.92 -12.89
CA ARG F 32 -9.78 6.35 -12.68
C ARG F 32 -8.97 6.48 -13.98
N PRO F 33 -7.76 7.10 -13.90
CA PRO F 33 -6.88 7.14 -15.08
C PRO F 33 -6.19 5.80 -15.27
N LEU F 34 -6.12 5.32 -16.51
CA LEU F 34 -5.59 3.99 -16.81
C LEU F 34 -4.79 4.07 -18.07
N THR F 35 -3.54 3.61 -18.05
CA THR F 35 -2.75 3.62 -19.29
C THR F 35 -2.98 2.35 -20.07
N VAL F 36 -3.38 2.53 -21.32
CA VAL F 36 -3.76 1.41 -22.19
C VAL F 36 -3.02 1.46 -23.52
N LEU F 37 -3.00 0.33 -24.23
CA LEU F 37 -2.42 0.28 -25.58
C LEU F 37 -3.51 0.58 -26.59
N CYS F 38 -3.29 1.59 -27.45
CA CYS F 38 -4.28 1.94 -28.47
C CYS F 38 -3.81 1.50 -29.85
N ASP F 39 -4.58 0.64 -30.50
CA ASP F 39 -4.32 0.27 -31.88
C ASP F 39 -5.01 1.29 -32.77
N MET F 40 -4.23 2.22 -33.30
CA MET F 40 -4.75 3.29 -34.15
C MET F 40 -4.75 2.92 -35.62
N ASP F 41 -4.29 1.71 -35.93
CA ASP F 41 -4.15 1.30 -37.33
C ASP F 41 -5.22 0.36 -37.88
N THR F 42 -5.58 -0.67 -37.13
CA THR F 42 -6.48 -1.72 -37.64
C THR F 42 -7.93 -1.28 -37.83
N ASP F 43 -8.50 -1.64 -38.98
CA ASP F 43 -9.94 -1.54 -39.23
C ASP F 43 -10.50 -0.19 -38.80
N GLY F 44 -9.92 0.88 -39.30
CA GLY F 44 -10.39 2.22 -38.96
C GLY F 44 -9.70 2.81 -37.75
N GLY F 45 -9.15 1.96 -36.88
CA GLY F 45 -8.39 2.41 -35.70
C GLY F 45 -9.25 2.86 -34.53
N GLY F 46 -8.63 3.01 -33.36
CA GLY F 46 -9.34 3.49 -32.17
C GLY F 46 -9.70 2.41 -31.16
N TRP F 47 -8.96 1.29 -31.22
CA TRP F 47 -9.19 0.12 -30.40
C TRP F 47 -8.32 0.10 -29.16
N THR F 48 -8.90 -0.28 -28.03
CA THR F 48 -8.14 -0.48 -26.82
C THR F 48 -7.79 -1.95 -26.75
N VAL F 49 -6.50 -2.25 -26.61
CA VAL F 49 -6.09 -3.63 -26.62
C VAL F 49 -6.00 -4.15 -25.20
N PHE F 50 -6.72 -5.22 -24.90
CA PHE F 50 -6.68 -5.77 -23.55
C PHE F 50 -5.90 -7.09 -23.48
N GLN F 51 -5.52 -7.63 -24.63
CA GLN F 51 -4.73 -8.87 -24.68
C GLN F 51 -3.78 -8.84 -25.87
N ARG F 52 -2.51 -9.11 -25.59
CA ARG F 52 -1.52 -9.22 -26.67
C ARG F 52 -0.55 -10.40 -26.46
N ARG F 53 -0.39 -11.26 -27.47
CA ARG F 53 0.64 -12.29 -27.50
C ARG F 53 1.47 -12.07 -28.76
N VAL F 54 2.78 -12.23 -28.67
CA VAL F 54 3.64 -11.85 -29.78
C VAL F 54 4.94 -12.63 -29.97
N ASP F 55 5.43 -13.25 -28.90
CA ASP F 55 6.78 -13.83 -28.94
C ASP F 55 7.00 -14.93 -27.89
N GLY F 56 6.02 -15.10 -27.01
CA GLY F 56 6.09 -16.13 -25.96
C GLY F 56 6.94 -15.76 -24.77
N SER F 57 7.26 -14.47 -24.64
CA SER F 57 8.11 -14.00 -23.57
C SER F 57 7.45 -14.02 -22.18
N VAL F 58 6.12 -13.97 -22.12
CA VAL F 58 5.42 -13.83 -20.84
C VAL F 58 4.58 -15.05 -20.46
N ASP F 59 4.69 -15.49 -19.20
CA ASP F 59 3.94 -16.66 -18.73
C ASP F 59 2.45 -16.30 -18.54
N PHE F 60 1.58 -17.02 -19.23
CA PHE F 60 0.14 -16.75 -19.21
C PHE F 60 -0.64 -17.79 -18.43
N TYR F 61 0.06 -18.83 -17.97
CA TYR F 61 -0.58 -19.86 -17.17
C TYR F 61 -0.60 -19.40 -15.71
N ARG F 62 -1.49 -18.47 -15.41
CA ARG F 62 -1.46 -17.72 -14.14
C ARG F 62 -2.70 -17.88 -13.27
N ASP F 63 -2.60 -17.48 -12.00
CA ASP F 63 -3.72 -17.64 -11.07
C ASP F 63 -4.76 -16.50 -11.11
N TRP F 64 -5.85 -16.71 -10.38
CA TRP F 64 -6.95 -15.74 -10.28
C TRP F 64 -6.54 -14.31 -9.93
N ALA F 65 -5.76 -14.13 -8.86
CA ALA F 65 -5.34 -12.79 -8.45
C ALA F 65 -4.59 -12.09 -9.59
N THR F 66 -3.83 -12.87 -10.34
CA THR F 66 -3.01 -12.31 -11.39
C THR F 66 -3.87 -11.91 -12.57
N TYR F 67 -4.80 -12.78 -12.97
CA TYR F 67 -5.73 -12.43 -14.06
C TYR F 67 -6.64 -11.28 -13.64
N LYS F 68 -6.88 -11.16 -12.35
CA LYS F 68 -7.74 -10.11 -11.83
C LYS F 68 -7.10 -8.75 -12.04
N GLN F 69 -5.84 -8.63 -11.66
CA GLN F 69 -5.16 -7.34 -11.64
C GLN F 69 -4.38 -6.99 -12.91
N GLY F 70 -4.08 -7.98 -13.74
CA GLY F 70 -3.36 -7.79 -14.99
C GLY F 70 -1.91 -8.19 -14.83
N PHE F 71 -1.23 -8.42 -15.95
CA PHE F 71 0.16 -8.86 -15.89
C PHE F 71 0.84 -8.78 -17.26
N GLY F 72 2.17 -8.78 -17.26
CA GLY F 72 2.92 -8.69 -18.50
C GLY F 72 3.63 -7.37 -18.59
N SER F 73 3.95 -6.95 -19.81
CA SER F 73 4.81 -5.79 -20.02
C SER F 73 4.33 -4.90 -21.18
N ARG F 74 4.32 -3.59 -20.95
CA ARG F 74 3.97 -2.67 -22.01
C ARG F 74 4.88 -2.84 -23.20
N LEU F 75 6.08 -3.35 -22.96
CA LEU F 75 7.02 -3.61 -24.05
C LEU F 75 6.65 -4.85 -24.87
N GLY F 76 5.72 -5.65 -24.37
CA GLY F 76 5.47 -6.95 -25.00
C GLY F 76 4.09 -7.56 -24.87
N GLU F 77 4.04 -8.75 -24.30
CA GLU F 77 2.77 -9.46 -24.13
C GLU F 77 2.13 -9.01 -22.83
N PHE F 78 0.80 -9.10 -22.75
CA PHE F 78 0.13 -8.75 -21.51
C PHE F 78 -1.37 -9.06 -21.54
N TRP F 79 -1.93 -9.16 -20.35
CA TRP F 79 -3.37 -9.19 -20.13
C TRP F 79 -3.71 -7.96 -19.28
N LEU F 80 -4.63 -7.13 -19.76
CA LEU F 80 -4.90 -5.84 -19.10
C LEU F 80 -5.47 -6.02 -17.69
N GLY F 81 -6.02 -7.19 -17.39
CA GLY F 81 -6.60 -7.45 -16.07
C GLY F 81 -8.11 -7.42 -16.09
N ASN F 82 -8.73 -8.36 -15.39
CA ASN F 82 -10.16 -8.51 -15.50
C ASN F 82 -10.94 -7.35 -14.91
N ASP F 83 -10.44 -6.75 -13.84
CA ASP F 83 -11.13 -5.58 -13.28
C ASP F 83 -11.17 -4.45 -14.30
N ASN F 84 -10.03 -4.20 -14.95
CA ASN F 84 -9.97 -3.18 -15.98
C ASN F 84 -10.83 -3.50 -17.20
N ILE F 85 -10.84 -4.76 -17.61
CA ILE F 85 -11.61 -5.12 -18.78
C ILE F 85 -13.08 -4.93 -18.48
N HIS F 86 -13.46 -5.14 -17.23
CA HIS F 86 -14.82 -4.90 -16.83
C HIS F 86 -15.07 -3.40 -16.78
N ALA F 87 -14.22 -2.68 -16.06
CA ALA F 87 -14.34 -1.23 -16.00
C ALA F 87 -14.58 -0.67 -17.39
N LEU F 88 -13.86 -1.19 -18.39
CA LEU F 88 -14.01 -0.71 -19.76
C LEU F 88 -15.33 -1.10 -20.41
N THR F 89 -15.71 -2.37 -20.39
CA THR F 89 -16.91 -2.77 -21.11
C THR F 89 -18.24 -2.53 -20.35
N ALA F 90 -18.15 -2.09 -19.09
CA ALA F 90 -19.31 -1.98 -18.18
C ALA F 90 -20.57 -1.37 -18.79
N GLN F 91 -20.47 -0.10 -19.16
CA GLN F 91 -21.63 0.61 -19.67
C GLN F 91 -21.89 0.27 -21.13
N GLY F 92 -21.92 1.32 -21.96
CA GLY F 92 -22.24 1.25 -23.38
C GLY F 92 -21.94 -0.03 -24.16
N THR F 93 -21.83 0.16 -25.47
CA THR F 93 -21.78 -0.95 -26.38
C THR F 93 -20.38 -1.03 -26.99
N SER F 94 -19.47 -1.72 -26.32
CA SER F 94 -18.16 -1.93 -26.89
C SER F 94 -18.20 -3.13 -27.80
N GLU F 95 -17.65 -3.00 -29.00
CA GLU F 95 -17.55 -4.18 -29.85
C GLU F 95 -16.17 -4.77 -29.74
N LEU F 96 -16.05 -6.06 -30.08
CA LEU F 96 -14.82 -6.80 -29.89
C LEU F 96 -14.21 -7.19 -31.22
N ARG F 97 -12.88 -7.10 -31.29
CA ARG F 97 -12.15 -7.65 -32.41
C ARG F 97 -11.03 -8.52 -31.91
N THR F 98 -10.71 -9.53 -32.72
CA THR F 98 -9.71 -10.55 -32.40
C THR F 98 -8.79 -10.69 -33.61
N ASP F 99 -7.55 -10.21 -33.50
CA ASP F 99 -6.60 -10.26 -34.61
C ASP F 99 -5.58 -11.33 -34.34
N LEU F 100 -5.35 -12.20 -35.31
CA LEU F 100 -4.47 -13.37 -35.17
C LEU F 100 -3.54 -13.42 -36.34
N VAL F 101 -2.24 -13.57 -36.08
CA VAL F 101 -1.25 -13.68 -37.16
C VAL F 101 -0.51 -14.99 -36.94
N ASP F 102 -0.31 -15.78 -38.00
CA ASP F 102 0.38 -17.06 -37.86
C ASP F 102 1.85 -16.89 -38.14
N PHE F 103 2.58 -18.01 -38.12
CA PHE F 103 4.03 -17.92 -38.30
C PHE F 103 4.50 -17.67 -39.70
N GLU F 104 3.59 -17.75 -40.66
CA GLU F 104 3.86 -17.43 -42.08
C GLU F 104 3.26 -16.06 -42.41
N ASP F 105 2.87 -15.32 -41.39
CA ASP F 105 2.35 -13.94 -41.51
C ASP F 105 1.00 -13.78 -42.17
N ASN F 106 0.11 -14.73 -41.96
CA ASN F 106 -1.23 -14.61 -42.51
C ASN F 106 -2.20 -14.09 -41.46
N TYR F 107 -2.81 -12.93 -41.69
CA TYR F 107 -3.75 -12.34 -40.74
C TYR F 107 -5.13 -12.98 -40.84
N GLN F 108 -5.79 -13.13 -39.70
CA GLN F 108 -7.20 -13.52 -39.69
C GLN F 108 -7.83 -12.72 -38.57
N PHE F 109 -9.15 -12.57 -38.57
CA PHE F 109 -9.79 -11.78 -37.52
C PHE F 109 -11.20 -12.21 -37.27
N ALA F 110 -11.80 -11.65 -36.23
CA ALA F 110 -13.21 -11.87 -35.99
C ALA F 110 -13.78 -10.70 -35.23
N LYS F 111 -15.03 -10.36 -35.55
CA LYS F 111 -15.61 -9.13 -35.07
C LYS F 111 -16.99 -9.45 -34.49
N TYR F 112 -17.19 -9.04 -33.24
CA TYR F 112 -18.44 -9.24 -32.52
C TYR F 112 -19.15 -7.93 -32.25
N ARG F 113 -20.48 -7.96 -32.25
CA ARG F 113 -21.31 -6.73 -32.20
C ARG F 113 -21.25 -5.98 -30.86
N SER F 114 -21.03 -6.73 -29.80
CA SER F 114 -20.92 -6.25 -28.43
C SER F 114 -20.12 -7.25 -27.59
N PHE F 115 -19.49 -6.76 -26.53
CA PHE F 115 -18.63 -7.59 -25.70
C PHE F 115 -18.56 -6.95 -24.34
N LYS F 116 -18.90 -7.71 -23.31
CA LYS F 116 -18.96 -7.18 -21.95
C LYS F 116 -18.49 -8.27 -20.98
N VAL F 117 -17.68 -7.92 -19.98
CA VAL F 117 -17.48 -8.88 -18.91
C VAL F 117 -18.02 -8.31 -17.61
N ALA F 118 -18.77 -9.14 -16.89
CA ALA F 118 -19.34 -8.75 -15.61
C ALA F 118 -18.22 -8.55 -14.59
N ASP F 119 -18.57 -8.17 -13.36
CA ASP F 119 -17.56 -7.95 -12.33
C ASP F 119 -17.21 -9.27 -11.63
N GLU F 120 -16.27 -9.19 -10.70
CA GLU F 120 -15.80 -10.36 -9.97
C GLU F 120 -16.93 -11.11 -9.25
N ALA F 121 -17.88 -10.39 -8.70
CA ALA F 121 -19.01 -11.05 -8.06
C ALA F 121 -19.62 -12.08 -9.02
N GLU F 122 -19.81 -11.70 -10.27
CA GLU F 122 -20.31 -12.65 -11.27
C GLU F 122 -19.15 -13.36 -12.00
N LYS F 123 -18.02 -13.52 -11.31
CA LYS F 123 -16.87 -14.21 -11.84
C LYS F 123 -16.60 -13.82 -13.31
N TYR F 124 -16.47 -12.51 -13.54
CA TYR F 124 -16.07 -11.97 -14.84
C TYR F 124 -16.73 -12.71 -16.00
N ASN F 125 -18.03 -12.95 -15.84
CA ASN F 125 -18.86 -13.65 -16.81
C ASN F 125 -18.77 -13.02 -18.19
N LEU F 126 -18.74 -13.84 -19.23
CA LEU F 126 -18.66 -13.34 -20.60
C LEU F 126 -20.05 -13.07 -21.17
N VAL F 127 -20.35 -11.79 -21.42
CA VAL F 127 -21.60 -11.45 -22.08
C VAL F 127 -21.30 -10.96 -23.50
N LEU F 128 -21.47 -11.84 -24.48
CA LEU F 128 -21.01 -11.53 -25.82
C LEU F 128 -22.15 -11.47 -26.80
N GLY F 129 -22.14 -10.44 -27.65
CA GLY F 129 -23.17 -10.25 -28.67
C GLY F 129 -22.86 -11.04 -29.93
N ALA F 130 -23.38 -10.55 -31.06
CA ALA F 130 -23.39 -11.34 -32.29
C ALA F 130 -22.09 -11.33 -33.04
N PHE F 131 -21.80 -12.44 -33.72
CA PHE F 131 -20.72 -12.51 -34.71
C PHE F 131 -21.17 -11.67 -35.94
N VAL F 132 -20.35 -10.69 -36.33
CA VAL F 132 -20.64 -9.93 -37.55
C VAL F 132 -19.90 -10.45 -38.78
N GLU F 133 -18.66 -10.92 -38.60
CA GLU F 133 -17.85 -11.47 -39.70
C GLU F 133 -16.42 -11.84 -39.22
N GLY F 134 -15.64 -12.47 -40.10
CA GLY F 134 -14.24 -12.67 -39.82
C GLY F 134 -13.64 -13.90 -40.48
N SER F 135 -12.43 -13.75 -40.99
CA SER F 135 -11.75 -14.86 -41.66
C SER F 135 -11.33 -15.95 -40.68
N ALA F 136 -11.38 -15.64 -39.38
CA ALA F 136 -11.08 -16.59 -38.31
C ALA F 136 -12.25 -17.54 -38.02
N GLY F 137 -13.46 -17.11 -38.38
CA GLY F 137 -14.65 -17.86 -38.02
C GLY F 137 -15.05 -17.53 -36.59
N ASP F 138 -16.20 -18.05 -36.18
CA ASP F 138 -16.73 -17.76 -34.85
C ASP F 138 -16.41 -18.84 -33.84
N SER F 139 -15.51 -18.51 -32.92
CA SER F 139 -15.06 -19.42 -31.89
C SER F 139 -15.18 -18.73 -30.53
N LEU F 140 -16.22 -17.92 -30.36
CA LEU F 140 -16.44 -17.27 -29.07
C LEU F 140 -17.92 -17.16 -28.63
N THR F 141 -18.87 -17.02 -29.55
CA THR F 141 -20.26 -17.05 -29.06
C THR F 141 -20.41 -18.36 -28.32
N PHE F 142 -19.60 -19.36 -28.70
CA PHE F 142 -19.67 -20.67 -28.08
C PHE F 142 -19.52 -20.54 -26.58
N HIS F 143 -18.69 -19.59 -26.16
CA HIS F 143 -18.40 -19.42 -24.73
C HIS F 143 -19.34 -18.45 -24.00
N ASN F 144 -20.20 -17.76 -24.76
CA ASN F 144 -21.16 -16.82 -24.20
C ASN F 144 -21.84 -17.27 -22.92
N ASN F 145 -21.85 -16.40 -21.92
CA ASN F 145 -22.55 -16.63 -20.65
C ASN F 145 -21.85 -17.63 -19.74
N GLN F 146 -20.53 -17.63 -19.76
CA GLN F 146 -19.78 -18.52 -18.88
C GLN F 146 -18.89 -17.72 -17.94
N SER F 147 -18.82 -18.16 -16.68
CA SER F 147 -17.85 -17.63 -15.74
C SER F 147 -16.47 -17.83 -16.33
N PHE F 148 -15.48 -17.14 -15.78
CA PHE F 148 -14.11 -17.18 -16.28
C PHE F 148 -13.37 -18.08 -15.32
N SER F 149 -12.52 -18.97 -15.83
CA SER F 149 -11.79 -19.87 -14.94
C SER F 149 -10.28 -19.76 -15.01
N THR F 150 -9.62 -19.98 -13.88
CA THR F 150 -8.19 -20.25 -13.88
C THR F 150 -7.87 -21.44 -13.00
N LYS F 151 -6.61 -21.87 -13.05
CA LYS F 151 -6.18 -23.13 -12.42
C LYS F 151 -6.64 -23.24 -10.99
N ASP F 152 -6.49 -22.16 -10.23
CA ASP F 152 -6.84 -22.15 -8.82
C ASP F 152 -8.31 -21.73 -8.55
N GLN F 153 -9.08 -21.49 -9.60
CA GLN F 153 -10.52 -21.28 -9.41
C GLN F 153 -11.39 -21.83 -10.54
N ASP F 154 -11.97 -23.00 -10.30
CA ASP F 154 -12.69 -23.77 -11.29
C ASP F 154 -14.16 -23.37 -11.34
N ASN F 155 -14.55 -22.75 -12.44
CA ASN F 155 -15.95 -22.31 -12.62
C ASN F 155 -16.52 -22.86 -13.93
N ASP F 156 -15.92 -23.94 -14.45
CA ASP F 156 -16.32 -24.49 -15.74
C ASP F 156 -17.39 -25.59 -15.63
N LEU F 157 -17.78 -26.15 -16.76
CA LEU F 157 -18.79 -27.17 -16.80
C LEU F 157 -18.13 -28.53 -17.02
N ASN F 158 -16.90 -28.67 -16.53
CA ASN F 158 -16.22 -29.93 -16.64
C ASN F 158 -15.69 -30.69 -15.42
N THR F 159 -16.25 -31.89 -15.19
CA THR F 159 -16.04 -32.63 -13.94
C THR F 159 -14.57 -32.53 -13.53
N GLY F 160 -13.72 -32.04 -14.42
CA GLY F 160 -12.32 -31.78 -14.11
C GLY F 160 -11.98 -30.31 -14.24
N ASN F 161 -10.70 -29.99 -14.15
CA ASN F 161 -10.24 -28.60 -14.16
C ASN F 161 -9.70 -28.18 -15.53
N CYS F 162 -10.53 -27.54 -16.36
CA CYS F 162 -10.17 -27.16 -17.73
C CYS F 162 -8.88 -26.34 -17.86
N ALA F 163 -8.71 -25.34 -16.99
CA ALA F 163 -7.49 -24.51 -17.02
C ALA F 163 -6.25 -25.39 -16.98
N VAL F 164 -6.30 -26.45 -16.18
CA VAL F 164 -5.16 -27.30 -16.08
C VAL F 164 -5.07 -28.20 -17.32
N MET F 165 -6.19 -28.68 -17.82
CA MET F 165 -6.09 -29.63 -18.93
C MET F 165 -5.63 -28.96 -20.21
N PHE F 166 -5.72 -27.63 -20.24
CA PHE F 166 -5.38 -26.88 -21.45
C PHE F 166 -4.47 -25.69 -21.16
N GLN F 167 -3.83 -25.73 -20.00
CA GLN F 167 -2.88 -24.72 -19.59
C GLN F 167 -3.21 -23.33 -20.10
N GLY F 168 -4.33 -22.78 -19.65
CA GLY F 168 -4.70 -21.42 -20.01
C GLY F 168 -5.59 -20.81 -18.94
N ALA F 169 -6.15 -19.64 -19.23
CA ALA F 169 -7.25 -19.10 -18.43
C ALA F 169 -8.29 -18.56 -19.41
N TRP F 170 -9.57 -18.82 -19.13
CA TRP F 170 -10.61 -18.51 -20.09
C TRP F 170 -11.98 -18.74 -19.49
N TRP F 171 -12.99 -18.21 -20.17
CA TRP F 171 -14.38 -18.50 -19.84
C TRP F 171 -14.67 -19.95 -20.28
N TYR F 172 -13.99 -20.92 -19.69
CA TYR F 172 -14.02 -22.30 -20.19
C TYR F 172 -15.36 -22.94 -19.93
N LYS F 173 -15.77 -23.86 -20.79
CA LYS F 173 -17.04 -24.56 -20.61
C LYS F 173 -16.85 -26.08 -20.39
N ASN F 174 -16.67 -26.83 -21.49
CA ASN F 174 -16.35 -28.25 -21.36
C ASN F 174 -15.67 -28.83 -22.62
N CYS F 175 -14.49 -28.32 -22.97
CA CYS F 175 -13.88 -27.18 -22.30
C CYS F 175 -13.88 -25.92 -23.15
N HIS F 176 -13.38 -26.00 -24.40
CA HIS F 176 -13.23 -24.78 -25.17
C HIS F 176 -13.20 -24.92 -26.69
N THR F 177 -13.48 -23.83 -27.37
CA THR F 177 -13.31 -23.78 -28.81
C THR F 177 -12.16 -22.84 -29.19
N SER F 178 -11.85 -21.88 -28.29
CA SER F 178 -10.76 -20.91 -28.43
C SER F 178 -10.00 -20.86 -27.11
N ASN F 179 -8.70 -20.60 -27.16
CA ASN F 179 -7.87 -20.72 -25.97
C ASN F 179 -6.74 -19.72 -26.05
N LEU F 180 -7.10 -18.47 -26.29
CA LEU F 180 -6.12 -17.46 -26.65
C LEU F 180 -5.11 -17.15 -25.56
N ASN F 181 -5.40 -17.58 -24.33
CA ASN F 181 -4.43 -17.43 -23.24
C ASN F 181 -3.63 -18.72 -22.99
N GLY F 182 -3.61 -19.62 -23.94
CA GLY F 182 -2.88 -20.89 -23.81
C GLY F 182 -1.37 -20.73 -23.99
N ARG F 183 -0.65 -21.85 -24.06
CA ARG F 183 0.79 -21.78 -24.10
C ARG F 183 1.30 -21.36 -25.48
N TYR F 184 2.37 -20.55 -25.48
CA TYR F 184 2.94 -20.11 -26.72
C TYR F 184 3.73 -21.24 -27.40
N LEU F 185 3.03 -22.13 -28.11
CA LEU F 185 3.66 -23.33 -28.68
C LEU F 185 4.35 -23.19 -30.06
N ARG F 186 4.20 -22.05 -30.72
N ARG F 186 4.18 -22.04 -30.72
CA ARG F 186 4.96 -21.79 -31.96
CA ARG F 186 4.93 -21.74 -31.95
C ARG F 186 4.54 -22.61 -33.18
C ARG F 186 4.56 -22.54 -33.21
N GLY F 187 3.30 -22.48 -33.62
CA GLY F 187 2.87 -23.18 -34.82
C GLY F 187 2.22 -24.52 -34.52
N THR F 188 2.56 -25.54 -35.32
CA THR F 188 1.93 -26.84 -35.18
C THR F 188 2.50 -27.56 -33.95
N HIS F 189 1.59 -28.09 -33.13
CA HIS F 189 1.98 -28.85 -31.96
C HIS F 189 1.19 -30.14 -31.84
N GLY F 190 1.85 -31.19 -31.36
CA GLY F 190 1.19 -32.47 -31.13
C GLY F 190 0.14 -32.38 -30.04
N SER F 191 0.52 -31.85 -28.88
CA SER F 191 -0.39 -31.70 -27.74
C SER F 191 -1.73 -31.13 -28.16
N PHE F 192 -2.79 -31.57 -27.48
CA PHE F 192 -4.15 -31.23 -27.89
C PHE F 192 -4.72 -29.97 -27.26
N ALA F 193 -4.97 -28.98 -28.11
CA ALA F 193 -5.78 -27.81 -27.73
C ALA F 193 -5.28 -27.01 -26.52
N ASN F 194 -3.99 -27.12 -26.21
CA ASN F 194 -3.40 -26.32 -25.14
C ASN F 194 -2.52 -25.18 -25.63
N GLY F 195 -2.73 -24.75 -26.87
CA GLY F 195 -1.97 -23.63 -27.41
C GLY F 195 -2.82 -22.37 -27.55
N ILE F 196 -2.26 -21.35 -28.18
CA ILE F 196 -3.03 -20.18 -28.58
C ILE F 196 -3.87 -20.62 -29.77
N ASN F 197 -5.02 -21.24 -29.48
CA ASN F 197 -5.81 -21.90 -30.50
C ASN F 197 -7.17 -21.24 -30.74
N TRP F 198 -7.59 -21.26 -32.00
CA TRP F 198 -8.90 -20.78 -32.43
C TRP F 198 -9.42 -21.86 -33.36
N LYS F 199 -10.45 -22.58 -32.93
CA LYS F 199 -10.86 -23.81 -33.61
C LYS F 199 -11.26 -23.63 -35.07
N SER F 200 -12.07 -22.62 -35.36
CA SER F 200 -12.48 -22.38 -36.74
C SER F 200 -11.38 -21.67 -37.55
N GLY F 201 -10.33 -21.25 -36.86
CA GLY F 201 -9.15 -20.64 -37.49
C GLY F 201 -8.17 -21.69 -37.94
N LYS F 202 -7.05 -21.84 -37.25
CA LYS F 202 -6.04 -22.79 -37.66
C LYS F 202 -6.17 -24.13 -36.91
N GLY F 203 -7.21 -24.30 -36.11
CA GLY F 203 -7.50 -25.59 -35.47
C GLY F 203 -7.01 -25.78 -34.04
N TYR F 204 -7.12 -27.02 -33.55
CA TYR F 204 -6.74 -27.35 -32.17
C TYR F 204 -5.25 -27.69 -32.00
N ASN F 205 -4.52 -27.67 -33.10
CA ASN F 205 -3.13 -28.12 -33.09
C ASN F 205 -2.21 -27.12 -33.73
N TYR F 206 -2.63 -25.86 -33.73
CA TYR F 206 -1.81 -24.77 -34.25
C TYR F 206 -1.86 -23.55 -33.34
N SER F 207 -0.69 -23.06 -32.95
CA SER F 207 -0.63 -21.96 -31.99
C SER F 207 -0.12 -20.70 -32.66
N TYR F 208 -1.00 -19.72 -32.79
CA TYR F 208 -0.71 -18.50 -33.55
C TYR F 208 0.56 -17.79 -33.10
N LYS F 209 1.20 -17.06 -34.01
CA LYS F 209 2.37 -16.25 -33.66
C LYS F 209 1.98 -14.97 -32.96
N VAL F 210 0.85 -14.39 -33.37
CA VAL F 210 0.39 -13.14 -32.75
C VAL F 210 -1.09 -13.22 -32.48
N SER F 211 -1.51 -12.63 -31.36
CA SER F 211 -2.92 -12.59 -31.01
C SER F 211 -3.25 -11.31 -30.27
N GLU F 212 -4.32 -10.63 -30.68
CA GLU F 212 -4.74 -9.42 -29.97
C GLU F 212 -6.24 -9.35 -29.80
N MET F 213 -6.68 -9.00 -28.59
CA MET F 213 -8.09 -8.84 -28.33
C MET F 213 -8.31 -7.39 -27.93
N LYS F 214 -9.26 -6.71 -28.58
CA LYS F 214 -9.35 -5.27 -28.48
C LYS F 214 -10.80 -4.75 -28.62
N VAL F 215 -11.10 -3.63 -27.96
CA VAL F 215 -12.45 -3.09 -27.95
C VAL F 215 -12.56 -1.65 -28.46
N ARG F 216 -13.74 -1.30 -28.97
CA ARG F 216 -14.00 0.06 -29.43
C ARG F 216 -15.49 0.38 -29.27
N PRO F 217 -15.83 1.61 -28.88
CA PRO F 217 -17.26 2.00 -28.86
C PRO F 217 -17.97 1.70 -30.18
N ALA F 218 -19.15 1.07 -30.13
CA ALA F 218 -19.94 0.76 -31.34
C ALA F 218 -20.48 2.01 -32.00
C1 NAG G . 28.76 -4.38 18.69
C2 NAG G . 29.40 -4.63 17.33
C3 NAG G . 30.80 -5.24 17.48
C4 NAG G . 31.69 -4.51 18.45
C5 NAG G . 30.84 -4.39 19.69
C6 NAG G . 31.60 -3.82 20.88
C7 NAG G . 28.09 -5.14 15.35
C8 NAG G . 27.34 -6.13 14.49
N2 NAG G . 28.59 -5.53 16.52
O3 NAG G . 31.38 -5.27 16.21
O4 NAG G . 32.81 -5.32 18.76
O5 NAG G . 29.71 -3.62 19.39
O6 NAG G . 30.70 -3.52 21.94
O7 NAG G . 28.23 -4.00 14.97
C1 NAG G . 34.08 -4.91 18.19
C2 NAG G . 35.23 -5.62 18.91
C3 NAG G . 36.58 -5.26 18.28
C4 NAG G . 36.58 -5.45 16.75
C5 NAG G . 35.36 -4.74 16.17
C6 NAG G . 35.20 -5.08 14.69
C7 NAG G . 35.14 -5.98 21.37
C8 NAG G . 34.86 -5.29 22.68
N2 NAG G . 35.20 -5.19 20.29
O3 NAG G . 37.58 -6.08 18.84
O4 NAG G . 37.75 -4.94 16.12
O5 NAG G . 34.17 -5.15 16.79
O6 NAG G . 34.09 -4.37 14.19
O7 NAG G . 35.32 -7.20 21.36
C1 MAN G . 38.79 -5.93 15.91
C2 MAN G . 39.42 -5.82 14.52
C3 MAN G . 40.62 -6.77 14.37
C4 MAN G . 40.99 -7.55 15.64
C5 MAN G . 40.64 -6.87 16.98
C6 MAN G . 41.87 -6.47 17.82
O2 MAN G . 39.90 -4.53 14.24
O3 MAN G . 41.73 -6.03 13.92
O4 MAN G . 40.37 -8.83 15.57
O5 MAN G . 39.84 -5.72 16.81
O6 MAN G . 42.32 -7.50 18.70
C1 MAN G . 41.48 -7.68 19.89
C2 MAN G . 40.30 -8.66 19.65
C3 MAN G . 39.11 -8.31 20.54
C4 MAN G . 39.65 -7.94 21.92
C5 MAN G . 40.46 -6.63 21.81
C6 MAN G . 41.55 -6.53 22.88
O2 MAN G . 40.73 -9.97 19.92
O3 MAN G . 38.15 -9.35 20.63
O4 MAN G . 38.60 -7.84 22.85
O5 MAN G . 41.04 -6.47 20.52
O6 MAN G . 42.19 -5.27 22.77
C1 FUC G . 30.76 -4.47 23.03
C2 FUC G . 30.24 -3.82 24.32
C3 FUC G . 28.73 -3.58 24.33
C4 FUC G . 28.04 -4.88 23.90
C5 FUC G . 28.66 -5.34 22.56
C6 FUC G . 27.91 -6.46 21.84
O2 FUC G . 30.83 -2.56 24.45
O3 FUC G . 28.30 -3.23 25.63
O4 FUC G . 28.17 -5.83 24.94
O5 FUC G . 30.03 -5.65 22.75
C1 NAG H . 12.66 22.26 -59.00
C2 NAG H . 13.85 23.15 -59.36
C3 NAG H . 13.53 24.13 -60.49
C4 NAG H . 12.70 23.54 -61.61
C5 NAG H . 11.63 22.67 -61.00
C6 NAG H . 10.78 21.98 -62.04
C7 NAG H . 15.53 23.86 -57.74
C8 NAG H . 15.87 24.69 -56.53
N2 NAG H . 14.28 23.95 -58.23
O3 NAG H . 14.73 24.60 -61.04
O4 NAG H . 12.07 24.63 -62.26
O5 NAG H . 12.22 21.70 -60.19
O6 NAG H . 10.09 20.96 -61.34
O7 NAG H . 16.37 23.10 -58.23
C1 NAG H . 12.67 24.94 -63.55
C2 NAG H . 11.64 25.58 -64.49
C3 NAG H . 12.26 26.18 -65.76
C4 NAG H . 13.69 26.70 -65.65
C5 NAG H . 14.50 25.98 -64.57
C6 NAG H . 15.76 26.78 -64.22
C7 NAG H . 9.29 24.81 -64.49
C8 NAG H . 8.34 23.68 -64.82
N2 NAG H . 10.58 24.66 -64.86
O3 NAG H . 11.43 27.25 -66.16
O4 NAG H . 14.36 26.47 -66.89
O5 NAG H . 13.76 25.82 -63.40
O6 NAG H . 16.74 25.86 -63.77
O7 NAG H . 8.87 25.81 -63.90
C1 MAN H . 14.53 27.60 -67.78
C2 MAN H . 13.37 28.60 -67.86
C3 MAN H . 13.57 29.46 -69.09
C4 MAN H . 14.94 30.13 -68.95
C5 MAN H . 16.02 29.07 -68.77
C6 MAN H . 17.44 29.63 -68.70
O2 MAN H . 13.37 29.48 -66.75
O3 MAN H . 12.53 30.42 -69.12
O4 MAN H . 15.18 30.99 -70.05
O5 MAN H . 15.74 28.32 -67.60
O6 MAN H . 17.97 29.69 -70.00
C1 FUC H . 8.71 21.33 -61.08
C2 FUC H . 7.84 20.10 -61.33
C3 FUC H . 8.43 19.05 -60.44
C4 FUC H . 7.74 19.43 -59.16
C5 FUC H . 8.26 20.83 -58.72
C6 FUC H . 7.44 21.40 -57.55
O2 FUC H . 7.75 19.76 -62.69
O3 FUC H . 8.03 17.75 -60.78
O4 FUC H . 6.35 19.40 -59.46
O5 FUC H . 8.44 21.81 -59.76
CA CA I . -22.73 8.70 -8.47
C1 BM3 J . 9.62 3.41 42.18
O1 BM3 J . 8.77 3.76 43.29
C2 BM3 J . 10.33 2.15 42.05
N2 BM3 J . 11.05 1.73 40.92
C7 BM3 J . 10.75 0.69 40.10
O7 BM3 J . 11.14 -0.47 40.28
C8 BM3 J . 9.92 0.94 38.88
C3 BM3 J . 11.00 2.07 43.42
O3 BM3 J . 11.87 0.93 43.62
C4 BM3 J . 11.90 3.40 43.46
O4 BM3 J . 12.71 3.54 44.65
C5 BM3 J . 11.18 4.76 43.06
C6 BM3 J . 12.31 5.81 42.80
O6 BM3 J . 12.14 6.96 44.10
O5 BM3 J . 10.44 4.49 41.79
CA CA K . 27.92 4.43 31.97
C1 BM3 L . -33.58 3.94 36.41
O1 BM3 L . -33.84 3.19 35.24
C2 BM3 L . -32.97 3.51 37.69
N2 BM3 L . -32.31 4.50 38.57
C7 BM3 L . -30.96 4.77 38.80
O7 BM3 L . -30.21 4.11 39.55
C8 BM3 L . -30.42 6.03 38.15
C3 BM3 L . -33.64 2.20 38.01
O3 BM3 L . -32.95 1.43 39.03
C4 BM3 L . -35.05 2.70 38.38
O4 BM3 L . -35.87 1.51 38.57
C5 BM3 L . -35.64 3.57 37.21
C6 BM3 L . -36.99 4.14 37.65
O6 BM3 L . -38.25 2.92 37.42
O5 BM3 L . -34.75 4.64 36.79
CA CA M . -32.28 8.64 58.19
CA CA N . 46.43 1.32 -14.66
C1 BM3 O . -6.99 0.39 -47.00
O1 BM3 O . -7.72 -0.03 -45.79
C2 BM3 O . -6.37 1.65 -47.17
N2 BM3 O . -5.10 1.82 -47.91
C7 BM3 O . -3.83 2.07 -47.41
O7 BM3 O . -3.39 3.19 -47.07
C8 BM3 O . -2.99 0.82 -47.36
C3 BM3 O . -7.43 2.71 -47.14
O3 BM3 O . -6.95 4.07 -47.12
C4 BM3 O . -8.19 2.37 -48.46
O4 BM3 O . -9.42 3.10 -48.68
C5 BM3 O . -8.59 0.85 -48.54
C6 BM3 O . -9.08 0.56 -49.99
O6 BM3 O . -10.40 -0.04 -49.76
O5 BM3 O . -7.46 -0.04 -48.23
CA CA P . 4.34 9.09 -62.91
C1 BM3 Q . 3.26 -15.06 -8.37
O1 BM3 Q . 3.26 -13.53 -8.23
C2 BM3 Q . 2.04 -15.92 -8.33
N2 BM3 Q . 1.82 -17.10 -9.24
C7 BM3 Q . 1.30 -17.24 -10.57
O7 BM3 Q . 0.27 -17.86 -10.73
C8 BM3 Q . 2.15 -16.75 -11.72
C3 BM3 Q . 1.61 -15.99 -6.91
O3 BM3 Q . 0.52 -16.89 -6.83
C4 BM3 Q . 2.84 -16.57 -6.14
O4 BM3 Q . 2.62 -16.73 -4.72
C5 BM3 Q . 4.16 -15.77 -6.41
C6 BM3 Q . 5.41 -16.49 -5.87
O6 BM3 Q . 5.95 -15.84 -4.27
O5 BM3 Q . 4.40 -15.65 -7.81
C1 MAN R . -15.37 -30.76 -27.18
C2 MAN R . -14.97 -30.86 -28.60
C3 MAN R . -13.77 -31.84 -28.80
C4 MAN R . -12.61 -31.44 -27.86
C5 MAN R . -13.11 -31.29 -26.47
C6 MAN R . -12.12 -30.74 -25.45
O2 MAN R . -14.65 -29.55 -29.10
O3 MAN R . -13.30 -31.87 -30.14
O4 MAN R . -11.57 -32.40 -27.87
O5 MAN R . -14.24 -30.39 -26.35
O6 MAN R . -11.50 -29.51 -25.78
CA CA S . -14.87 -28.90 -12.64
#